data_3VQG
# 
_entry.id   3VQG 
# 
_audit_conform.dict_name       mmcif_pdbx.dic 
_audit_conform.dict_version    5.381 
_audit_conform.dict_location   http://mmcif.pdb.org/dictionaries/ascii/mmcif_pdbx.dic 
# 
loop_
_database_2.database_id 
_database_2.database_code 
_database_2.pdbx_database_accession 
_database_2.pdbx_DOI 
PDB   3VQG         pdb_00003vqg 10.2210/pdb3vqg/pdb 
RCSB  RCSB095372   ?            ?                   
WWPDB D_1000095372 ?            ?                   
# 
_pdbx_database_related.db_name        PDB 
_pdbx_database_related.db_id          3VQF 
_pdbx_database_related.details        'Apo form of the same protein.' 
_pdbx_database_related.content_type   unspecified 
# 
_pdbx_database_status.status_code                     REL 
_pdbx_database_status.entry_id                        3VQG 
_pdbx_database_status.recvd_initial_deposition_date   2012-03-23 
_pdbx_database_status.deposit_site                    PDBJ 
_pdbx_database_status.process_site                    PDBJ 
_pdbx_database_status.methods_development_category    ? 
_pdbx_database_status.status_code_sf                  REL 
_pdbx_database_status.status_code_mr                  ? 
_pdbx_database_status.SG_entry                        ? 
_pdbx_database_status.status_code_cs                  ? 
_pdbx_database_status.pdb_format_compatible           Y 
_pdbx_database_status.status_code_nmr_data            ? 
# 
loop_
_audit_author.name 
_audit_author.pdbx_ordinal 
'Akiyoshi, Y.' 1 
'Hamada, D.'   2 
'Goda, N.'     3 
'Tenno, T.'    4 
'Narita, H.'   5 
'Nakagawa, A.' 6 
'Furuse, M.'   7 
'Suzuki, M.'   8 
'Hiroaki, H.'  9 
# 
_citation.id                        primary 
_citation.title                     
'Structural basis for down regulation of tight junction by PDZ-domain containing E3-Ubiquitin ligase' 
_citation.journal_abbrev            'To be Published' 
_citation.journal_volume            ? 
_citation.page_first                ? 
_citation.page_last                 ? 
_citation.year                      ? 
_citation.journal_id_ASTM           ? 
_citation.country                   ? 
_citation.journal_id_ISSN           ? 
_citation.journal_id_CSD            0353 
_citation.book_publisher            ? 
_citation.pdbx_database_id_PubMed   ? 
_citation.pdbx_database_id_DOI      ? 
# 
loop_
_citation_author.citation_id 
_citation_author.name 
_citation_author.ordinal 
_citation_author.identifier_ORCID 
primary 'Akiyoshi, Y.' 1  ? 
primary 'Nakakura, Y.' 2  ? 
primary 'Hamada, D.'   3  ? 
primary 'Goda, N.'     4  ? 
primary 'Tenno, T.'    5  ? 
primary 'Narita, H.'   6  ? 
primary 'Nakagawa, A.' 7  ? 
primary 'Furuse, M.'   8  ? 
primary 'Suzuki, M.'   9  ? 
primary 'Hiroaki, H.'  10 ? 
# 
_cell.entry_id           3VQG 
_cell.length_a           60.852 
_cell.length_b           50.768 
_cell.length_c           33.136 
_cell.angle_alpha        90.00 
_cell.angle_beta         120.08 
_cell.angle_gamma        90.00 
_cell.Z_PDB              4 
_cell.pdbx_unique_axis   ? 
_cell.length_a_esd       ? 
_cell.length_b_esd       ? 
_cell.length_c_esd       ? 
_cell.angle_alpha_esd    ? 
_cell.angle_beta_esd     ? 
_cell.angle_gamma_esd    ? 
# 
_symmetry.entry_id                         3VQG 
_symmetry.space_group_name_H-M             'C 1 2 1' 
_symmetry.pdbx_full_space_group_name_H-M   ? 
_symmetry.cell_setting                     ? 
_symmetry.Int_Tables_number                5 
_symmetry.space_group_name_Hall            ? 
# 
loop_
_entity.id 
_entity.type 
_entity.src_method 
_entity.pdbx_description 
_entity.formula_weight 
_entity.pdbx_number_of_molecules 
_entity.pdbx_ec 
_entity.pdbx_mutation 
_entity.pdbx_fragment 
_entity.details 
1 polymer     man 'E3 ubiquitin-protein ligase LNX'                             10386.552 1   ? ? 'second PDZ domain' ? 
2 polymer     syn 'C-terminal peptide from Immunoglobulin superfamily member 5' 1093.319  1   ? ? ?                   ? 
3 non-polymer syn 'SULFATE ION'                                                 96.063    1   ? ? ?                   ? 
4 water       nat water                                                         18.015    117 ? ? ?                   ? 
# 
_entity_name_com.entity_id   2 
_entity_name_com.name        JAM-4 
# 
loop_
_entity_poly.entity_id 
_entity_poly.type 
_entity_poly.nstd_linkage 
_entity_poly.nstd_monomer 
_entity_poly.pdbx_seq_one_letter_code 
_entity_poly.pdbx_seq_one_letter_code_can 
_entity_poly.pdbx_strand_id 
_entity_poly.pdbx_target_identifier 
1 'polypeptide(L)' no no 
;GPLGSDHDDSFHVILNKSSPEEQLGIKLVRRVDEPGVFIFNVLNGGVADRHGQLEENDRVLAINGHDLRFGSPESAAHLI
QASERRVHLVVSRQ
;
;GPLGSDHDDSFHVILNKSSPEEQLGIKLVRRVDEPGVFIFNVLNGGVADRHGQLEENDRVLAINGHDLRFGSPESAAHLI
QASERRVHLVVSRQ
;
A ? 
2 'polypeptide(L)' no no YKVRNVTLV                                                                                         
YKVRNVTLV                                                                                         B ? 
# 
loop_
_entity_poly_seq.entity_id 
_entity_poly_seq.num 
_entity_poly_seq.mon_id 
_entity_poly_seq.hetero 
1 1  GLY n 
1 2  PRO n 
1 3  LEU n 
1 4  GLY n 
1 5  SER n 
1 6  ASP n 
1 7  HIS n 
1 8  ASP n 
1 9  ASP n 
1 10 SER n 
1 11 PHE n 
1 12 HIS n 
1 13 VAL n 
1 14 ILE n 
1 15 LEU n 
1 16 ASN n 
1 17 LYS n 
1 18 SER n 
1 19 SER n 
1 20 PRO n 
1 21 GLU n 
1 22 GLU n 
1 23 GLN n 
1 24 LEU n 
1 25 GLY n 
1 26 ILE n 
1 27 LYS n 
1 28 LEU n 
1 29 VAL n 
1 30 ARG n 
1 31 ARG n 
1 32 VAL n 
1 33 ASP n 
1 34 GLU n 
1 35 PRO n 
1 36 GLY n 
1 37 VAL n 
1 38 PHE n 
1 39 ILE n 
1 40 PHE n 
1 41 ASN n 
1 42 VAL n 
1 43 LEU n 
1 44 ASN n 
1 45 GLY n 
1 46 GLY n 
1 47 VAL n 
1 48 ALA n 
1 49 ASP n 
1 50 ARG n 
1 51 HIS n 
1 52 GLY n 
1 53 GLN n 
1 54 LEU n 
1 55 GLU n 
1 56 GLU n 
1 57 ASN n 
1 58 ASP n 
1 59 ARG n 
1 60 VAL n 
1 61 LEU n 
1 62 ALA n 
1 63 ILE n 
1 64 ASN n 
1 65 GLY n 
1 66 HIS n 
1 67 ASP n 
1 68 LEU n 
1 69 ARG n 
1 70 PHE n 
1 71 GLY n 
1 72 SER n 
1 73 PRO n 
1 74 GLU n 
1 75 SER n 
1 76 ALA n 
1 77 ALA n 
1 78 HIS n 
1 79 LEU n 
1 80 ILE n 
1 81 GLN n 
1 82 ALA n 
1 83 SER n 
1 84 GLU n 
1 85 ARG n 
1 86 ARG n 
1 87 VAL n 
1 88 HIS n 
1 89 LEU n 
1 90 VAL n 
1 91 VAL n 
1 92 SER n 
1 93 ARG n 
1 94 GLN n 
2 1  TYR n 
2 2  LYS n 
2 3  VAL n 
2 4  ARG n 
2 5  ASN n 
2 6  VAL n 
2 7  THR n 
2 8  LEU n 
2 9  VAL n 
# 
_entity_src_gen.entity_id                          1 
_entity_src_gen.pdbx_src_id                        1 
_entity_src_gen.pdbx_alt_source_flag               sample 
_entity_src_gen.pdbx_seq_type                      ? 
_entity_src_gen.pdbx_beg_seq_num                   ? 
_entity_src_gen.pdbx_end_seq_num                   ? 
_entity_src_gen.gene_src_common_name               mouse 
_entity_src_gen.gene_src_genus                     ? 
_entity_src_gen.pdbx_gene_src_gene                 Lnx1 
_entity_src_gen.gene_src_species                   ? 
_entity_src_gen.gene_src_strain                    ? 
_entity_src_gen.gene_src_tissue                    ? 
_entity_src_gen.gene_src_tissue_fraction           ? 
_entity_src_gen.gene_src_details                   ? 
_entity_src_gen.pdbx_gene_src_fragment             ? 
_entity_src_gen.pdbx_gene_src_scientific_name      'Mus musculus' 
_entity_src_gen.pdbx_gene_src_ncbi_taxonomy_id     10090 
_entity_src_gen.pdbx_gene_src_variant              ? 
_entity_src_gen.pdbx_gene_src_cell_line            ? 
_entity_src_gen.pdbx_gene_src_atcc                 ? 
_entity_src_gen.pdbx_gene_src_organ                ? 
_entity_src_gen.pdbx_gene_src_organelle            ? 
_entity_src_gen.pdbx_gene_src_cell                 ? 
_entity_src_gen.pdbx_gene_src_cellular_location    ? 
_entity_src_gen.host_org_common_name               ? 
_entity_src_gen.pdbx_host_org_scientific_name      'Escherichia coli' 
_entity_src_gen.pdbx_host_org_ncbi_taxonomy_id     562 
_entity_src_gen.host_org_genus                     ? 
_entity_src_gen.pdbx_host_org_gene                 ? 
_entity_src_gen.pdbx_host_org_organ                ? 
_entity_src_gen.host_org_species                   ? 
_entity_src_gen.pdbx_host_org_tissue               ? 
_entity_src_gen.pdbx_host_org_tissue_fraction      ? 
_entity_src_gen.pdbx_host_org_strain               'BL21(DE3)' 
_entity_src_gen.pdbx_host_org_variant              ? 
_entity_src_gen.pdbx_host_org_cell_line            ? 
_entity_src_gen.pdbx_host_org_atcc                 ? 
_entity_src_gen.pdbx_host_org_culture_collection   ? 
_entity_src_gen.pdbx_host_org_cell                 ? 
_entity_src_gen.pdbx_host_org_organelle            ? 
_entity_src_gen.pdbx_host_org_cellular_location    ? 
_entity_src_gen.pdbx_host_org_vector_type          PLASMID 
_entity_src_gen.pdbx_host_org_vector               ? 
_entity_src_gen.host_org_details                   ? 
_entity_src_gen.expression_system_id               ? 
_entity_src_gen.plasmid_name                       pGEX-6P3-PRESAT 
_entity_src_gen.plasmid_details                    ? 
_entity_src_gen.pdbx_description                   ? 
# 
_pdbx_entity_src_syn.entity_id              2 
_pdbx_entity_src_syn.pdbx_src_id            1 
_pdbx_entity_src_syn.pdbx_alt_source_flag   sample 
_pdbx_entity_src_syn.pdbx_beg_seq_num       ? 
_pdbx_entity_src_syn.pdbx_end_seq_num       ? 
_pdbx_entity_src_syn.organism_scientific    'Mus musculus' 
_pdbx_entity_src_syn.organism_common_name   mouse 
_pdbx_entity_src_syn.ncbi_taxonomy_id       10090 
_pdbx_entity_src_syn.details                'This sequence occurs naturally in Mus musculus' 
# 
loop_
_struct_ref.id 
_struct_ref.db_name 
_struct_ref.db_code 
_struct_ref.pdbx_db_accession 
_struct_ref.entity_id 
_struct_ref.pdbx_seq_one_letter_code 
_struct_ref.pdbx_align_begin 
_struct_ref.pdbx_db_isoform 
1 UNP LNX1_MOUSE  O70263 1 
;DDSFHVILNKSSPEEQLGIKLVRRVDEPGVFIFNVLNGGVADRHGQLEENDRVLAINGHDLRFGSPESAAHLIQASERRV
HLVVSRQ
;
381 ? 
2 UNP IGSF5_MOUSE Q7TSN7 2 KVRNVTLV                                                                                   363 ? 
# 
loop_
_struct_ref_seq.align_id 
_struct_ref_seq.ref_id 
_struct_ref_seq.pdbx_PDB_id_code 
_struct_ref_seq.pdbx_strand_id 
_struct_ref_seq.seq_align_beg 
_struct_ref_seq.pdbx_seq_align_beg_ins_code 
_struct_ref_seq.seq_align_end 
_struct_ref_seq.pdbx_seq_align_end_ins_code 
_struct_ref_seq.pdbx_db_accession 
_struct_ref_seq.db_align_beg 
_struct_ref_seq.pdbx_db_align_beg_ins_code 
_struct_ref_seq.db_align_end 
_struct_ref_seq.pdbx_db_align_end_ins_code 
_struct_ref_seq.pdbx_auth_seq_align_beg 
_struct_ref_seq.pdbx_auth_seq_align_end 
1 1 3VQG A 8 ? 94 ? O70263 381 ? 467 ? 1  87  
2 2 3VQG B 2 ? 9  ? Q7TSN7 363 ? 370 ? 98 105 
# 
loop_
_struct_ref_seq_dif.align_id 
_struct_ref_seq_dif.pdbx_pdb_id_code 
_struct_ref_seq_dif.mon_id 
_struct_ref_seq_dif.pdbx_pdb_strand_id 
_struct_ref_seq_dif.seq_num 
_struct_ref_seq_dif.pdbx_pdb_ins_code 
_struct_ref_seq_dif.pdbx_seq_db_name 
_struct_ref_seq_dif.pdbx_seq_db_accession_code 
_struct_ref_seq_dif.db_mon_id 
_struct_ref_seq_dif.pdbx_seq_db_seq_num 
_struct_ref_seq_dif.details 
_struct_ref_seq_dif.pdbx_auth_seq_num 
_struct_ref_seq_dif.pdbx_ordinal 
1 3VQG GLY A 1 ? UNP O70263 ? ? 'expression tag' -6 1 
1 3VQG PRO A 2 ? UNP O70263 ? ? 'expression tag' -5 2 
1 3VQG LEU A 3 ? UNP O70263 ? ? 'expression tag' -4 3 
1 3VQG GLY A 4 ? UNP O70263 ? ? 'expression tag' -3 4 
1 3VQG SER A 5 ? UNP O70263 ? ? 'expression tag' -2 5 
1 3VQG ASP A 6 ? UNP O70263 ? ? 'expression tag' -1 6 
1 3VQG HIS A 7 ? UNP O70263 ? ? 'expression tag' 0  7 
2 3VQG TYR B 1 ? UNP Q7TSN7 ? ? 'expression tag' 97 8 
# 
loop_
_chem_comp.id 
_chem_comp.type 
_chem_comp.mon_nstd_flag 
_chem_comp.name 
_chem_comp.pdbx_synonyms 
_chem_comp.formula 
_chem_comp.formula_weight 
ALA 'L-peptide linking' y ALANINE         ? 'C3 H7 N O2'     89.093  
ARG 'L-peptide linking' y ARGININE        ? 'C6 H15 N4 O2 1' 175.209 
ASN 'L-peptide linking' y ASPARAGINE      ? 'C4 H8 N2 O3'    132.118 
ASP 'L-peptide linking' y 'ASPARTIC ACID' ? 'C4 H7 N O4'     133.103 
GLN 'L-peptide linking' y GLUTAMINE       ? 'C5 H10 N2 O3'   146.144 
GLU 'L-peptide linking' y 'GLUTAMIC ACID' ? 'C5 H9 N O4'     147.129 
GLY 'peptide linking'   y GLYCINE         ? 'C2 H5 N O2'     75.067  
HIS 'L-peptide linking' y HISTIDINE       ? 'C6 H10 N3 O2 1' 156.162 
HOH non-polymer         . WATER           ? 'H2 O'           18.015  
ILE 'L-peptide linking' y ISOLEUCINE      ? 'C6 H13 N O2'    131.173 
LEU 'L-peptide linking' y LEUCINE         ? 'C6 H13 N O2'    131.173 
LYS 'L-peptide linking' y LYSINE          ? 'C6 H15 N2 O2 1' 147.195 
PHE 'L-peptide linking' y PHENYLALANINE   ? 'C9 H11 N O2'    165.189 
PRO 'L-peptide linking' y PROLINE         ? 'C5 H9 N O2'     115.130 
SER 'L-peptide linking' y SERINE          ? 'C3 H7 N O3'     105.093 
SO4 non-polymer         . 'SULFATE ION'   ? 'O4 S -2'        96.063  
THR 'L-peptide linking' y THREONINE       ? 'C4 H9 N O3'     119.119 
TYR 'L-peptide linking' y TYROSINE        ? 'C9 H11 N O3'    181.189 
VAL 'L-peptide linking' y VALINE          ? 'C5 H11 N O2'    117.146 
# 
_exptl.entry_id          3VQG 
_exptl.method            'X-RAY DIFFRACTION' 
_exptl.crystals_number   1 
# 
_exptl_crystal.id                    1 
_exptl_crystal.density_meas          ? 
_exptl_crystal.density_Matthews      1.93 
_exptl_crystal.density_percent_sol   36.24 
_exptl_crystal.description           ? 
_exptl_crystal.F_000                 ? 
_exptl_crystal.preparation           ? 
# 
_exptl_crystal_grow.crystal_id      1 
_exptl_crystal_grow.method          'VAPOR DIFFUSION, SITTING DROP' 
_exptl_crystal_grow.temp            277 
_exptl_crystal_grow.temp_details    ? 
_exptl_crystal_grow.pH              6.5 
_exptl_crystal_grow.pdbx_details    
;30% polyethlene glycol monomethyl ether 5000, 0.2M ammonium sulfate, 0.1M MES, pH 6.5, VAPOR DIFFUSION, SITTING DROP, temperature 277K
;
_exptl_crystal_grow.pdbx_pH_range   . 
# 
_diffrn.id                     1 
_diffrn.ambient_temp           100 
_diffrn.ambient_temp_details   ? 
_diffrn.crystal_id             1 
# 
_diffrn_detector.diffrn_id              1 
_diffrn_detector.detector               CCD 
_diffrn_detector.type                   'ADSC QUANTUM 270' 
_diffrn_detector.pdbx_collection_date   2011-03-13 
_diffrn_detector.details                ? 
# 
_diffrn_radiation.diffrn_id                        1 
_diffrn_radiation.wavelength_id                    1 
_diffrn_radiation.pdbx_monochromatic_or_laue_m_l   M 
_diffrn_radiation.monochromator                    'Si 111 CHANNEL' 
_diffrn_radiation.pdbx_diffrn_protocol             'SINGLE WAVELENGTH' 
_diffrn_radiation.pdbx_scattering_type             x-ray 
# 
_diffrn_radiation_wavelength.id           1 
_diffrn_radiation_wavelength.wavelength   1.0 
_diffrn_radiation_wavelength.wt           1.0 
# 
_diffrn_source.diffrn_id                   1 
_diffrn_source.source                      SYNCHROTRON 
_diffrn_source.type                        'PHOTON FACTORY BEAMLINE BL-1A' 
_diffrn_source.pdbx_synchrotron_site       'Photon Factory' 
_diffrn_source.pdbx_synchrotron_beamline   BL-1A 
_diffrn_source.pdbx_wavelength             ? 
_diffrn_source.pdbx_wavelength_list        1.0 
# 
_reflns.entry_id                     3VQG 
_reflns.observed_criterion_sigma_I   -3 
_reflns.observed_criterion_sigma_F   ? 
_reflns.d_resolution_low             30.0 
_reflns.d_resolution_high            1.35 
_reflns.number_obs                   18907 
_reflns.number_all                   18907 
_reflns.percent_possible_obs         98.7 
_reflns.pdbx_Rmerge_I_obs            0.091 
_reflns.pdbx_Rsym_value              ? 
_reflns.pdbx_netI_over_sigmaI        ? 
_reflns.B_iso_Wilson_estimate        14.670 
_reflns.pdbx_redundancy              3.5 
_reflns.R_free_details               ? 
_reflns.limit_h_max                  ? 
_reflns.limit_h_min                  ? 
_reflns.limit_k_max                  ? 
_reflns.limit_k_min                  ? 
_reflns.limit_l_max                  ? 
_reflns.limit_l_min                  ? 
_reflns.observed_criterion_F_max     ? 
_reflns.observed_criterion_F_min     ? 
_reflns.pdbx_chi_squared             ? 
_reflns.pdbx_scaling_rejects         ? 
_reflns.pdbx_ordinal                 1 
_reflns.pdbx_diffrn_id               1 
# 
loop_
_reflns_shell.d_res_high 
_reflns_shell.d_res_low 
_reflns_shell.percent_possible_all 
_reflns_shell.Rmerge_I_obs 
_reflns_shell.pdbx_Rsym_value 
_reflns_shell.meanI_over_sigI_obs 
_reflns_shell.pdbx_redundancy 
_reflns_shell.percent_possible_obs 
_reflns_shell.number_unique_all 
_reflns_shell.number_measured_all 
_reflns_shell.number_measured_obs 
_reflns_shell.number_unique_obs 
_reflns_shell.pdbx_chi_squared 
_reflns_shell.pdbx_rejects 
_reflns_shell.pdbx_netI_over_sigmaI_obs 
_reflns_shell.number_possible 
_reflns_shell.Rmerge_F_all 
_reflns_shell.Rmerge_F_obs 
_reflns_shell.Rmerge_I_all 
_reflns_shell.meanI_over_sigI_all 
_reflns_shell.pdbx_Rrim_I_all 
_reflns_shell.pdbx_Rpim_I_all 
_reflns_shell.pdbx_ordinal 
_reflns_shell.pdbx_diffrn_id 
1.35 1.37  99.7  0.991   ? 43.8  3.5 ? 952 ? ? ? ? ? ? ? ? ? ? ? ? ? 1  1 
1.37 1.40  99.8  1.147   ? 43.5  3.6 ? 950 ? ? ? ? ? ? ? ? ? ? ? ? ? 2  1 
1.40 1.43  99.8  1.351   ? 43.7  3.6 ? 934 ? ? ? ? ? ? ? ? ? ? ? ? ? 3  1 
1.43 1.45  99.8  1.534   ? 44.0  3.5 ? 969 ? ? ? ? ? ? ? ? ? ? ? ? ? 4  1 
1.45 1.49  99.9  1.923   ? 43.9  3.6 ? 930 ? ? ? ? ? ? ? ? ? ? ? ? ? 5  1 
1.49 1.52  100.0 2.077   ? 43.9  3.6 ? 982 ? ? ? ? ? ? ? ? ? ? ? ? ? 6  1 
1.52 1.56  100.0 2.684   ? 45.5  3.6 ? 945 ? ? ? ? ? ? ? ? ? ? ? ? ? 7  1 
1.56 1.60  99.8  3.102   ? 46.8  3.5 ? 944 ? ? ? ? ? ? ? ? ? ? ? ? ? 8  1 
1.60 1.65  100.0 3.968   ? 49.1  3.6 ? 971 ? ? ? ? ? ? ? ? ? ? ? ? ? 9  1 
1.65 1.70  100.0 4.684   ? 51.6  3.6 ? 938 ? ? ? ? ? ? ? ? ? ? ? ? ? 10 1 
1.70 1.76  100.0 5.827   ? 55.4  3.6 ? 950 ? ? ? ? ? ? ? ? ? ? ? ? ? 11 1 
1.76 1.83  99.8  8.459   ? 66.9  3.6 ? 960 ? ? ? ? ? ? ? ? ? ? ? ? ? 12 1 
1.83 1.92  99.8  11.525  ? 81.3  3.6 ? 946 ? ? ? ? ? ? ? ? ? ? ? ? ? 13 1 
1.92 2.02  99.8  17.80   ? 109.3 3.6 ? 967 ? ? ? ? ? ? ? ? ? ? ? ? ? 14 1 
2.02 2.14  99.5  25.469  ? 144.4 3.6 ? 952 ? ? ? ? ? ? ? ? ? ? ? ? ? 15 1 
2.14 2.31  99.8  35.141  ? 192.2 3.5 ? 955 ? ? ? ? ? ? ? ? ? ? ? ? ? 16 1 
2.31 2.54  99.9  38.680  ? 203.5 3.5 ? 971 ? ? ? ? ? ? ? ? ? ? ? ? ? 17 1 
2.54 2.91  99.3  63.083  ? 321.9 3.5 ? 946 ? ? ? ? ? ? ? ? ? ? ? ? ? 18 1 
2.91 3.66  94.9  126.946 ? 664.7 3.3 ? 924 ? ? ? ? ? ? ? ? ? ? ? ? ? 19 1 
3.66 30.00 82.9  129.460 ? 732.8 3.0 ? 821 ? ? ? ? ? ? ? ? ? ? ? ? ? 20 1 
# 
_refine.entry_id                                 3VQG 
_refine.ls_number_reflns_obs                     18904 
_refine.ls_number_reflns_all                     18907 
_refine.pdbx_ls_sigma_I                          ? 
_refine.pdbx_ls_sigma_F                          1.39 
_refine.pdbx_data_cutoff_high_absF               ? 
_refine.pdbx_data_cutoff_low_absF                ? 
_refine.pdbx_data_cutoff_high_rms_absF           ? 
_refine.ls_d_res_low                             26.328 
_refine.ls_d_res_high                            1.350 
_refine.ls_percent_reflns_obs                    98.32 
_refine.ls_R_factor_obs                          0.1718 
_refine.ls_R_factor_all                          ? 
_refine.ls_R_factor_R_work                       0.1699 
_refine.ls_R_factor_R_free                       0.2067 
_refine.ls_R_factor_R_free_error                 ? 
_refine.ls_R_factor_R_free_error_details         ? 
_refine.ls_percent_reflns_R_free                 5.15 
_refine.ls_number_reflns_R_free                  974 
_refine.ls_number_parameters                     ? 
_refine.ls_number_restraints                     ? 
_refine.correlation_coeff_Fo_to_Fc               ? 
_refine.correlation_coeff_Fo_to_Fc_free          ? 
_refine.B_iso_mean                               9.5138 
_refine.aniso_B[1][1]                            9.3562 
_refine.aniso_B[2][2]                            6.1693 
_refine.aniso_B[3][3]                            10.3533 
_refine.aniso_B[1][2]                            -0.0000 
_refine.aniso_B[1][3]                            5.2577 
_refine.aniso_B[2][3]                            -0.0000 
_refine.solvent_model_details                    'FLAT BULK SOLVENT MODEL' 
_refine.solvent_model_param_ksol                 0.385 
_refine.solvent_model_param_bsol                 35.734 
_refine.pdbx_solvent_vdw_probe_radii             0.90 
_refine.pdbx_solvent_ion_probe_radii             ? 
_refine.pdbx_solvent_shrinkage_radii             0.60 
_refine.pdbx_ls_cross_valid_method               ? 
_refine.details                                  ? 
_refine.pdbx_starting_model                      2vwr 
_refine.pdbx_method_to_determine_struct          'MOLECULAR REPLACEMENT' 
_refine.pdbx_isotropic_thermal_model             ? 
_refine.pdbx_stereochemistry_target_values       ML 
_refine.pdbx_stereochem_target_val_spec_case     ? 
_refine.pdbx_R_Free_selection_details            RANDOM 
_refine.pdbx_overall_ESU_R                       ? 
_refine.pdbx_overall_ESU_R_Free                  ? 
_refine.overall_SU_ML                            0.19 
_refine.overall_FOM_work_R_set                   0.8871 
_refine.B_iso_max                                42.270 
_refine.B_iso_min                                1.080 
_refine.pdbx_overall_phase_error                 18.5900 
_refine.occupancy_max                            1.000 
_refine.occupancy_min                            0.300 
_refine.pdbx_diffrn_id                           1 
_refine.pdbx_refine_id                           'X-RAY DIFFRACTION' 
_refine.ls_redundancy_reflns_obs                 ? 
_refine.overall_SU_B                             ? 
_refine.overall_SU_R_Cruickshank_DPI             ? 
_refine.overall_SU_R_free                        ? 
_refine.ls_wR_factor_R_free                      ? 
_refine.ls_wR_factor_R_work                      ? 
_refine.overall_FOM_free_R_set                   ? 
_refine.pdbx_TLS_residual_ADP_flag               ? 
_refine.pdbx_overall_SU_R_free_Cruickshank_DPI   ? 
_refine.pdbx_overall_SU_R_Blow_DPI               ? 
_refine.pdbx_overall_SU_R_free_Blow_DPI          ? 
# 
_refine_hist.pdbx_refine_id                   'X-RAY DIFFRACTION' 
_refine_hist.cycle_id                         LAST 
_refine_hist.pdbx_number_atoms_protein        700 
_refine_hist.pdbx_number_atoms_nucleic_acid   0 
_refine_hist.pdbx_number_atoms_ligand         5 
_refine_hist.number_atoms_solvent             117 
_refine_hist.number_atoms_total               822 
_refine_hist.d_res_high                       1.350 
_refine_hist.d_res_low                        26.328 
# 
loop_
_refine_ls_restr.pdbx_refine_id 
_refine_ls_restr.type 
_refine_ls_restr.number 
_refine_ls_restr.dev_ideal 
_refine_ls_restr.dev_ideal_target 
_refine_ls_restr.weight 
_refine_ls_restr.pdbx_restraint_function 
'X-RAY DIFFRACTION' f_bond_d           748  0.005  ? ? ? 
'X-RAY DIFFRACTION' f_angle_d          1023 1.032  ? ? ? 
'X-RAY DIFFRACTION' f_chiral_restr     119  0.066  ? ? ? 
'X-RAY DIFFRACTION' f_plane_restr      137  0.005  ? ? ? 
'X-RAY DIFFRACTION' f_dihedral_angle_d 288  11.993 ? ? ? 
# 
loop_
_refine_ls_shell.d_res_high 
_refine_ls_shell.d_res_low 
_refine_ls_shell.pdbx_total_number_of_bins_used 
_refine_ls_shell.percent_reflns_obs 
_refine_ls_shell.number_reflns_R_work 
_refine_ls_shell.R_factor_all 
_refine_ls_shell.R_factor_R_work 
_refine_ls_shell.R_factor_R_free 
_refine_ls_shell.percent_reflns_R_free 
_refine_ls_shell.number_reflns_R_free 
_refine_ls_shell.R_factor_R_free_error 
_refine_ls_shell.number_reflns_all 
_refine_ls_shell.number_reflns_obs 
_refine_ls_shell.pdbx_refine_id 
_refine_ls_shell.redundancy_reflns_obs 
1.3501 1.4213  7 97.0000  2506 . 0.2363 0.2600 . 138 . 2644 . 'X-RAY DIFFRACTION' . 
1.4213 1.5104  7 100.0000 2598 . 0.2026 0.2558 . 137 . 2735 . 'X-RAY DIFFRACTION' . 
1.5104 1.6270  7 100.0000 2606 . 0.1633 0.2054 . 129 . 2735 . 'X-RAY DIFFRACTION' . 
1.6270 1.7906  7 100.0000 2608 . 0.1507 0.1972 . 135 . 2743 . 'X-RAY DIFFRACTION' . 
1.7906 2.0497  7 100.0000 2592 . 0.1459 0.1759 . 133 . 2725 . 'X-RAY DIFFRACTION' . 
2.0497 2.5820  7 100.0000 2573 . 0.1503 0.1943 . 166 . 2739 . 'X-RAY DIFFRACTION' . 
2.5820 26.3329 7 92.0000  2447 . 0.1852 0.2166 . 136 . 2583 . 'X-RAY DIFFRACTION' . 
# 
_struct.entry_id                  3VQG 
_struct.title                     'Crystal Structure Analysis of the PDZ Domain Derived from the Tight Junction Regulating Protein' 
_struct.pdbx_model_details        ? 
_struct.pdbx_CASP_flag            ? 
_struct.pdbx_model_type_details   ? 
# 
_struct_keywords.entry_id        3VQG 
_struct_keywords.pdbx_keywords   'PEPTIDE BINDING PROTEIN' 
_struct_keywords.text            
;PDZ domain, peptide binding, JAM4 (junctional adhesion molecule-4) C-terminal peptide, Cytoplasm(LNX1), Membrane(JAM4), PEPTIDE BINDING PROTEIN
;
# 
loop_
_struct_asym.id 
_struct_asym.pdbx_blank_PDB_chainid_flag 
_struct_asym.pdbx_modified 
_struct_asym.entity_id 
_struct_asym.details 
A N N 1 ? 
B N N 2 ? 
C N N 3 ? 
D N N 4 ? 
E N N 4 ? 
# 
_struct_biol.id        1 
_struct_biol.details   ? 
# 
loop_
_struct_conf.conf_type_id 
_struct_conf.id 
_struct_conf.pdbx_PDB_helix_id 
_struct_conf.beg_label_comp_id 
_struct_conf.beg_label_asym_id 
_struct_conf.beg_label_seq_id 
_struct_conf.pdbx_beg_PDB_ins_code 
_struct_conf.end_label_comp_id 
_struct_conf.end_label_asym_id 
_struct_conf.end_label_seq_id 
_struct_conf.pdbx_end_PDB_ins_code 
_struct_conf.beg_auth_comp_id 
_struct_conf.beg_auth_asym_id 
_struct_conf.beg_auth_seq_id 
_struct_conf.end_auth_comp_id 
_struct_conf.end_auth_asym_id 
_struct_conf.end_auth_seq_id 
_struct_conf.pdbx_PDB_helix_class 
_struct_conf.details 
_struct_conf.pdbx_PDB_helix_length 
HELX_P HELX_P1 1 GLY A 46 ? GLY A 52 ? GLY A 39 GLY A 45 1 ? 7  
HELX_P HELX_P2 2 SER A 72 ? SER A 83 ? SER A 65 SER A 76 1 ? 12 
# 
_struct_conf_type.id          HELX_P 
_struct_conf_type.criteria    ? 
_struct_conf_type.reference   ? 
# 
loop_
_struct_sheet.id 
_struct_sheet.type 
_struct_sheet.number_strands 
_struct_sheet.details 
A ? 4 ? 
B ? 6 ? 
# 
loop_
_struct_sheet_order.sheet_id 
_struct_sheet_order.range_id_1 
_struct_sheet_order.range_id_2 
_struct_sheet_order.offset 
_struct_sheet_order.sense 
A 1 2 ? anti-parallel 
A 2 3 ? anti-parallel 
A 3 4 ? anti-parallel 
B 1 2 ? anti-parallel 
B 2 3 ? anti-parallel 
B 3 4 ? anti-parallel 
B 4 5 ? anti-parallel 
B 5 6 ? anti-parallel 
# 
loop_
_struct_sheet_range.sheet_id 
_struct_sheet_range.id 
_struct_sheet_range.beg_label_comp_id 
_struct_sheet_range.beg_label_asym_id 
_struct_sheet_range.beg_label_seq_id 
_struct_sheet_range.pdbx_beg_PDB_ins_code 
_struct_sheet_range.end_label_comp_id 
_struct_sheet_range.end_label_asym_id 
_struct_sheet_range.end_label_seq_id 
_struct_sheet_range.pdbx_end_PDB_ins_code 
_struct_sheet_range.beg_auth_comp_id 
_struct_sheet_range.beg_auth_asym_id 
_struct_sheet_range.beg_auth_seq_id 
_struct_sheet_range.end_auth_comp_id 
_struct_sheet_range.end_auth_asym_id 
_struct_sheet_range.end_auth_seq_id 
A 1 PHE A 11 ? ASN A 16 ? PHE A 4   ASN A 9   
A 2 ARG A 86 ? SER A 92 ? ARG A 79  SER A 85  
A 3 ARG A 59 ? ILE A 63 ? ARG A 52  ILE A 56  
A 4 HIS A 66 ? ASP A 67 ? HIS A 59  ASP A 60  
B 1 PHE A 11 ? ASN A 16 ? PHE A 4   ASN A 9   
B 2 ARG A 86 ? SER A 92 ? ARG A 79  SER A 85  
B 3 ARG A 59 ? ILE A 63 ? ARG A 52  ILE A 56  
B 4 VAL A 37 ? VAL A 42 ? VAL A 30  VAL A 35  
B 5 ILE A 26 ? VAL A 29 ? ILE A 19  VAL A 22  
B 6 THR B 7  ? VAL B 9  ? THR B 103 VAL B 105 
# 
loop_
_pdbx_struct_sheet_hbond.sheet_id 
_pdbx_struct_sheet_hbond.range_id_1 
_pdbx_struct_sheet_hbond.range_id_2 
_pdbx_struct_sheet_hbond.range_1_label_atom_id 
_pdbx_struct_sheet_hbond.range_1_label_comp_id 
_pdbx_struct_sheet_hbond.range_1_label_asym_id 
_pdbx_struct_sheet_hbond.range_1_label_seq_id 
_pdbx_struct_sheet_hbond.range_1_PDB_ins_code 
_pdbx_struct_sheet_hbond.range_1_auth_atom_id 
_pdbx_struct_sheet_hbond.range_1_auth_comp_id 
_pdbx_struct_sheet_hbond.range_1_auth_asym_id 
_pdbx_struct_sheet_hbond.range_1_auth_seq_id 
_pdbx_struct_sheet_hbond.range_2_label_atom_id 
_pdbx_struct_sheet_hbond.range_2_label_comp_id 
_pdbx_struct_sheet_hbond.range_2_label_asym_id 
_pdbx_struct_sheet_hbond.range_2_label_seq_id 
_pdbx_struct_sheet_hbond.range_2_PDB_ins_code 
_pdbx_struct_sheet_hbond.range_2_auth_atom_id 
_pdbx_struct_sheet_hbond.range_2_auth_comp_id 
_pdbx_struct_sheet_hbond.range_2_auth_asym_id 
_pdbx_struct_sheet_hbond.range_2_auth_seq_id 
A 1 2 N VAL A 13 ? N VAL A 6  O LEU A 89 ? O LEU A 82  
A 2 3 O SER A 92 ? O SER A 85 N ARG A 59 ? N ARG A 52  
A 3 4 N ILE A 63 ? N ILE A 56 O HIS A 66 ? O HIS A 59  
B 1 2 N VAL A 13 ? N VAL A 6  O LEU A 89 ? O LEU A 82  
B 2 3 O SER A 92 ? O SER A 85 N ARG A 59 ? N ARG A 52  
B 3 4 O VAL A 60 ? O VAL A 53 N VAL A 37 ? N VAL A 30  
B 4 5 O PHE A 40 ? O PHE A 33 N LYS A 27 ? N LYS A 20  
B 5 6 N LEU A 28 ? N LEU A 21 O THR B 7  ? O THR B 103 
# 
_struct_site.id                   AC1 
_struct_site.pdbx_evidence_code   Software 
_struct_site.pdbx_auth_asym_id    A 
_struct_site.pdbx_auth_comp_id    SO4 
_struct_site.pdbx_auth_seq_id     101 
_struct_site.pdbx_auth_ins_code   ? 
_struct_site.pdbx_num_residues    6 
_struct_site.details              'BINDING SITE FOR RESIDUE SO4 A 101' 
# 
loop_
_struct_site_gen.id 
_struct_site_gen.site_id 
_struct_site_gen.pdbx_num_res 
_struct_site_gen.label_comp_id 
_struct_site_gen.label_asym_id 
_struct_site_gen.label_seq_id 
_struct_site_gen.pdbx_auth_ins_code 
_struct_site_gen.auth_comp_id 
_struct_site_gen.auth_asym_id 
_struct_site_gen.auth_seq_id 
_struct_site_gen.label_atom_id 
_struct_site_gen.label_alt_id 
_struct_site_gen.symmetry 
_struct_site_gen.details 
1 AC1 6 ILE A 14 ? ILE A 7   . ? 1_555 ? 
2 AC1 6 ARG A 31 ? ARG A 24  . ? 4_445 ? 
3 AC1 6 ARG A 86 ? ARG A 79  . ? 1_555 ? 
4 AC1 6 HOH D .  ? HOH A 250 . ? 4_445 ? 
5 AC1 6 HOH D .  ? HOH A 295 . ? 1_555 ? 
6 AC1 6 HOH D .  ? HOH A 296 . ? 1_555 ? 
# 
_atom_sites.entry_id                    3VQG 
_atom_sites.fract_transf_matrix[1][1]   0.01766025 
_atom_sites.fract_transf_matrix[1][2]   -0.00638508 
_atom_sites.fract_transf_matrix[1][3]   -0.00282866 
_atom_sites.fract_transf_matrix[2][1]   -0.00483018 
_atom_sites.fract_transf_matrix[2][2]   -0.01711305 
_atom_sites.fract_transf_matrix[2][3]   0.00847258 
_atom_sites.fract_transf_matrix[3][1]   0.00798651 
_atom_sites.fract_transf_matrix[3][2]   -0.01684679 
_atom_sites.fract_transf_matrix[3][3]   -0.02947434 
_atom_sites.fract_transf_vector[1]      -0.308978 
_atom_sites.fract_transf_vector[2]      0.062849 
_atom_sites.fract_transf_vector[3]      0.002925 
# 
loop_
_atom_type.symbol 
C 
N 
O 
S 
# 
loop_
_atom_site.group_PDB 
_atom_site.id 
_atom_site.type_symbol 
_atom_site.label_atom_id 
_atom_site.label_alt_id 
_atom_site.label_comp_id 
_atom_site.label_asym_id 
_atom_site.label_entity_id 
_atom_site.label_seq_id 
_atom_site.pdbx_PDB_ins_code 
_atom_site.Cartn_x 
_atom_site.Cartn_y 
_atom_site.Cartn_z 
_atom_site.occupancy 
_atom_site.B_iso_or_equiv 
_atom_site.pdbx_formal_charge 
_atom_site.auth_seq_id 
_atom_site.auth_comp_id 
_atom_site.auth_asym_id 
_atom_site.auth_atom_id 
_atom_site.pdbx_PDB_model_num 
ATOM   1   N N   . SER A 1 10 ? 12.899  3.054   8.001   1.00 17.16 ? 3   SER A N   1 
ATOM   2   C CA  . SER A 1 10 ? 11.933  2.788   6.937   1.00 16.01 ? 3   SER A CA  1 
ATOM   3   C C   . SER A 1 10 ? 12.625  2.574   5.593   1.00 14.41 ? 3   SER A C   1 
ATOM   4   O O   . SER A 1 10 ? 13.806  2.892   5.434   1.00 15.67 ? 3   SER A O   1 
ATOM   5   C CB  . SER A 1 10 ? 10.916  3.931   6.834   1.00 17.40 ? 3   SER A CB  1 
ATOM   6   O OG  . SER A 1 10 ? 11.551  5.164   6.528   1.00 19.23 ? 3   SER A OG  1 
ATOM   7   N N   . PHE A 1 11 ? 11.893  2.027   4.629   1.00 11.22 ? 4   PHE A N   1 
ATOM   8   C CA  . PHE A 1 11 ? 12.429  1.832   3.287   1.00 9.07  ? 4   PHE A CA  1 
ATOM   9   C C   . PHE A 1 11 ? 11.387  2.160   2.221   1.00 8.14  ? 4   PHE A C   1 
ATOM   10  O O   . PHE A 1 11 ? 10.203  2.317   2.519   1.00 8.13  ? 4   PHE A O   1 
ATOM   11  C CB  . PHE A 1 11 ? 12.968  0.409   3.107   1.00 10.32 ? 4   PHE A CB  1 
ATOM   12  C CG  . PHE A 1 11 ? 11.949  -0.666  3.368   1.00 11.81 ? 4   PHE A CG  1 
ATOM   13  C CD1 . PHE A 1 11 ? 11.784  -1.191  4.641   1.00 14.11 ? 4   PHE A CD1 1 
ATOM   14  C CD2 . PHE A 1 11 ? 11.171  -1.164  2.336   1.00 12.44 ? 4   PHE A CD2 1 
ATOM   15  C CE1 . PHE A 1 11 ? 10.851  -2.177  4.881   1.00 14.44 ? 4   PHE A CE1 1 
ATOM   16  C CE2 . PHE A 1 11 ? 10.235  -2.151  2.567   1.00 13.71 ? 4   PHE A CE2 1 
ATOM   17  C CZ  . PHE A 1 11 ? 10.076  -2.660  3.842   1.00 14.33 ? 4   PHE A CZ  1 
ATOM   18  N N   . HIS A 1 12 ? 11.848  2.264   0.982   1.00 7.47  ? 5   HIS A N   1 
ATOM   19  C CA  . HIS A 1 12 ? 11.014  2.713   -0.122  1.00 7.77  ? 5   HIS A CA  1 
ATOM   20  C C   . HIS A 1 12 ? 10.639  1.575   -1.052  1.00 8.12  ? 5   HIS A C   1 
ATOM   21  O O   . HIS A 1 12 ? 11.483  0.767   -1.439  1.00 9.12  ? 5   HIS A O   1 
ATOM   22  C CB  . HIS A 1 12 ? 11.762  3.776   -0.926  1.00 7.77  ? 5   HIS A CB  1 
ATOM   23  C CG  . HIS A 1 12 ? 12.119  4.988   -0.129  1.00 10.39 ? 5   HIS A CG  1 
ATOM   24  N ND1 . HIS A 1 12 ? 11.253  6.043   0.049   1.00 10.21 ? 5   HIS A ND1 1 
ATOM   25  C CD2 . HIS A 1 12 ? 13.246  5.310   0.547   1.00 13.02 ? 5   HIS A CD2 1 
ATOM   26  C CE1 . HIS A 1 12 ? 11.829  6.965   0.796   1.00 11.54 ? 5   HIS A CE1 1 
ATOM   27  N NE2 . HIS A 1 12 ? 13.041  6.547   1.111   1.00 13.66 ? 5   HIS A NE2 1 
ATOM   28  N N   . VAL A 1 13 ? 9.360   1.521   -1.410  1.00 6.26  ? 6   VAL A N   1 
ATOM   29  C CA  . VAL A 1 13 ? 8.870   0.557   -2.380  1.00 6.32  ? 6   VAL A CA  1 
ATOM   30  C C   . VAL A 1 13 ? 8.103   1.325   -3.444  1.00 6.81  ? 6   VAL A C   1 
ATOM   31  O O   . VAL A 1 13 ? 7.231   2.128   -3.126  1.00 7.15  ? 6   VAL A O   1 
ATOM   32  C CB  . VAL A 1 13 ? 7.946   -0.491  -1.718  1.00 6.64  ? 6   VAL A CB  1 
ATOM   33  C CG1 . VAL A 1 13 ? 7.282   -1.365  -2.771  1.00 8.06  ? 6   VAL A CG1 1 
ATOM   34  C CG2 . VAL A 1 13 ? 8.743   -1.344  -0.734  1.00 8.56  ? 6   VAL A CG2 1 
ATOM   35  N N   . ILE A 1 14 ? 8.454   1.112   -4.705  1.00 6.14  ? 7   ILE A N   1 
ATOM   36  C CA  A ILE A 1 14 ? 7.761   1.750   -5.817  0.50 6.54  ? 7   ILE A CA  1 
ATOM   37  C CA  B ILE A 1 14 ? 7.731   1.752   -5.790  0.50 6.64  ? 7   ILE A CA  1 
ATOM   38  C C   . ILE A 1 14 ? 7.010   0.695   -6.604  1.00 6.31  ? 7   ILE A C   1 
ATOM   39  O O   . ILE A 1 14 ? 7.624   -0.230  -7.145  1.00 7.44  ? 7   ILE A O   1 
ATOM   40  C CB  A ILE A 1 14 ? 8.744   2.421   -6.792  0.50 7.96  ? 7   ILE A CB  1 
ATOM   41  C CB  B ILE A 1 14 ? 8.646   2.586   -6.709  0.50 8.39  ? 7   ILE A CB  1 
ATOM   42  C CG1 A ILE A 1 14 ? 9.669   3.392   -6.061  0.50 8.44  ? 7   ILE A CG1 1 
ATOM   43  C CG1 B ILE A 1 14 ? 9.222   3.792   -5.959  0.50 9.70  ? 7   ILE A CG1 1 
ATOM   44  C CG2 A ILE A 1 14 ? 7.980   3.146   -7.893  0.50 9.17  ? 7   ILE A CG2 1 
ATOM   45  C CG2 B ILE A 1 14 ? 7.866   3.071   -7.921  0.50 9.36  ? 7   ILE A CG2 1 
ATOM   46  C CD1 A ILE A 1 14 ? 8.958   4.595   -5.525  0.50 8.10  ? 7   ILE A CD1 1 
ATOM   47  C CD1 B ILE A 1 14 ? 10.449  3.486   -5.128  0.50 10.53 ? 7   ILE A CD1 1 
ATOM   48  N N   . LEU A 1 15 ? 5.693   0.826   -6.663  1.00 5.47  ? 8   LEU A N   1 
ATOM   49  C CA  . LEU A 1 15 ? 4.878   -0.066  -7.469  1.00 5.26  ? 8   LEU A CA  1 
ATOM   50  C C   . LEU A 1 15 ? 4.262   0.754   -8.582  1.00 5.28  ? 8   LEU A C   1 
ATOM   51  O O   . LEU A 1 15 ? 3.900   1.909   -8.374  1.00 6.70  ? 8   LEU A O   1 
ATOM   52  C CB  . LEU A 1 15 ? 3.766   -0.691  -6.634  1.00 5.22  ? 8   LEU A CB  1 
ATOM   53  C CG  . LEU A 1 15 ? 4.233   -1.492  -5.425  1.00 6.06  ? 8   LEU A CG  1 
ATOM   54  C CD1 . LEU A 1 15 ? 3.043   -2.062  -4.681  1.00 7.17  ? 8   LEU A CD1 1 
ATOM   55  C CD2 . LEU A 1 15 ? 5.154   -2.597  -5.874  1.00 7.19  ? 8   LEU A CD2 1 
ATOM   56  N N   . ASN A 1 16 ? 4.135   0.165   -9.763  1.00 5.79  ? 9   ASN A N   1 
ATOM   57  C CA  . ASN A 1 16 ? 3.504   0.857   -10.875 1.00 6.27  ? 9   ASN A CA  1 
ATOM   58  C C   . ASN A 1 16 ? 2.248   0.148   -11.343 1.00 5.69  ? 9   ASN A C   1 
ATOM   59  O O   . ASN A 1 16 ? 2.260   -1.058  -11.568 1.00 8.49  ? 9   ASN A O   1 
ATOM   60  C CB  . ASN A 1 16 ? 4.489   1.032   -12.029 1.00 8.93  ? 9   ASN A CB  1 
ATOM   61  C CG  . ASN A 1 16 ? 5.614   1.977   -11.682 1.00 11.43 ? 9   ASN A CG  1 
ATOM   62  O OD1 . ASN A 1 16 ? 5.378   3.146   -11.382 1.00 11.31 ? 9   ASN A OD1 1 
ATOM   63  N ND2 . ASN A 1 16 ? 6.844   1.483   -11.725 1.00 14.20 ? 9   ASN A ND2 1 
ATOM   64  N N   . LYS A 1 17 ? 1.164   0.903   -11.468 1.00 3.77  ? 10  LYS A N   1 
ATOM   65  C CA  . LYS A 1 17 ? -0.087  0.368   -11.995 1.00 4.08  ? 10  LYS A CA  1 
ATOM   66  C C   . LYS A 1 17 ? -0.052  0.435   -13.514 1.00 5.86  ? 10  LYS A C   1 
ATOM   67  O O   . LYS A 1 17 ? 0.397   1.429   -14.081 1.00 7.08  ? 10  LYS A O   1 
ATOM   68  C CB  . LYS A 1 17 ? -1.265  1.201   -11.488 1.00 4.35  ? 10  LYS A CB  1 
ATOM   69  C CG  . LYS A 1 17 ? -1.396  1.227   -9.981  1.00 4.62  ? 10  LYS A CG  1 
ATOM   70  C CD  . LYS A 1 17 ? -2.636  1.983   -9.518  1.00 6.37  ? 10  LYS A CD  1 
ATOM   71  C CE  . LYS A 1 17 ? -2.604  3.444   -9.893  1.00 6.00  ? 10  LYS A CE  1 
ATOM   72  N NZ  . LYS A 1 17 ? -3.850  4.132   -9.432  1.00 4.23  ? 10  LYS A NZ  1 
ATOM   73  N N   . SER A 1 18 ? -0.544  -0.611  -14.174 1.00 6.68  ? 11  SER A N   1 
ATOM   74  C CA  A SER A 1 18 ? -0.596  -0.647  -15.634 0.50 7.34  ? 11  SER A CA  1 
ATOM   75  C CA  B SER A 1 18 ? -0.589  -0.633  -15.633 0.50 7.84  ? 11  SER A CA  1 
ATOM   76  C C   . SER A 1 18 ? -1.794  0.141   -16.171 1.00 8.08  ? 11  SER A C   1 
ATOM   77  O O   . SER A 1 18 ? -1.815  0.554   -17.331 1.00 10.03 ? 11  SER A O   1 
ATOM   78  C CB  A SER A 1 18 ? -0.629  -2.095  -16.129 0.50 8.14  ? 11  SER A CB  1 
ATOM   79  C CB  B SER A 1 18 ? -0.598  -2.073  -16.150 0.50 9.57  ? 11  SER A CB  1 
ATOM   80  O OG  A SER A 1 18 ? 0.541   -2.792  -15.734 0.50 8.57  ? 11  SER A OG  1 
ATOM   81  O OG  B SER A 1 18 ? -1.643  -2.818  -15.555 0.50 10.94 ? 11  SER A OG  1 
ATOM   82  N N   . SER A 1 19 ? -2.793  0.333   -15.314 1.00 6.62  ? 12  SER A N   1 
ATOM   83  C CA  A SER A 1 19 ? -3.908  1.211   -15.625 0.50 7.42  ? 12  SER A CA  1 
ATOM   84  C CA  B SER A 1 19 ? -3.965  1.156   -15.611 0.50 7.23  ? 12  SER A CA  1 
ATOM   85  C C   . SER A 1 19 ? -4.313  1.890   -14.327 1.00 5.36  ? 12  SER A C   1 
ATOM   86  O O   . SER A 1 19 ? -4.084  1.358   -13.249 1.00 4.85  ? 12  SER A O   1 
ATOM   87  C CB  A SER A 1 19 ? -5.077  0.426   -16.212 0.50 10.17 ? 12  SER A CB  1 
ATOM   88  C CB  B SER A 1 19 ? -5.152  0.280   -16.015 0.50 9.49  ? 12  SER A CB  1 
ATOM   89  O OG  A SER A 1 19 ? -5.726  -0.320  -15.205 0.50 11.87 ? 12  SER A OG  1 
ATOM   90  O OG  B SER A 1 19 ? -4.844  -0.542  -17.123 0.50 10.83 ? 12  SER A OG  1 
ATOM   91  N N   . PRO A 1 20 ? -4.894  3.095   -14.426 1.00 4.37  ? 13  PRO A N   1 
ATOM   92  C CA  . PRO A 1 20 ? -5.170  3.812   -13.170 1.00 3.29  ? 13  PRO A CA  1 
ATOM   93  C C   . PRO A 1 20 ? -6.113  3.086   -12.198 1.00 2.72  ? 13  PRO A C   1 
ATOM   94  O O   . PRO A 1 20 ? -5.979  3.270   -10.980 1.00 3.21  ? 13  PRO A O   1 
ATOM   95  C CB  . PRO A 1 20 ? -5.760  5.140   -13.650 1.00 4.75  ? 13  PRO A CB  1 
ATOM   96  C CG  . PRO A 1 20 ? -5.161  5.327   -15.023 1.00 5.93  ? 13  PRO A CG  1 
ATOM   97  C CD  . PRO A 1 20 ? -5.106  3.944   -15.611 1.00 6.46  ? 13  PRO A CD  1 
ATOM   98  N N   . GLU A 1 21 ? -7.012  2.245   -12.706 1.00 2.53  ? 14  GLU A N   1 
ATOM   99  C CA  . GLU A 1 21 ? -7.935  1.543   -11.820 1.00 3.17  ? 14  GLU A CA  1 
ATOM   100 C C   . GLU A 1 21 ? -7.373  0.216   -11.314 1.00 3.09  ? 14  GLU A C   1 
ATOM   101 O O   . GLU A 1 21 ? -8.021  -0.457  -10.525 1.00 4.58  ? 14  GLU A O   1 
ATOM   102 C CB  . GLU A 1 21 ? -9.285  1.291   -12.495 1.00 4.51  ? 14  GLU A CB  1 
ATOM   103 C CG  . GLU A 1 21 ? -9.232  0.343   -13.671 1.00 5.88  ? 14  GLU A CG  1 
ATOM   104 C CD  . GLU A 1 21 ? -9.147  1.072   -14.981 1.00 10.25 ? 14  GLU A CD  1 
ATOM   105 O OE1 . GLU A 1 21 ? -8.098  1.698   -15.240 1.00 10.55 ? 14  GLU A OE1 1 
ATOM   106 O OE2 . GLU A 1 21 ? -10.138 1.028   -15.738 1.00 12.89 ? 14  GLU A OE2 1 
ATOM   107 N N   . GLU A 1 22 ? -6.183  -0.167  -11.766 1.00 2.62  ? 15  GLU A N   1 
ATOM   108 C CA  . GLU A 1 22 ? -5.620  -1.443  -11.336 1.00 1.96  ? 15  GLU A CA  1 
ATOM   109 C C   . GLU A 1 22 ? -5.312  -1.402  -9.849  1.00 2.29  ? 15  GLU A C   1 
ATOM   110 O O   . GLU A 1 22 ? -4.757  -0.424  -9.349  1.00 3.23  ? 15  GLU A O   1 
ATOM   111 C CB  . GLU A 1 22 ? -4.360  -1.793  -12.119 1.00 3.44  ? 15  GLU A CB  1 
ATOM   112 C CG  . GLU A 1 22 ? -3.842  -3.172  -11.792 1.00 4.79  ? 15  GLU A CG  1 
ATOM   113 C CD  . GLU A 1 22 ? -2.550  -3.506  -12.490 1.00 7.81  ? 15  GLU A CD  1 
ATOM   114 O OE1 . GLU A 1 22 ? -1.746  -2.590  -12.739 1.00 9.00  ? 15  GLU A OE1 1 
ATOM   115 O OE2 . GLU A 1 22 ? -2.319  -4.701  -12.757 1.00 8.05  ? 15  GLU A OE2 1 
ATOM   116 N N   . GLN A 1 23 ? -5.686  -2.460  -9.145  1.00 3.41  ? 16  GLN A N   1 
ATOM   117 C CA  . GLN A 1 23 ? -5.352  -2.576  -7.737  1.00 4.13  ? 16  GLN A CA  1 
ATOM   118 C C   . GLN A 1 23 ? -3.947  -3.135  -7.580  1.00 4.65  ? 16  GLN A C   1 
ATOM   119 O O   . GLN A 1 23 ? -3.457  -3.862  -8.441  1.00 6.26  ? 16  GLN A O   1 
ATOM   120 C CB  . GLN A 1 23 ? -6.353  -3.484  -7.030  1.00 7.26  ? 16  GLN A CB  1 
ATOM   121 C CG  . GLN A 1 23 ? -7.770  -2.990  -7.102  1.00 10.20 ? 16  GLN A CG  1 
ATOM   122 C CD  . GLN A 1 23 ? -8.773  -4.112  -6.986  1.00 12.38 ? 16  GLN A CD  1 
ATOM   123 O OE1 . GLN A 1 23 ? -8.486  -5.269  -7.319  1.00 14.33 ? 16  GLN A OE1 1 
ATOM   124 N NE2 . GLN A 1 23 ? -9.964  -3.779  -6.518  1.00 12.34 ? 16  GLN A NE2 1 
ATOM   125 N N   . LEU A 1 24 ? -3.302  -2.800  -6.471  1.00 2.96  ? 17  LEU A N   1 
ATOM   126 C CA  . LEU A 1 24 ? -1.971  -3.324  -6.181  1.00 4.06  ? 17  LEU A CA  1 
ATOM   127 C C   . LEU A 1 24 ? -2.017  -4.764  -5.678  1.00 3.31  ? 17  LEU A C   1 
ATOM   128 O O   . LEU A 1 24 ? -1.004  -5.467  -5.675  1.00 4.78  ? 17  LEU A O   1 
ATOM   129 C CB  . LEU A 1 24 ? -1.287  -2.452  -5.137  1.00 6.13  ? 17  LEU A CB  1 
ATOM   130 C CG  . LEU A 1 24 ? -1.136  -0.977  -5.506  1.00 8.65  ? 17  LEU A CG  1 
ATOM   131 C CD1 . LEU A 1 24 ? -0.428  -0.244  -4.378  1.00 10.04 ? 17  LEU A CD1 1 
ATOM   132 C CD2 . LEU A 1 24 ? -0.379  -0.837  -6.810  1.00 9.73  ? 17  LEU A CD2 1 
ATOM   133 N N   . GLY A 1 25 ? -3.186  -5.200  -5.231  1.00 3.22  ? 18  GLY A N   1 
ATOM   134 C CA  . GLY A 1 25 ? -3.319  -6.531  -4.668  1.00 4.52  ? 18  GLY A CA  1 
ATOM   135 C C   . GLY A 1 25 ? -2.733  -6.591  -3.271  1.00 4.79  ? 18  GLY A C   1 
ATOM   136 O O   . GLY A 1 25 ? -1.931  -7.469  -2.956  1.00 5.90  ? 18  GLY A O   1 
ATOM   137 N N   . ILE A 1 26 ? -3.120  -5.642  -2.428  1.00 3.82  ? 19  ILE A N   1 
ATOM   138 C CA  . ILE A 1 26 ? -2.715  -5.629  -1.029  1.00 3.94  ? 19  ILE A CA  1 
ATOM   139 C C   . ILE A 1 26 ? -3.960  -5.379  -0.204  1.00 2.91  ? 19  ILE A C   1 
ATOM   140 O O   . ILE A 1 26 ? -4.739  -4.480  -0.520  1.00 5.67  ? 19  ILE A O   1 
ATOM   141 C CB  . ILE A 1 26 ? -1.722  -4.486  -0.728  1.00 5.04  ? 19  ILE A CB  1 
ATOM   142 C CG1 . ILE A 1 26 ? -0.539  -4.517  -1.699  1.00 6.24  ? 19  ILE A CG1 1 
ATOM   143 C CG2 . ILE A 1 26 ? -1.235  -4.562  0.720   1.00 6.18  ? 19  ILE A CG2 1 
ATOM   144 C CD1 . ILE A 1 26 ? 0.306   -3.248  -1.673  1.00 6.45  ? 19  ILE A CD1 1 
ATOM   145 N N   . LYS A 1 27 ? -4.162  -6.156  0.848   1.00 2.86  ? 20  LYS A N   1 
ATOM   146 C CA  . LYS A 1 27 ? -5.209  -5.843  1.806   1.00 2.79  ? 20  LYS A CA  1 
ATOM   147 C C   . LYS A 1 27 ? -4.587  -5.149  3.009   1.00 3.14  ? 20  LYS A C   1 
ATOM   148 O O   . LYS A 1 27 ? -3.605  -5.634  3.576   1.00 4.19  ? 20  LYS A O   1 
ATOM   149 C CB  . LYS A 1 27 ? -6.001  -7.091  2.206   1.00 5.74  ? 20  LYS A CB  1 
ATOM   150 C CG  . LYS A 1 27 ? -6.864  -7.594  1.050   1.00 8.09  ? 20  LYS A CG  1 
ATOM   151 C CD  . LYS A 1 27 ? -7.710  -8.807  1.386   1.00 11.85 ? 20  LYS A CD  1 
ATOM   152 C CE  . LYS A 1 27 ? -8.608  -9.173  0.207   1.00 14.47 ? 20  LYS A CE  1 
ATOM   153 N NZ  . LYS A 1 27 ? -9.360  -10.437 0.435   1.00 16.99 ? 20  LYS A NZ  1 
ATOM   154 N N   . LEU A 1 28 ? -5.154  -3.999  3.361   1.00 2.81  ? 21  LEU A N   1 
ATOM   155 C CA  . LEU A 1 28 ? -4.673  -3.182  4.465   1.00 3.27  ? 21  LEU A CA  1 
ATOM   156 C C   . LEU A 1 28 ? -5.632  -3.233  5.643   1.00 4.32  ? 21  LEU A C   1 
ATOM   157 O O   . LEU A 1 28 ? -6.847  -3.365  5.464   1.00 6.31  ? 21  LEU A O   1 
ATOM   158 C CB  . LEU A 1 28 ? -4.512  -1.730  4.015   1.00 3.86  ? 21  LEU A CB  1 
ATOM   159 C CG  . LEU A 1 28 ? -3.521  -1.498  2.876   1.00 4.04  ? 21  LEU A CG  1 
ATOM   160 C CD1 . LEU A 1 28 ? -3.551  -0.033  2.445   1.00 5.13  ? 21  LEU A CD1 1 
ATOM   161 C CD2 . LEU A 1 28 ? -2.119  -1.926  3.275   1.00 4.98  ? 21  LEU A CD2 1 
ATOM   162 N N   . VAL A 1 29 ? -5.086  -3.114  6.850   1.00 4.45  ? 22  VAL A N   1 
ATOM   163 C CA  . VAL A 1 29 ? -5.903  -3.123  8.056   1.00 5.49  ? 22  VAL A CA  1 
ATOM   164 C C   . VAL A 1 29 ? -5.437  -2.086  9.060   1.00 5.64  ? 22  VAL A C   1 
ATOM   165 O O   . VAL A 1 29 ? -4.295  -1.623  9.019   1.00 5.81  ? 22  VAL A O   1 
ATOM   166 C CB  . VAL A 1 29 ? -5.874  -4.490  8.769   1.00 7.79  ? 22  VAL A CB  1 
ATOM   167 C CG1 . VAL A 1 29 ? -6.561  -5.542  7.935   1.00 9.20  ? 22  VAL A CG1 1 
ATOM   168 C CG2 . VAL A 1 29 ? -4.444  -4.895  9.110   1.00 8.24  ? 22  VAL A CG2 1 
ATOM   169 N N   . ARG A 1 30 ? -6.335  -1.725  9.964   1.00 7.47  ? 23  ARG A N   1 
ATOM   170 C CA  . ARG A 1 30 ? -5.959  -0.951  11.133  1.00 10.70 ? 23  ARG A CA  1 
ATOM   171 C C   . ARG A 1 30 ? -5.949  -1.883  12.337  1.00 13.25 ? 23  ARG A C   1 
ATOM   172 O O   . ARG A 1 30 ? -6.443  -3.004  12.263  1.00 14.62 ? 23  ARG A O   1 
ATOM   173 C CB  . ARG A 1 30 ? -6.943  0.187   11.350  1.00 12.81 ? 23  ARG A CB  1 
ATOM   174 C CG  . ARG A 1 30 ? -8.329  -0.261  11.733  1.00 16.22 ? 23  ARG A CG  1 
ATOM   175 C CD  . ARG A 1 30 ? -9.334  0.803   11.362  1.00 18.05 ? 23  ARG A CD  1 
ATOM   176 N NE  . ARG A 1 30 ? -10.164 0.391   10.240  1.00 19.01 ? 23  ARG A NE  1 
ATOM   177 C CZ  . ARG A 1 30 ? -10.614 1.225   9.313   1.00 18.29 ? 23  ARG A CZ  1 
ATOM   178 N NH1 . ARG A 1 30 ? -11.367 0.769   8.323   1.00 20.75 ? 23  ARG A NH1 1 
ATOM   179 N NH2 . ARG A 1 30 ? -10.298 2.516   9.374   1.00 15.69 ? 23  ARG A NH2 1 
ATOM   180 N N   . ARG A 1 31 ? -5.377  -1.419  13.439  1.00 14.67 ? 24  ARG A N   1 
ATOM   181 C CA  . ARG A 1 31 ? -5.329  -2.209  14.665  1.00 15.91 ? 24  ARG A CA  1 
ATOM   182 C C   . ARG A 1 31 ? -5.911  -1.396  15.811  1.00 16.21 ? 24  ARG A C   1 
ATOM   183 O O   . ARG A 1 31 ? -5.686  -0.194  15.876  1.00 15.88 ? 24  ARG A O   1 
ATOM   184 C CB  . ARG A 1 31 ? -3.885  -2.613  14.966  1.00 16.06 ? 24  ARG A CB  1 
ATOM   185 C CG  . ARG A 1 31 ? -3.255  -3.426  13.846  1.00 17.29 ? 24  ARG A CG  1 
ATOM   186 C CD  . ARG A 1 31 ? -1.819  -3.822  14.141  1.00 17.49 ? 24  ARG A CD  1 
ATOM   187 N NE  . ARG A 1 31 ? -1.288  -4.688  13.091  1.00 17.93 ? 24  ARG A NE  1 
ATOM   188 C CZ  . ARG A 1 31 ? 0.003   -4.945  12.909  1.00 18.97 ? 24  ARG A CZ  1 
ATOM   189 N NH1 . ARG A 1 31 ? 0.913   -4.402  13.710  1.00 19.67 ? 24  ARG A NH1 1 
ATOM   190 N NH2 . ARG A 1 31 ? 0.380   -5.743  11.917  1.00 20.71 ? 24  ARG A NH2 1 
ATOM   191 N N   . VAL A 1 32 ? -6.664  -2.034  16.705  1.00 18.99 ? 25  VAL A N   1 
ATOM   192 C CA  . VAL A 1 32 ? -7.258  -1.331  17.841  1.00 21.26 ? 25  VAL A CA  1 
ATOM   193 C C   . VAL A 1 32 ? -6.183  -0.780  18.770  1.00 20.78 ? 25  VAL A C   1 
ATOM   194 O O   . VAL A 1 32 ? -6.303  0.328   19.298  1.00 21.77 ? 25  VAL A O   1 
ATOM   195 C CB  . VAL A 1 32 ? -8.200  -2.248  18.667  1.00 23.47 ? 25  VAL A CB  1 
ATOM   196 C CG1 . VAL A 1 32 ? -8.495  -1.639  20.033  1.00 24.80 ? 25  VAL A CG1 1 
ATOM   197 C CG2 . VAL A 1 32 ? -9.491  -2.493  17.927  1.00 24.00 ? 25  VAL A CG2 1 
ATOM   198 N N   . ASP A 1 33 ? -5.112  -1.545  18.941  1.00 19.59 ? 26  ASP A N   1 
ATOM   199 C CA  . ASP A 1 33 ? -4.160  -1.269  20.013  1.00 20.58 ? 26  ASP A CA  1 
ATOM   200 C C   . ASP A 1 33 ? -2.923  -0.465  19.623  1.00 18.24 ? 26  ASP A C   1 
ATOM   201 O O   . ASP A 1 33 ? -2.082  -0.181  20.473  1.00 18.83 ? 26  ASP A O   1 
ATOM   202 C CB  . ASP A 1 33 ? -3.735  -2.573  20.696  1.00 23.80 ? 26  ASP A CB  1 
ATOM   203 C CG  . ASP A 1 33 ? -3.052  -3.537  19.744  1.00 26.58 ? 26  ASP A CG  1 
ATOM   204 O OD1 . ASP A 1 33 ? -3.390  -3.538  18.541  1.00 27.48 ? 26  ASP A OD1 1 
ATOM   205 O OD2 . ASP A 1 33 ? -2.176  -4.303  20.204  1.00 28.31 ? 26  ASP A OD2 1 
ATOM   206 N N   . GLU A 1 34 ? -2.802  -0.091  18.356  1.00 15.24 ? 27  GLU A N   1 
ATOM   207 C CA  . GLU A 1 34 ? -1.673  0.732   17.942  1.00 13.42 ? 27  GLU A CA  1 
ATOM   208 C C   . GLU A 1 34 ? -2.024  1.499   16.685  1.00 10.47 ? 27  GLU A C   1 
ATOM   209 O O   . GLU A 1 34 ? -2.847  1.040   15.891  1.00 10.44 ? 27  GLU A O   1 
ATOM   210 C CB  . GLU A 1 34 ? -0.419  -0.124  17.718  1.00 13.56 ? 27  GLU A CB  1 
ATOM   211 C CG  . GLU A 1 34 ? -0.511  -1.070  16.526  1.00 14.47 ? 27  GLU A CG  1 
ATOM   212 C CD  . GLU A 1 34 ? 0.760   -1.873  16.319  1.00 15.84 ? 27  GLU A CD  1 
ATOM   213 O OE1 . GLU A 1 34 ? 1.858   -1.281  16.376  1.00 15.80 ? 27  GLU A OE1 1 
ATOM   214 O OE2 . GLU A 1 34 ? 0.665   -3.099  16.107  1.00 17.10 ? 27  GLU A OE2 1 
ATOM   215 N N   . PRO A 1 35 ? -1.418  2.679   16.502  1.00 8.97  ? 28  PRO A N   1 
ATOM   216 C CA  . PRO A 1 35 ? -1.662  3.443   15.279  1.00 7.26  ? 28  PRO A CA  1 
ATOM   217 C C   . PRO A 1 35 ? -1.004  2.787   14.077  1.00 6.50  ? 28  PRO A C   1 
ATOM   218 O O   . PRO A 1 35 ? -0.076  1.980   14.210  1.00 7.39  ? 28  PRO A O   1 
ATOM   219 C CB  . PRO A 1 35 ? -0.982  4.787   15.564  1.00 8.72  ? 28  PRO A CB  1 
ATOM   220 C CG  . PRO A 1 35 ? 0.093   4.452   16.550  1.00 9.41  ? 28  PRO A CG  1 
ATOM   221 C CD  . PRO A 1 35 ? -0.501  3.379   17.418  1.00 9.19  ? 28  PRO A CD  1 
ATOM   222 N N   . GLY A 1 36 ? -1.489  3.139   12.898  1.00 6.73  ? 29  GLY A N   1 
ATOM   223 C CA  . GLY A 1 36 ? -0.829  2.719   11.684  1.00 6.15  ? 29  GLY A CA  1 
ATOM   224 C C   . GLY A 1 36 ? -1.711  1.945   10.730  1.00 4.34  ? 29  GLY A C   1 
ATOM   225 O O   . GLY A 1 36 ? -2.768  1.421   11.095  1.00 5.30  ? 29  GLY A O   1 
ATOM   226 N N   . VAL A 1 37 ? -1.247  1.887   9.489   1.00 3.23  ? 30  VAL A N   1 
ATOM   227 C CA  . VAL A 1 37 ? -1.884  1.154   8.412   1.00 2.43  ? 30  VAL A CA  1 
ATOM   228 C C   . VAL A 1 37 ? -0.960  -0.019  8.109   1.00 2.23  ? 30  VAL A C   1 
ATOM   229 O O   . VAL A 1 37 ? 0.218   0.190   7.811   1.00 2.81  ? 30  VAL A O   1 
ATOM   230 C CB  . VAL A 1 37 ? -2.029  2.032   7.144   1.00 3.82  ? 30  VAL A CB  1 
ATOM   231 C CG1 . VAL A 1 37 ? -2.554  1.208   5.982   1.00 3.98  ? 30  VAL A CG1 1 
ATOM   232 C CG2 . VAL A 1 37 ? -2.919  3.250   7.415   1.00 4.74  ? 30  VAL A CG2 1 
ATOM   233 N N   . PHE A 1 38 ? -1.478  -1.239  8.198   1.00 2.18  ? 31  PHE A N   1 
ATOM   234 C CA  . PHE A 1 38 ? -0.644  -2.435  8.097   1.00 2.50  ? 31  PHE A CA  1 
ATOM   235 C C   . PHE A 1 38 ? -1.091  -3.360  6.982   1.00 2.40  ? 31  PHE A C   1 
ATOM   236 O O   . PHE A 1 38 ? -2.276  -3.434  6.660   1.00 3.91  ? 31  PHE A O   1 
ATOM   237 C CB  . PHE A 1 38 ? -0.635  -3.203  9.424   1.00 3.33  ? 31  PHE A CB  1 
ATOM   238 C CG  . PHE A 1 38 ? -0.060  -2.420  10.564  1.00 3.86  ? 31  PHE A CG  1 
ATOM   239 C CD1 . PHE A 1 38 ? -0.864  -1.569  11.307  1.00 4.67  ? 31  PHE A CD1 1 
ATOM   240 C CD2 . PHE A 1 38 ? 1.285   -2.507  10.877  1.00 4.88  ? 31  PHE A CD2 1 
ATOM   241 C CE1 . PHE A 1 38 ? -0.342  -0.831  12.351  1.00 5.44  ? 31  PHE A CE1 1 
ATOM   242 C CE2 . PHE A 1 38 ? 1.813   -1.774  11.925  1.00 5.07  ? 31  PHE A CE2 1 
ATOM   243 C CZ  . PHE A 1 38 ? 0.997   -0.938  12.664  1.00 4.98  ? 31  PHE A CZ  1 
ATOM   244 N N   . ILE A 1 39 ? -0.139  -4.080  6.400   1.00 2.31  ? 32  ILE A N   1 
ATOM   245 C CA  . ILE A 1 39 ? -0.453  -5.066  5.386   1.00 2.41  ? 32  ILE A CA  1 
ATOM   246 C C   . ILE A 1 39 ? -0.986  -6.336  6.046   1.00 2.62  ? 32  ILE A C   1 
ATOM   247 O O   . ILE A 1 39 ? -0.295  -6.975  6.853   1.00 4.03  ? 32  ILE A O   1 
ATOM   248 C CB  . ILE A 1 39 ? 0.773   -5.392  4.510   1.00 2.43  ? 32  ILE A CB  1 
ATOM   249 C CG1 . ILE A 1 39 ? 1.219   -4.141  3.741   1.00 4.27  ? 32  ILE A CG1 1 
ATOM   250 C CG2 . ILE A 1 39 ? 0.451   -6.531  3.558   1.00 3.42  ? 32  ILE A CG2 1 
ATOM   251 C CD1 . ILE A 1 39 ? 2.307   -4.405  2.719   1.00 4.96  ? 32  ILE A CD1 1 
ATOM   252 N N   . PHE A 1 40 ? -2.228  -6.674  5.717   1.00 3.29  ? 33  PHE A N   1 
ATOM   253 C CA  . PHE A 1 40 ? -2.866  -7.899  6.183   1.00 3.11  ? 33  PHE A CA  1 
ATOM   254 C C   . PHE A 1 40 ? -2.454  -9.069  5.313   1.00 3.33  ? 33  PHE A C   1 
ATOM   255 O O   . PHE A 1 40 ? -2.116  -10.143 5.817   1.00 4.42  ? 33  PHE A O   1 
ATOM   256 C CB  . PHE A 1 40 ? -4.383  -7.732  6.151   1.00 5.06  ? 33  PHE A CB  1 
ATOM   257 C CG  . PHE A 1 40 ? -5.136  -8.969  6.531   1.00 7.53  ? 33  PHE A CG  1 
ATOM   258 C CD1 . PHE A 1 40 ? -5.319  -9.290  7.859   1.00 8.61  ? 33  PHE A CD1 1 
ATOM   259 C CD2 . PHE A 1 40 ? -5.666  -9.808  5.559   1.00 8.66  ? 33  PHE A CD2 1 
ATOM   260 C CE1 . PHE A 1 40 ? -6.019  -10.434 8.218   1.00 10.52 ? 33  PHE A CE1 1 
ATOM   261 C CE2 . PHE A 1 40 ? -6.365  -10.947 5.910   1.00 11.26 ? 33  PHE A CE2 1 
ATOM   262 C CZ  . PHE A 1 40 ? -6.536  -11.260 7.240   1.00 11.23 ? 33  PHE A CZ  1 
ATOM   263 N N   . ASN A 1 41 ? -2.509  -8.883  4.003   1.00 2.61  ? 34  ASN A N   1 
ATOM   264 C CA  . ASN A 1 41 ? -1.986  -9.881  3.084   1.00 3.62  ? 34  ASN A CA  1 
ATOM   265 C C   . ASN A 1 41 ? -1.653  -9.268  1.727   1.00 4.27  ? 34  ASN A C   1 
ATOM   266 O O   . ASN A 1 41 ? -2.050  -8.134  1.418   1.00 5.34  ? 34  ASN A O   1 
ATOM   267 C CB  . ASN A 1 41 ? -2.908  -11.118 2.967   1.00 7.80  ? 34  ASN A CB  1 
ATOM   268 C CG  . ASN A 1 41 ? -4.224  -10.835 2.257   1.00 11.10 ? 34  ASN A CG  1 
ATOM   269 O OD1 . ASN A 1 41 ? -4.450  -9.749  1.731   1.00 14.19 ? 34  ASN A OD1 1 
ATOM   270 N ND2 . ASN A 1 41 ? -5.099  -11.841 2.223   1.00 12.38 ? 34  ASN A ND2 1 
ATOM   271 N N   . VAL A 1 42 ? -0.910  -10.021 0.930   1.00 6.04  ? 35  VAL A N   1 
ATOM   272 C CA  . VAL A 1 42 ? -0.520  -9.623  -0.406  1.00 5.97  ? 35  VAL A CA  1 
ATOM   273 C C   . VAL A 1 42 ? -1.078  -10.688 -1.329  1.00 7.89  ? 35  VAL A C   1 
ATOM   274 O O   . VAL A 1 42 ? -0.779  -11.868 -1.157  1.00 8.77  ? 35  VAL A O   1 
ATOM   275 C CB  . VAL A 1 42 ? 1.014   -9.574  -0.524  1.00 7.39  ? 35  VAL A CB  1 
ATOM   276 C CG1 . VAL A 1 42 ? 1.441   -9.210  -1.942  1.00 7.44  ? 35  VAL A CG1 1 
ATOM   277 C CG2 . VAL A 1 42 ? 1.591   -8.593  0.494   1.00 8.78  ? 35  VAL A CG2 1 
ATOM   278 N N   . LEU A 1 43 ? -1.909  -10.282 -2.280  1.00 8.41  ? 36  LEU A N   1 
ATOM   279 C CA  . LEU A 1 43 ? -2.619  -11.222 -3.138  1.00 8.95  ? 36  LEU A CA  1 
ATOM   280 C C   . LEU A 1 43 ? -1.686  -11.867 -4.151  1.00 9.31  ? 36  LEU A C   1 
ATOM   281 O O   . LEU A 1 43 ? -0.910  -11.189 -4.810  1.00 9.12  ? 36  LEU A O   1 
ATOM   282 C CB  . LEU A 1 43 ? -3.778  -10.515 -3.849  1.00 11.79 ? 36  LEU A CB  1 
ATOM   283 C CG  . LEU A 1 43 ? -5.038  -10.244 -3.018  1.00 14.65 ? 36  LEU A CG  1 
ATOM   284 C CD1 . LEU A 1 43 ? -4.806  -9.300  -1.840  1.00 15.89 ? 36  LEU A CD1 1 
ATOM   285 C CD2 . LEU A 1 43 ? -6.126  -9.696  -3.911  1.00 15.43 ? 36  LEU A CD2 1 
ATOM   286 N N   . ASN A 1 44 ? -1.753  -13.189 -4.265  1.00 11.36 ? 37  ASN A N   1 
ATOM   287 C CA  A ASN A 1 44 ? -0.924  -13.914 -5.222  0.50 12.21 ? 37  ASN A CA  1 
ATOM   288 C CA  B ASN A 1 44 ? -0.914  -13.899 -5.218  0.50 12.60 ? 37  ASN A CA  1 
ATOM   289 C C   . ASN A 1 44 ? -1.121  -13.412 -6.648  1.00 11.92 ? 37  ASN A C   1 
ATOM   290 O O   . ASN A 1 44 ? -2.250  -13.290 -7.116  1.00 11.99 ? 37  ASN A O   1 
ATOM   291 C CB  A ASN A 1 44 ? -1.220  -15.416 -5.170  0.50 13.82 ? 37  ASN A CB  1 
ATOM   292 C CB  B ASN A 1 44 ? -1.154  -15.406 -5.138  0.50 14.99 ? 37  ASN A CB  1 
ATOM   293 C CG  A ASN A 1 44 ? -0.654  -16.087 -3.932  0.50 15.11 ? 37  ASN A CG  1 
ATOM   294 C CG  B ASN A 1 44 ? -0.371  -16.173 -6.183  0.50 16.99 ? 37  ASN A CG  1 
ATOM   295 O OD1 A ASN A 1 44 ? 0.189   -15.528 -3.232  0.50 15.63 ? 37  ASN A OD1 1 
ATOM   296 O OD1 B ASN A 1 44 ? 0.857   -16.230 -6.133  0.50 17.65 ? 37  ASN A OD1 1 
ATOM   297 N ND2 A ASN A 1 44 ? -1.111  -17.306 -3.667  0.50 16.00 ? 37  ASN A ND2 1 
ATOM   298 N ND2 B ASN A 1 44 ? -1.076  -16.764 -7.139  0.50 17.93 ? 37  ASN A ND2 1 
ATOM   299 N N   . GLY A 1 45 ? -0.014  -13.124 -7.325  1.00 10.99 ? 38  GLY A N   1 
ATOM   300 C CA  . GLY A 1 45 ? -0.044  -12.721 -8.717  1.00 9.93  ? 38  GLY A CA  1 
ATOM   301 C C   . GLY A 1 45 ? -0.348  -11.259 -8.985  1.00 8.44  ? 38  GLY A C   1 
ATOM   302 O O   . GLY A 1 45 ? -0.279  -10.817 -10.126 1.00 9.60  ? 38  GLY A O   1 
ATOM   303 N N   . GLY A 1 46 ? -0.679  -10.506 -7.941  1.00 7.59  ? 39  GLY A N   1 
ATOM   304 C CA  . GLY A 1 46 ? -0.948  -9.089  -8.085  1.00 6.34  ? 39  GLY A CA  1 
ATOM   305 C C   . GLY A 1 46 ? 0.323   -8.281  -8.269  1.00 5.60  ? 39  GLY A C   1 
ATOM   306 O O   . GLY A 1 46 ? 1.432   -8.823  -8.265  1.00 6.75  ? 39  GLY A O   1 
ATOM   307 N N   . VAL A 1 47 ? 0.158   -6.974  -8.431  1.00 5.04  ? 40  VAL A N   1 
ATOM   308 C CA  . VAL A 1 47 ? 1.288   -6.069  -8.629  1.00 5.29  ? 40  VAL A CA  1 
ATOM   309 C C   . VAL A 1 47 ? 2.297   -6.148  -7.485  1.00 4.31  ? 40  VAL A C   1 
ATOM   310 O O   . VAL A 1 47 ? 3.503   -6.257  -7.718  1.00 5.39  ? 40  VAL A O   1 
ATOM   311 C CB  . VAL A 1 47 ? 0.811   -4.612  -8.792  1.00 6.49  ? 40  VAL A CB  1 
ATOM   312 C CG1 . VAL A 1 47 ? 1.998   -3.659  -8.846  1.00 6.36  ? 40  VAL A CG1 1 
ATOM   313 C CG2 . VAL A 1 47 ? -0.044  -4.471  -10.051 1.00 7.89  ? 40  VAL A CG2 1 
ATOM   314 N N   . ALA A 1 48 ? 1.809   -6.096  -6.249  1.00 4.05  ? 41  ALA A N   1 
ATOM   315 C CA  . ALA A 1 48 ? 2.703   -6.134  -5.087  1.00 4.44  ? 41  ALA A CA  1 
ATOM   316 C C   . ALA A 1 48 ? 3.422   -7.472  -4.934  1.00 5.08  ? 41  ALA A C   1 
ATOM   317 O O   . ALA A 1 48 ? 4.592   -7.514  -4.543  1.00 6.21  ? 41  ALA A O   1 
ATOM   318 C CB  . ALA A 1 48 ? 1.957   -5.783  -3.808  1.00 3.97  ? 41  ALA A CB  1 
ATOM   319 N N   . ASP A 1 49 ? 2.720   -8.559  -5.231  1.00 6.20  ? 42  ASP A N   1 
ATOM   320 C CA  . ASP A 1 49 ? 3.310   -9.888  -5.135  1.00 7.87  ? 42  ASP A CA  1 
ATOM   321 C C   . ASP A 1 49 ? 4.425   -10.053 -6.162  1.00 8.49  ? 42  ASP A C   1 
ATOM   322 O O   . ASP A 1 49 ? 5.512   -10.550 -5.844  1.00 9.12  ? 42  ASP A O   1 
ATOM   323 C CB  . ASP A 1 49 ? 2.235   -10.950 -5.346  1.00 8.83  ? 42  ASP A CB  1 
ATOM   324 C CG  . ASP A 1 49 ? 2.780   -12.357 -5.245  1.00 12.26 ? 42  ASP A CG  1 
ATOM   325 O OD1 . ASP A 1 49 ? 3.603   -12.607 -4.342  1.00 13.33 ? 42  ASP A OD1 1 
ATOM   326 O OD2 . ASP A 1 49 ? 2.393   -13.204 -6.071  1.00 13.66 ? 42  ASP A OD2 1 
ATOM   327 N N   . ARG A 1 50 ? 4.153   -9.635  -7.395  1.00 9.57  ? 43  ARG A N   1 
ATOM   328 C CA  . ARG A 1 50 ? 5.134   -9.752  -8.471  1.00 11.52 ? 43  ARG A CA  1 
ATOM   329 C C   . ARG A 1 50 ? 6.378   -8.912  -8.214  1.00 11.00 ? 43  ARG A C   1 
ATOM   330 O O   . ARG A 1 50 ? 7.487   -9.312  -8.564  1.00 12.39 ? 43  ARG A O   1 
ATOM   331 C CB  . ARG A 1 50 ? 4.502   -9.395  -9.818  1.00 13.69 ? 43  ARG A CB  1 
ATOM   332 C CG  . ARG A 1 50 ? 3.720   -10.540 -10.435 1.00 17.90 ? 43  ARG A CG  1 
ATOM   333 C CD  . ARG A 1 50 ? 3.118   -10.163 -11.778 1.00 20.55 ? 43  ARG A CD  1 
ATOM   334 N NE  . ARG A 1 50 ? 1.713   -9.787  -11.651 1.00 23.18 ? 43  ARG A NE  1 
ATOM   335 C CZ  . ARG A 1 50 ? 1.245   -8.553  -11.815 1.00 23.63 ? 43  ARG A CZ  1 
ATOM   336 N NH1 . ARG A 1 50 ? 2.072   -7.564  -12.128 1.00 24.25 ? 43  ARG A NH1 1 
ATOM   337 N NH2 . ARG A 1 50 ? -0.054  -8.312  -11.679 1.00 23.08 ? 43  ARG A NH2 1 
ATOM   338 N N   . HIS A 1 51 ? 6.191   -7.749  -7.599  1.00 9.23  ? 44  HIS A N   1 
ATOM   339 C CA  . HIS A 1 51 ? 7.309   -6.901  -7.207  1.00 9.34  ? 44  HIS A CA  1 
ATOM   340 C C   . HIS A 1 51 ? 8.159   -7.608  -6.151  1.00 8.99  ? 44  HIS A C   1 
ATOM   341 O O   . HIS A 1 51 ? 9.394   -7.585  -6.218  1.00 9.72  ? 44  HIS A O   1 
ATOM   342 C CB  . HIS A 1 51 ? 6.782   -5.565  -6.692  1.00 9.55  ? 44  HIS A CB  1 
ATOM   343 C CG  . HIS A 1 51 ? 7.847   -4.630  -6.215  1.00 10.06 ? 44  HIS A CG  1 
ATOM   344 N ND1 . HIS A 1 51 ? 8.364   -4.685  -4.940  1.00 10.07 ? 44  HIS A ND1 1 
ATOM   345 C CD2 . HIS A 1 51 ? 8.465   -3.593  -6.829  1.00 10.45 ? 44  HIS A CD2 1 
ATOM   346 C CE1 . HIS A 1 51 ? 9.269   -3.735  -4.791  1.00 10.84 ? 44  HIS A CE1 1 
ATOM   347 N NE2 . HIS A 1 51 ? 9.348   -3.055  -5.923  1.00 10.63 ? 44  HIS A NE2 1 
ATOM   348 N N   . GLY A 1 52 ? 7.494   -8.220  -5.169  1.00 8.69  ? 45  GLY A N   1 
ATOM   349 C CA  . GLY A 1 52 ? 8.129   -9.185  -4.287  1.00 9.65  ? 45  GLY A CA  1 
ATOM   350 C C   . GLY A 1 52 ? 8.642   -8.707  -2.938  1.00 9.83  ? 45  GLY A C   1 
ATOM   351 O O   . GLY A 1 52 ? 8.939   -9.524  -2.061  1.00 12.67 ? 45  GLY A O   1 
ATOM   352 N N   . GLN A 1 53 ? 8.737   -7.396  -2.756  1.00 7.62  ? 46  GLN A N   1 
ATOM   353 C CA  . GLN A 1 53 ? 9.398   -6.852  -1.577  1.00 8.45  ? 46  GLN A CA  1 
ATOM   354 C C   . GLN A 1 53 ? 8.506   -6.769  -0.338  1.00 7.91  ? 46  GLN A C   1 
ATOM   355 O O   . GLN A 1 53 ? 8.958   -7.025  0.777   1.00 10.17 ? 46  GLN A O   1 
ATOM   356 C CB  . GLN A 1 53 ? 9.992   -5.478  -1.890  1.00 10.64 ? 46  GLN A CB  1 
ATOM   357 C CG  . GLN A 1 53 ? 10.803  -4.884  -0.751  1.00 14.69 ? 46  GLN A CG  1 
ATOM   358 C CD  . GLN A 1 53 ? 11.509  -3.606  -1.154  1.00 18.40 ? 46  GLN A CD  1 
ATOM   359 O OE1 . GLN A 1 53 ? 11.317  -3.103  -2.263  1.00 20.35 ? 46  GLN A OE1 1 
ATOM   360 N NE2 . GLN A 1 53 ? 12.335  -3.072  -0.254  1.00 19.33 ? 46  GLN A NE2 1 
ATOM   361 N N   . LEU A 1 54 ? 7.242   -6.420  -0.530  1.00 5.56  ? 47  LEU A N   1 
ATOM   362 C CA  . LEU A 1 54 ? 6.350   -6.197  0.604   1.00 4.65  ? 47  LEU A CA  1 
ATOM   363 C C   . LEU A 1 54 ? 5.994   -7.494  1.305   1.00 4.54  ? 47  LEU A C   1 
ATOM   364 O O   . LEU A 1 54 ? 5.827   -8.536  0.667   1.00 6.26  ? 47  LEU A O   1 
ATOM   365 C CB  . LEU A 1 54 ? 5.075   -5.493  0.144   1.00 5.07  ? 47  LEU A CB  1 
ATOM   366 C CG  . LEU A 1 54 ? 5.243   -4.042  -0.305  1.00 5.82  ? 47  LEU A CG  1 
ATOM   367 C CD1 . LEU A 1 54 ? 3.971   -3.552  -0.970  1.00 7.79  ? 47  LEU A CD1 1 
ATOM   368 C CD2 . LEU A 1 54 ? 5.602   -3.155  0.877   1.00 7.53  ? 47  LEU A CD2 1 
ATOM   369 N N   . GLU A 1 55 ? 5.884   -7.422  2.626   1.00 4.07  ? 48  GLU A N   1 
ATOM   370 C CA  . GLU A 1 55 ? 5.509   -8.586  3.422   1.00 4.52  ? 48  GLU A CA  1 
ATOM   371 C C   . GLU A 1 55 ? 4.335   -8.276  4.333   1.00 3.37  ? 48  GLU A C   1 
ATOM   372 O O   . GLU A 1 55 ? 4.054   -7.119  4.642   1.00 3.34  ? 48  GLU A O   1 
ATOM   373 C CB  . GLU A 1 55 ? 6.698   -9.076  4.243   1.00 6.68  ? 48  GLU A CB  1 
ATOM   374 C CG  . GLU A 1 55 ? 7.835   -9.587  3.374   1.00 9.54  ? 48  GLU A CG  1 
ATOM   375 C CD  . GLU A 1 55 ? 9.070   -9.977  4.158   1.00 13.39 ? 48  GLU A CD  1 
ATOM   376 O OE1 . GLU A 1 55 ? 8.989   -10.133 5.396   1.00 14.67 ? 48  GLU A OE1 1 
ATOM   377 O OE2 . GLU A 1 55 ? 10.133  -10.124 3.522   1.00 15.85 ? 48  GLU A OE2 1 
ATOM   378 N N   . GLU A 1 56 ? 3.632   -9.316  4.759   1.00 3.16  ? 49  GLU A N   1 
ATOM   379 C CA  . GLU A 1 56 ? 2.570   -9.131  5.733   1.00 4.20  ? 49  GLU A CA  1 
ATOM   380 C C   . GLU A 1 56 ? 3.122   -8.468  6.979   1.00 4.48  ? 49  GLU A C   1 
ATOM   381 O O   . GLU A 1 56 ? 4.264   -8.722  7.364   1.00 4.65  ? 49  GLU A O   1 
ATOM   382 C CB  . GLU A 1 56 ? 1.920   -10.459 6.103   1.00 5.26  ? 49  GLU A CB  1 
ATOM   383 C CG  . GLU A 1 56 ? 1.188   -11.087 4.945   1.00 4.83  ? 49  GLU A CG  1 
ATOM   384 C CD  . GLU A 1 56 ? 0.186   -12.135 5.374   1.00 4.29  ? 49  GLU A CD  1 
ATOM   385 O OE1 . GLU A 1 56 ? 0.014   -12.352 6.596   1.00 4.80  ? 49  GLU A OE1 1 
ATOM   386 O OE2 . GLU A 1 56 ? -0.450  -12.718 4.476   1.00 4.25  ? 49  GLU A OE2 1 
ATOM   387 N N   . ASN A 1 57 ? 2.303   -7.602  7.572   1.00 4.36  ? 50  ASN A N   1 
ATOM   388 C CA  . ASN A 1 57 ? 2.621   -6.850  8.786   1.00 6.17  ? 50  ASN A CA  1 
ATOM   389 C C   . ASN A 1 57 ? 3.483   -5.617  8.549   1.00 4.61  ? 50  ASN A C   1 
ATOM   390 O O   . ASN A 1 57 ? 3.711   -4.844  9.471   1.00 5.31  ? 50  ASN A O   1 
ATOM   391 C CB  . ASN A 1 57 ? 3.237   -7.751  9.866   1.00 10.35 ? 50  ASN A CB  1 
ATOM   392 C CG  . ASN A 1 57 ? 3.273   -7.105  11.240  1.00 16.31 ? 50  ASN A CG  1 
ATOM   393 O OD1 . ASN A 1 57 ? 2.236   -6.845  11.839  1.00 18.68 ? 50  ASN A OD1 1 
ATOM   394 N ND2 . ASN A 1 57 ? 4.474   -6.871  11.754  1.00 18.39 ? 50  ASN A ND2 1 
ATOM   395 N N   . ASP A 1 58 ? 3.947   -5.420  7.316   1.00 2.96  ? 51  ASP A N   1 
ATOM   396 C CA  . ASP A 1 58 ? 4.623   -4.173  6.977   1.00 2.76  ? 51  ASP A CA  1 
ATOM   397 C C   . ASP A 1 58 ? 3.681   -3.013  7.257   1.00 2.54  ? 51  ASP A C   1 
ATOM   398 O O   . ASP A 1 58 ? 2.469   -3.110  7.031   1.00 3.85  ? 51  ASP A O   1 
ATOM   399 C CB  . ASP A 1 58 ? 5.026   -4.133  5.508   1.00 3.59  ? 51  ASP A CB  1 
ATOM   400 C CG  . ASP A 1 58 ? 6.274   -4.936  5.203   1.00 4.46  ? 51  ASP A CG  1 
ATOM   401 O OD1 . ASP A 1 58 ? 6.930   -5.442  6.142   1.00 5.37  ? 51  ASP A OD1 1 
ATOM   402 O OD2 . ASP A 1 58 ? 6.606   -5.030  3.998   1.00 5.82  ? 51  ASP A OD2 1 
ATOM   403 N N   . ARG A 1 59 ? 4.239   -1.918  7.750   1.00 2.91  ? 52  ARG A N   1 
ATOM   404 C CA  . ARG A 1 59 ? 3.453   -0.724  8.015   1.00 2.76  ? 52  ARG A CA  1 
ATOM   405 C C   . ARG A 1 59 ? 3.642   0.277   6.891   1.00 2.55  ? 52  ARG A C   1 
ATOM   406 O O   . ARG A 1 59 ? 4.777   0.600   6.529   1.00 4.47  ? 52  ARG A O   1 
ATOM   407 C CB  . ARG A 1 59 ? 3.899   -0.081  9.316   1.00 3.79  ? 52  ARG A CB  1 
ATOM   408 C CG  . ARG A 1 59 ? 3.052   1.092   9.728   1.00 4.47  ? 52  ARG A CG  1 
ATOM   409 C CD  . ARG A 1 59 ? 3.538   1.648   11.030  1.00 5.31  ? 52  ARG A CD  1 
ATOM   410 N NE  . ARG A 1 59 ? 2.758   2.801   11.454  1.00 4.76  ? 52  ARG A NE  1 
ATOM   411 C CZ  . ARG A 1 59 ? 2.846   3.323   12.670  1.00 6.47  ? 52  ARG A CZ  1 
ATOM   412 N NH1 . ARG A 1 59 ? 3.673   2.785   13.561  1.00 9.46  ? 52  ARG A NH1 1 
ATOM   413 N NH2 . ARG A 1 59 ? 2.115   4.374   12.997  1.00 7.86  ? 52  ARG A NH2 1 
ATOM   414 N N   . VAL A 1 60 ? 2.543   0.778   6.338   1.00 2.18  ? 53  VAL A N   1 
ATOM   415 C CA  . VAL A 1 60 ? 2.630   1.801   5.305   1.00 3.14  ? 53  VAL A CA  1 
ATOM   416 C C   . VAL A 1 60 ? 2.647   3.164   5.976   1.00 2.84  ? 53  VAL A C   1 
ATOM   417 O O   . VAL A 1 60 ? 1.649   3.592   6.559   1.00 3.39  ? 53  VAL A O   1 
ATOM   418 C CB  . VAL A 1 60 ? 1.442   1.727   4.336   1.00 3.46  ? 53  VAL A CB  1 
ATOM   419 C CG1 . VAL A 1 60 ? 1.541   2.846   3.310   1.00 4.26  ? 53  VAL A CG1 1 
ATOM   420 C CG2 . VAL A 1 60 ? 1.410   0.375   3.642   1.00 5.77  ? 53  VAL A CG2 1 
ATOM   421 N N   . LEU A 1 61 ? 3.788   3.840   5.897   1.00 2.50  ? 54  LEU A N   1 
ATOM   422 C CA  . LEU A 1 61 ? 3.970   5.134   6.552   1.00 3.74  ? 54  LEU A CA  1 
ATOM   423 C C   . LEU A 1 61 ? 3.538   6.316   5.699   1.00 3.38  ? 54  LEU A C   1 
ATOM   424 O O   . LEU A 1 61 ? 3.186   7.365   6.227   1.00 3.75  ? 54  LEU A O   1 
ATOM   425 C CB  . LEU A 1 61 ? 5.431   5.317   6.933   1.00 4.70  ? 54  LEU A CB  1 
ATOM   426 C CG  . LEU A 1 61 ? 5.917   4.350   8.007   1.00 6.41  ? 54  LEU A CG  1 
ATOM   427 C CD1 . LEU A 1 61 ? 7.410   4.520   8.204   1.00 9.02  ? 54  LEU A CD1 1 
ATOM   428 C CD2 . LEU A 1 61 ? 5.160   4.582   9.303   1.00 7.99  ? 54  LEU A CD2 1 
ATOM   429 N N   . ALA A 1 62 ? 3.589   6.148   4.383   1.00 2.83  ? 55  ALA A N   1 
ATOM   430 C CA  . ALA A 1 62 ? 3.252   7.221   3.453   1.00 2.87  ? 55  ALA A CA  1 
ATOM   431 C C   . ALA A 1 62 ? 2.995   6.629   2.080   1.00 2.49  ? 55  ALA A C   1 
ATOM   432 O O   . ALA A 1 62 ? 3.564   5.605   1.716   1.00 3.85  ? 55  ALA A O   1 
ATOM   433 C CB  . ALA A 1 62 ? 4.388   8.254   3.384   1.00 4.38  ? 55  ALA A CB  1 
ATOM   434 N N   . ILE A 1 63 ? 2.128   7.283   1.320   1.00 2.85  ? 56  ILE A N   1 
ATOM   435 C CA  . ILE A 1 63 ? 1.906   6.942   -0.079  1.00 2.69  ? 56  ILE A CA  1 
ATOM   436 C C   . ILE A 1 63 ? 2.013   8.220   -0.888  1.00 1.86  ? 56  ILE A C   1 
ATOM   437 O O   . ILE A 1 63 ? 1.299   9.201   -0.633  1.00 2.29  ? 56  ILE A O   1 
ATOM   438 C CB  . ILE A 1 63 ? 0.532   6.298   -0.320  1.00 3.81  ? 56  ILE A CB  1 
ATOM   439 C CG1 . ILE A 1 63 ? 0.490   4.932   0.373   1.00 5.56  ? 56  ILE A CG1 1 
ATOM   440 C CG2 . ILE A 1 63 ? 0.274   6.161   -1.813  1.00 4.54  ? 56  ILE A CG2 1 
ATOM   441 C CD1 . ILE A 1 63 ? -0.854  4.272   0.392   1.00 8.18  ? 56  ILE A CD1 1 
ATOM   442 N N   . ASN A 1 64 ? 2.932   8.215   -1.848  1.00 2.19  ? 57  ASN A N   1 
ATOM   443 C CA  . ASN A 1 64 ? 3.187   9.370   -2.700  1.00 2.50  ? 57  ASN A CA  1 
ATOM   444 C C   . ASN A 1 64 ? 3.374   10.668  -1.929  1.00 2.95  ? 57  ASN A C   1 
ATOM   445 O O   . ASN A 1 64 ? 2.917   11.723  -2.356  1.00 3.57  ? 57  ASN A O   1 
ATOM   446 C CB  . ASN A 1 64 ? 2.098   9.487   -3.770  1.00 2.65  ? 57  ASN A CB  1 
ATOM   447 C CG  . ASN A 1 64 ? 2.206   8.390   -4.794  1.00 4.21  ? 57  ASN A CG  1 
ATOM   448 O OD1 . ASN A 1 64 ? 3.291   7.833   -4.977  1.00 5.56  ? 57  ASN A OD1 1 
ATOM   449 N ND2 . ASN A 1 64 ? 1.096   8.057   -5.462  1.00 5.45  ? 57  ASN A ND2 1 
ATOM   450 N N   . GLY A 1 65 ? 4.036   10.572  -0.781  1.00 3.05  ? 58  GLY A N   1 
ATOM   451 C CA  . GLY A 1 65 ? 4.356   11.735  0.027   1.00 3.96  ? 58  GLY A CA  1 
ATOM   452 C C   . GLY A 1 65 ? 3.260   12.169  0.975   1.00 4.02  ? 58  GLY A C   1 
ATOM   453 O O   . GLY A 1 65 ? 3.429   13.147  1.710   1.00 7.25  ? 58  GLY A O   1 
ATOM   454 N N   . HIS A 1 66 ? 2.142   11.450  0.974   1.00 3.74  ? 59  HIS A N   1 
ATOM   455 C CA  . HIS A 1 66 ? 1.058   11.749  1.896   1.00 5.13  ? 59  HIS A CA  1 
ATOM   456 C C   . HIS A 1 66 ? 1.203   10.877  3.132   1.00 4.53  ? 59  HIS A C   1 
ATOM   457 O O   . HIS A 1 66 ? 1.229   9.650   3.040   1.00 4.42  ? 59  HIS A O   1 
ATOM   458 C CB  . HIS A 1 66 ? -0.294  11.526  1.222   1.00 6.38  ? 59  HIS A CB  1 
ATOM   459 C CG  . HIS A 1 66 ? -0.497  12.364  0.005   1.00 7.69  ? 59  HIS A CG  1 
ATOM   460 N ND1 . HIS A 1 66 ? -1.205  13.546  0.027   1.00 11.11 ? 59  HIS A ND1 1 
ATOM   461 C CD2 . HIS A 1 66 ? -0.087  12.192  -1.275  1.00 7.89  ? 59  HIS A CD2 1 
ATOM   462 C CE1 . HIS A 1 66 ? -1.217  14.069  -1.186  1.00 10.95 ? 59  HIS A CE1 1 
ATOM   463 N NE2 . HIS A 1 66 ? -0.544  13.269  -1.993  1.00 9.27  ? 59  HIS A NE2 1 
ATOM   464 N N   . ASP A 1 67 ? 1.302   11.520  4.286   1.00 6.21  ? 60  ASP A N   1 
ATOM   465 C CA  . ASP A 1 67 ? 1.581   10.837  5.536   1.00 6.52  ? 60  ASP A CA  1 
ATOM   466 C C   . ASP A 1 67 ? 0.432   9.935   5.950   1.00 6.38  ? 60  ASP A C   1 
ATOM   467 O O   . ASP A 1 67 ? -0.732  10.333  5.910   1.00 8.92  ? 60  ASP A O   1 
ATOM   468 C CB  . ASP A 1 67 ? 1.859   11.864  6.628   1.00 9.18  ? 60  ASP A CB  1 
ATOM   469 C CG  . ASP A 1 67 ? 2.036   11.232  7.989   1.00 12.83 ? 60  ASP A CG  1 
ATOM   470 O OD1 . ASP A 1 67 ? 2.707   10.185  8.088   1.00 12.09 ? 60  ASP A OD1 1 
ATOM   471 O OD2 . ASP A 1 67 ? 1.502   11.791  8.971   1.00 18.69 ? 60  ASP A OD2 1 
ATOM   472 N N   . LEU A 1 68 ? 0.772   8.707   6.319   1.00 3.68  ? 61  LEU A N   1 
ATOM   473 C CA  . LEU A 1 68 ? -0.215  7.758   6.806   1.00 3.80  ? 61  LEU A CA  1 
ATOM   474 C C   . LEU A 1 68 ? 0.185   7.164   8.151   1.00 3.63  ? 61  LEU A C   1 
ATOM   475 O O   . LEU A 1 68 ? -0.413  6.186   8.585   1.00 3.00  ? 61  LEU A O   1 
ATOM   476 C CB  . LEU A 1 68 ? -0.426  6.637   5.788   1.00 4.97  ? 61  LEU A CB  1 
ATOM   477 C CG  . LEU A 1 68 ? -1.206  7.055   4.542   1.00 6.51  ? 61  LEU A CG  1 
ATOM   478 C CD1 . LEU A 1 68 ? -1.110  5.961   3.504   1.00 7.17  ? 61  LEU A CD1 1 
ATOM   479 C CD2 . LEU A 1 68 ? -2.670  7.329   4.898   1.00 7.44  ? 61  LEU A CD2 1 
ATOM   480 N N   . ARG A 1 69 ? 1.188   7.745   8.807   1.00 3.75  ? 62  ARG A N   1 
ATOM   481 C CA  . ARG A 1 69 ? 1.624   7.235   10.106  1.00 3.91  ? 62  ARG A CA  1 
ATOM   482 C C   . ARG A 1 69 ? 0.447   7.093   11.057  1.00 3.97  ? 62  ARG A C   1 
ATOM   483 O O   . ARG A 1 69 ? 0.298   6.074   11.725  1.00 4.72  ? 62  ARG A O   1 
ATOM   484 C CB  . ARG A 1 69 ? 2.688   8.138   10.731  1.00 6.05  ? 62  ARG A CB  1 
ATOM   485 C CG  . ARG A 1 69 ? 3.346   7.529   11.971  1.00 9.63  ? 62  ARG A CG  1 
ATOM   486 C CD  . ARG A 1 69 ? 4.474   8.408   12.510  1.00 12.18 ? 62  ARG A CD  1 
ATOM   487 N NE  . ARG A 1 69 ? 5.506   8.654   11.508  1.00 14.77 ? 62  ARG A NE  1 
ATOM   488 C CZ  . ARG A 1 69 ? 6.587   7.898   11.346  1.00 16.62 ? 62  ARG A CZ  1 
ATOM   489 N NH1 . ARG A 1 69 ? 6.795   6.850   12.132  1.00 17.55 ? 62  ARG A NH1 1 
ATOM   490 N NH2 . ARG A 1 69 ? 7.465   8.194   10.400  1.00 17.56 ? 62  ARG A NH2 1 
ATOM   491 N N   . PHE A 1 70 ? -0.400  8.113   11.093  1.00 3.84  ? 63  PHE A N   1 
ATOM   492 C CA  . PHE A 1 70 ? -1.607  8.077   11.906  1.00 4.57  ? 63  PHE A CA  1 
ATOM   493 C C   . PHE A 1 70 ? -2.864  8.092   11.043  1.00 5.14  ? 63  PHE A C   1 
ATOM   494 O O   . PHE A 1 70 ? -3.918  8.566   11.461  1.00 6.55  ? 63  PHE A O   1 
ATOM   495 C CB  . PHE A 1 70 ? -1.584  9.206   12.936  1.00 5.56  ? 63  PHE A CB  1 
ATOM   496 C CG  . PHE A 1 70 ? -0.526  9.014   13.974  1.00 6.00  ? 63  PHE A CG  1 
ATOM   497 C CD1 . PHE A 1 70 ? -0.803  8.295   15.118  1.00 7.69  ? 63  PHE A CD1 1 
ATOM   498 C CD2 . PHE A 1 70 ? 0.758   9.488   13.778  1.00 6.31  ? 63  PHE A CD2 1 
ATOM   499 C CE1 . PHE A 1 70 ? 0.166   8.077   16.068  1.00 7.78  ? 63  PHE A CE1 1 
ATOM   500 C CE2 . PHE A 1 70 ? 1.737   9.276   14.736  1.00 7.33  ? 63  PHE A CE2 1 
ATOM   501 C CZ  . PHE A 1 70 ? 1.438   8.566   15.873  1.00 7.61  ? 63  PHE A CZ  1 
ATOM   502 N N   . GLY A 1 71 ? -2.737  7.535   9.838   1.00 5.07  ? 64  GLY A N   1 
ATOM   503 C CA  . GLY A 1 71 ? -3.823  7.497   8.876   1.00 5.53  ? 64  GLY A CA  1 
ATOM   504 C C   . GLY A 1 71 ? -4.601  6.195   8.851   1.00 5.00  ? 64  GLY A C   1 
ATOM   505 O O   . GLY A 1 71 ? -4.396  5.321   9.684   1.00 5.30  ? 64  GLY A O   1 
ATOM   506 N N   . SER A 1 72 ? -5.488  6.075   7.865   1.00 4.59  ? 65  SER A N   1 
ATOM   507 C CA  . SER A 1 72 ? -6.445  4.981   7.767   1.00 4.78  ? 65  SER A CA  1 
ATOM   508 C C   . SER A 1 72 ? -6.268  4.206   6.470   1.00 3.87  ? 65  SER A C   1 
ATOM   509 O O   . SER A 1 72 ? -5.772  4.743   5.481   1.00 3.46  ? 65  SER A O   1 
ATOM   510 C CB  . SER A 1 72 ? -7.856  5.557   7.772   1.00 6.88  ? 65  SER A CB  1 
ATOM   511 O OG  . SER A 1 72 ? -8.080  6.291   6.578   1.00 9.53  ? 65  SER A OG  1 
ATOM   512 N N   . PRO A 1 73 ? -6.703  2.940   6.462   1.00 3.21  ? 66  PRO A N   1 
ATOM   513 C CA  . PRO A 1 73 ? -6.674  2.164   5.220   1.00 3.09  ? 66  PRO A CA  1 
ATOM   514 C C   . PRO A 1 73 ? -7.514  2.827   4.121   1.00 2.12  ? 66  PRO A C   1 
ATOM   515 O O   . PRO A 1 73 ? -7.179  2.728   2.939   1.00 2.30  ? 66  PRO A O   1 
ATOM   516 C CB  . PRO A 1 73 ? -7.270  0.815   5.643   1.00 3.56  ? 66  PRO A CB  1 
ATOM   517 C CG  . PRO A 1 73 ? -6.939  0.719   7.123   1.00 4.85  ? 66  PRO A CG  1 
ATOM   518 C CD  . PRO A 1 73 ? -7.099  2.123   7.626   1.00 4.22  ? 66  PRO A CD  1 
ATOM   519 N N   . GLU A 1 74 ? -8.593  3.501   4.503   1.00 2.40  ? 67  GLU A N   1 
ATOM   520 C CA  . GLU A 1 74 ? -9.442  4.158   3.514   1.00 2.99  ? 67  GLU A CA  1 
ATOM   521 C C   . GLU A 1 74 ? -8.680  5.272   2.801   1.00 2.35  ? 67  GLU A C   1 
ATOM   522 O O   . GLU A 1 74 ? -8.787  5.427   1.582   1.00 2.00  ? 67  GLU A O   1 
ATOM   523 C CB  . GLU A 1 74 ? -10.723 4.708   4.147   1.00 4.42  ? 67  GLU A CB  1 
ATOM   524 C CG  . GLU A 1 74 ? -11.701 3.648   4.651   1.00 6.45  ? 67  GLU A CG  1 
ATOM   525 C CD  . GLU A 1 74 ? -11.387 3.157   6.054   1.00 7.44  ? 67  GLU A CD  1 
ATOM   526 O OE1 . GLU A 1 74 ? -10.395 3.602   6.672   1.00 7.57  ? 67  GLU A OE1 1 
ATOM   527 O OE2 . GLU A 1 74 ? -12.161 2.321   6.550   1.00 10.29 ? 67  GLU A OE2 1 
ATOM   528 N N   . SER A 1 75 ? -7.910  6.049   3.555   1.00 3.32  ? 68  SER A N   1 
ATOM   529 C CA  A SER A 1 75 ? -7.099  7.100   2.950   0.50 2.91  ? 68  SER A CA  1 
ATOM   530 C CA  B SER A 1 75 ? -7.116  7.100   2.941   0.50 2.54  ? 68  SER A CA  1 
ATOM   531 C C   . SER A 1 75 ? -6.059  6.489   2.026   1.00 2.63  ? 68  SER A C   1 
ATOM   532 O O   . SER A 1 75 ? -5.839  6.971   0.916   1.00 2.60  ? 68  SER A O   1 
ATOM   533 C CB  A SER A 1 75 ? -6.417  7.967   4.006   0.50 3.94  ? 68  SER A CB  1 
ATOM   534 C CB  B SER A 1 75 ? -6.502  8.007   4.003   0.50 2.75  ? 68  SER A CB  1 
ATOM   535 O OG  A SER A 1 75 ? -5.563  8.910   3.384   0.50 5.13  ? 68  SER A OG  1 
ATOM   536 O OG  B SER A 1 75 ? -7.521  8.504   4.857   0.50 3.14  ? 68  SER A OG  1 
ATOM   537 N N   . ALA A 1 76 ? -5.429  5.411   2.482   1.00 2.88  ? 69  ALA A N   1 
ATOM   538 C CA  . ALA A 1 76 ? -4.453  4.717   1.655   1.00 2.36  ? 69  ALA A CA  1 
ATOM   539 C C   . ALA A 1 76 ? -5.055  4.287   0.316   1.00 1.45  ? 69  ALA A C   1 
ATOM   540 O O   . ALA A 1 76 ? -4.458  4.498   -0.735  1.00 2.03  ? 69  ALA A O   1 
ATOM   541 C CB  . ALA A 1 76 ? -3.903  3.510   2.392   1.00 3.05  ? 69  ALA A CB  1 
ATOM   542 N N   . ALA A 1 77 ? -6.249  3.701   0.355   1.00 1.65  ? 70  ALA A N   1 
ATOM   543 C CA  . ALA A 1 77 ? -6.921  3.275   -0.868  1.00 1.85  ? 70  ALA A CA  1 
ATOM   544 C C   . ALA A 1 77 ? -7.166  4.448   -1.806  1.00 2.02  ? 70  ALA A C   1 
ATOM   545 O O   . ALA A 1 77 ? -6.946  4.349   -3.013  1.00 1.80  ? 70  ALA A O   1 
ATOM   546 C CB  . ALA A 1 77 ? -8.245  2.581   -0.524  1.00 3.15  ? 70  ALA A CB  1 
ATOM   547 N N   . HIS A 1 78 ? -7.614  5.555   -1.239  1.00 1.83  ? 71  HIS A N   1 
ATOM   548 C CA  . HIS A 1 78 ? -7.916  6.741   -2.018  1.00 2.25  ? 71  HIS A CA  1 
ATOM   549 C C   . HIS A 1 78 ? -6.666  7.293   -2.702  1.00 1.61  ? 71  HIS A C   1 
ATOM   550 O O   . HIS A 1 78 ? -6.702  7.671   -3.871  1.00 1.47  ? 71  HIS A O   1 
ATOM   551 C CB  . HIS A 1 78 ? -8.535  7.793   -1.105  1.00 2.37  ? 71  HIS A CB  1 
ATOM   552 C CG  . HIS A 1 78 ? -8.889  9.069   -1.804  1.00 2.36  ? 71  HIS A CG  1 
ATOM   553 N ND1 . HIS A 1 78 ? -9.945  9.176   -2.687  1.00 3.36  ? 71  HIS A ND1 1 
ATOM   554 C CD2 . HIS A 1 78 ? -8.317  10.294  -1.755  1.00 3.49  ? 71  HIS A CD2 1 
ATOM   555 C CE1 . HIS A 1 78 ? -10.013 10.416  -3.142  1.00 2.71  ? 71  HIS A CE1 1 
ATOM   556 N NE2 . HIS A 1 78 ? -9.035  11.113  -2.593  1.00 3.59  ? 71  HIS A NE2 1 
ATOM   557 N N   . LEU A 1 79 ? -5.559  7.320   -1.967  1.00 1.57  ? 72  LEU A N   1 
ATOM   558 C CA  . LEU A 1 79 ? -4.288  7.825   -2.483  1.00 1.67  ? 72  LEU A CA  1 
ATOM   559 C C   . LEU A 1 79 ? -3.721  6.910   -3.556  1.00 2.36  ? 72  LEU A C   1 
ATOM   560 O O   . LEU A 1 79 ? -3.192  7.377   -4.558  1.00 2.95  ? 72  LEU A O   1 
ATOM   561 C CB  . LEU A 1 79 ? -3.283  7.984   -1.340  1.00 2.54  ? 72  LEU A CB  1 
ATOM   562 C CG  . LEU A 1 79 ? -3.636  9.054   -0.306  1.00 4.41  ? 72  LEU A CG  1 
ATOM   563 C CD1 . LEU A 1 79 ? -2.792  8.885   0.955   1.00 5.65  ? 72  LEU A CD1 1 
ATOM   564 C CD2 . LEU A 1 79 ? -3.476  10.468  -0.879  1.00 6.09  ? 72  LEU A CD2 1 
ATOM   565 N N   . ILE A 1 80 ? -3.849  5.601   -3.360  1.00 1.08  ? 73  ILE A N   1 
ATOM   566 C CA  . ILE A 1 80 ? -3.373  4.649   -4.357  1.00 1.59  ? 73  ILE A CA  1 
ATOM   567 C C   . ILE A 1 80 ? -4.168  4.787   -5.649  1.00 1.22  ? 73  ILE A C   1 
ATOM   568 O O   . ILE A 1 80 ? -3.604  4.802   -6.739  1.00 2.10  ? 73  ILE A O   1 
ATOM   569 C CB  . ILE A 1 80 ? -3.404  3.217   -3.798  1.00 2.66  ? 73  ILE A CB  1 
ATOM   570 C CG1 . ILE A 1 80 ? -2.332  3.091   -2.711  1.00 3.39  ? 73  ILE A CG1 1 
ATOM   571 C CG2 . ILE A 1 80 ? -3.180  2.182   -4.898  1.00 3.00  ? 73  ILE A CG2 1 
ATOM   572 C CD1 . ILE A 1 80 ? -2.498  1.891   -1.800  1.00 4.73  ? 73  ILE A CD1 1 
ATOM   573 N N   . GLN A 1 81 ? -5.481  4.922   -5.518  1.00 1.48  ? 74  GLN A N   1 
ATOM   574 C CA  . GLN A 1 81 ? -6.339  5.151   -6.678  1.00 1.48  ? 74  GLN A CA  1 
ATOM   575 C C   . GLN A 1 81 ? -6.012  6.449   -7.416  1.00 1.96  ? 74  GLN A C   1 
ATOM   576 O O   . GLN A 1 81 ? -6.070  6.492   -8.644  1.00 3.12  ? 74  GLN A O   1 
ATOM   577 C CB  . GLN A 1 81 ? -7.806  5.167   -6.256  1.00 2.42  ? 74  GLN A CB  1 
ATOM   578 C CG  . GLN A 1 81 ? -8.341  3.794   -5.861  1.00 2.22  ? 74  GLN A CG  1 
ATOM   579 C CD  . GLN A 1 81 ? -8.789  2.965   -7.049  1.00 1.97  ? 74  GLN A CD  1 
ATOM   580 O OE1 . GLN A 1 81 ? -8.322  3.136   -8.176  1.00 2.24  ? 74  GLN A OE1 1 
ATOM   581 N NE2 . GLN A 1 81 ? -9.721  2.056   -6.794  1.00 2.59  ? 74  GLN A NE2 1 
ATOM   582 N N   . ALA A 1 82 ? -5.690  7.500   -6.664  1.00 2.02  ? 75  ALA A N   1 
ATOM   583 C CA  . ALA A 1 82 ? -5.498  8.830   -7.245  1.00 2.96  ? 75  ALA A CA  1 
ATOM   584 C C   . ALA A 1 82 ? -4.333  8.915   -8.225  1.00 4.61  ? 75  ALA A C   1 
ATOM   585 O O   . ALA A 1 82 ? -4.359  9.719   -9.147  1.00 6.84  ? 75  ALA A O   1 
ATOM   586 C CB  . ALA A 1 82 ? -5.324  9.862   -6.148  1.00 3.03  ? 75  ALA A CB  1 
ATOM   587 N N   . SER A 1 83 ? -3.319  8.084   -8.033  1.00 4.82  ? 76  SER A N   1 
ATOM   588 C CA  A SER A 1 83 ? -2.138  8.087   -8.892  0.50 6.73  ? 76  SER A CA  1 
ATOM   589 C CA  B SER A 1 83 ? -2.168  8.155   -8.913  0.50 5.41  ? 76  SER A CA  1 
ATOM   590 C C   . SER A 1 83 ? -2.473  7.508   -10.257 1.00 6.64  ? 76  SER A C   1 
ATOM   591 O O   . SER A 1 83 ? -3.161  6.497   -10.342 1.00 8.54  ? 76  SER A O   1 
ATOM   592 C CB  A SER A 1 83 ? -1.049  7.226   -8.258  0.50 9.44  ? 76  SER A CB  1 
ATOM   593 C CB  B SER A 1 83 ? -0.955  7.504   -8.268  0.50 5.62  ? 76  SER A CB  1 
ATOM   594 O OG  A SER A 1 83 ? -0.927  7.484   -6.871  0.50 11.39 ? 76  SER A OG  1 
ATOM   595 O OG  B SER A 1 83 ? 0.192   7.730   -9.062  0.50 4.63  ? 76  SER A OG  1 
ATOM   596 N N   . GLU A 1 84 ? -1.981  8.118   -11.324 1.00 6.56  ? 77  GLU A N   1 
ATOM   597 C CA  . GLU A 1 84 ? -2.196  7.538   -12.639 1.00 7.11  ? 77  GLU A CA  1 
ATOM   598 C C   . GLU A 1 84 ? -1.466  6.201   -12.770 1.00 6.82  ? 77  GLU A C   1 
ATOM   599 O O   . GLU A 1 84 ? -2.007  5.235   -13.323 1.00 7.39  ? 77  GLU A O   1 
ATOM   600 C CB  . GLU A 1 84 ? -1.753  8.523   -13.722 1.00 10.30 ? 77  GLU A CB  1 
ATOM   601 C CG  . GLU A 1 84 ? -2.698  9.696   -13.868 1.00 14.39 ? 77  GLU A CG  1 
ATOM   602 C CD  . GLU A 1 84 ? -4.083  9.252   -14.292 1.00 17.46 ? 77  GLU A CD  1 
ATOM   603 O OE1 . GLU A 1 84 ? -4.192  8.573   -15.335 1.00 18.27 ? 77  GLU A OE1 1 
ATOM   604 O OE2 . GLU A 1 84 ? -5.063  9.569   -13.583 1.00 18.75 ? 77  GLU A OE2 1 
ATOM   605 N N   . ARG A 1 85 ? -0.251  6.146   -12.233 1.00 5.86  ? 78  ARG A N   1 
ATOM   606 C CA  . ARG A 1 85 ? 0.611   4.979   -12.388 1.00 5.03  ? 78  ARG A CA  1 
ATOM   607 C C   . ARG A 1 85 ? 1.477   4.692   -11.159 1.00 4.55  ? 78  ARG A C   1 
ATOM   608 O O   . ARG A 1 85 ? 1.425   3.602   -10.592 1.00 4.34  ? 78  ARG A O   1 
ATOM   609 C CB  . ARG A 1 85 ? 1.511   5.154   -13.613 1.00 5.91  ? 78  ARG A CB  1 
ATOM   610 C CG  . ARG A 1 85 ? 2.494   4.018   -13.814 1.00 9.00  ? 78  ARG A CG  1 
ATOM   611 C CD  . ARG A 1 85 ? 3.301   4.221   -15.083 1.00 13.59 ? 78  ARG A CD  1 
ATOM   612 N NE  . ARG A 1 85 ? 4.170   3.085   -15.365 1.00 18.99 ? 78  ARG A NE  1 
ATOM   613 C CZ  . ARG A 1 85 ? 5.481   3.073   -15.153 1.00 22.72 ? 78  ARG A CZ  1 
ATOM   614 N NH1 . ARG A 1 85 ? 6.085   4.144   -14.653 1.00 24.32 ? 78  ARG A NH1 1 
ATOM   615 N NH2 . ARG A 1 85 ? 6.187   1.988   -15.441 1.00 24.26 ? 78  ARG A NH2 1 
ATOM   616 N N   . ARG A 1 86 ? 2.280   5.668   -10.749 1.00 4.17  ? 79  ARG A N   1 
ATOM   617 C CA  . ARG A 1 86 ? 3.300   5.434   -9.734  1.00 4.70  ? 79  ARG A CA  1 
ATOM   618 C C   . ARG A 1 86 ? 2.730   5.426   -8.328  1.00 3.93  ? 79  ARG A C   1 
ATOM   619 O O   . ARG A 1 86 ? 1.992   6.327   -7.934  1.00 4.90  ? 79  ARG A O   1 
ATOM   620 C CB  . ARG A 1 86 ? 4.389   6.502   -9.837  1.00 6.29  ? 79  ARG A CB  1 
ATOM   621 C CG  . ARG A 1 86 ? 5.454   6.472   -8.732  1.00 7.21  ? 79  ARG A CG  1 
ATOM   622 C CD  . ARG A 1 86 ? 6.360   7.700   -8.889  1.00 8.44  ? 79  ARG A CD  1 
ATOM   623 N NE  . ARG A 1 86 ? 7.441   7.832   -7.905  1.00 9.53  ? 79  ARG A NE  1 
ATOM   624 C CZ  . ARG A 1 86 ? 7.335   8.490   -6.749  1.00 10.97 ? 79  ARG A CZ  1 
ATOM   625 N NH1 . ARG A 1 86 ? 6.175   9.028   -6.390  1.00 10.95 ? 79  ARG A NH1 1 
ATOM   626 N NH2 . ARG A 1 86 ? 8.386   8.600   -5.937  1.00 10.23 ? 79  ARG A NH2 1 
ATOM   627 N N   . VAL A 1 87 ? 3.101   4.412   -7.563  1.00 3.20  ? 80  VAL A N   1 
ATOM   628 C CA  . VAL A 1 87 ? 2.744   4.356   -6.159  1.00 3.79  ? 80  VAL A CA  1 
ATOM   629 C C   . VAL A 1 87 ? 4.009   4.160   -5.338  1.00 3.97  ? 80  VAL A C   1 
ATOM   630 O O   . VAL A 1 87 ? 4.562   3.056   -5.256  1.00 4.63  ? 80  VAL A O   1 
ATOM   631 C CB  . VAL A 1 87 ? 1.732   3.237   -5.847  1.00 3.85  ? 80  VAL A CB  1 
ATOM   632 C CG1 . VAL A 1 87 ? 1.331   3.306   -4.376  1.00 5.20  ? 80  VAL A CG1 1 
ATOM   633 C CG2 . VAL A 1 87 ? 0.508   3.362   -6.752  1.00 4.63  ? 80  VAL A CG2 1 
ATOM   634 N N   . HIS A 1 88 ? 4.470   5.251   -4.741  1.00 3.05  ? 81  HIS A N   1 
ATOM   635 C CA  . HIS A 1 88 ? 5.651   5.243   -3.890  1.00 2.92  ? 81  HIS A CA  1 
ATOM   636 C C   . HIS A 1 88 ? 5.231   5.049   -2.446  1.00 2.80  ? 81  HIS A C   1 
ATOM   637 O O   . HIS A 1 88 ? 4.611   5.932   -1.851  1.00 3.97  ? 81  HIS A O   1 
ATOM   638 C CB  . HIS A 1 88 ? 6.372   6.583   -4.031  1.00 3.91  ? 81  HIS A CB  1 
ATOM   639 C CG  . HIS A 1 88 ? 7.486   6.791   -3.052  1.00 4.03  ? 81  HIS A CG  1 
ATOM   640 N ND1 . HIS A 1 88 ? 7.883   8.046   -2.646  1.00 5.67  ? 81  HIS A ND1 1 
ATOM   641 C CD2 . HIS A 1 88 ? 8.294   5.916   -2.409  1.00 5.29  ? 81  HIS A CD2 1 
ATOM   642 C CE1 . HIS A 1 88 ? 8.885   7.936   -1.793  1.00 6.12  ? 81  HIS A CE1 1 
ATOM   643 N NE2 . HIS A 1 88 ? 9.157   6.654   -1.635  1.00 5.52  ? 81  HIS A NE2 1 
ATOM   644 N N   . LEU A 1 89 ? 5.564   3.888   -1.888  1.00 3.11  ? 82  LEU A N   1 
ATOM   645 C CA  A LEU A 1 89 ? 5.257   3.601   -0.495  0.70 4.21  ? 82  LEU A CA  1 
ATOM   646 C CA  B LEU A 1 89 ? 5.263   3.580   -0.496  0.30 3.54  ? 82  LEU A CA  1 
ATOM   647 C C   . LEU A 1 89 ? 6.497   3.778   0.374   1.00 3.76  ? 82  LEU A C   1 
ATOM   648 O O   . LEU A 1 89 ? 7.592   3.348   0.010   1.00 4.53  ? 82  LEU A O   1 
ATOM   649 C CB  A LEU A 1 89 ? 4.722   2.174   -0.334  0.70 6.23  ? 82  LEU A CB  1 
ATOM   650 C CB  B LEU A 1 89 ? 4.814   2.125   -0.360  0.30 3.94  ? 82  LEU A CB  1 
ATOM   651 C CG  A LEU A 1 89 ? 3.474   1.771   -1.121  0.70 5.75  ? 82  LEU A CG  1 
ATOM   652 C CG  B LEU A 1 89 ? 3.732   1.589   -1.293  0.30 3.10  ? 82  LEU A CG  1 
ATOM   653 C CD1 A LEU A 1 89 ? 3.846   1.076   -2.422  0.70 5.92  ? 82  LEU A CD1 1 
ATOM   654 C CD1 B LEU A 1 89 ? 3.552   0.093   -1.076  0.30 3.34  ? 82  LEU A CD1 1 
ATOM   655 C CD2 A LEU A 1 89 ? 2.553   0.887   -0.282  0.70 7.09  ? 82  LEU A CD2 1 
ATOM   656 C CD2 B LEU A 1 89 ? 2.425   2.324   -1.076  0.30 2.91  ? 82  LEU A CD2 1 
ATOM   657 N N   . VAL A 1 90 ? 6.323   4.427   1.520   1.00 3.63  ? 83  VAL A N   1 
ATOM   658 C CA  . VAL A 1 90 ? 7.362   4.425   2.541   1.00 4.02  ? 83  VAL A CA  1 
ATOM   659 C C   . VAL A 1 90 ? 6.861   3.420   3.564   1.00 3.20  ? 83  VAL A C   1 
ATOM   660 O O   . VAL A 1 90 ? 5.715   3.502   4.017   1.00 3.70  ? 83  VAL A O   1 
ATOM   661 C CB  . VAL A 1 90 ? 7.561   5.795   3.194   1.00 5.40  ? 83  VAL A CB  1 
ATOM   662 C CG1 . VAL A 1 90 ? 8.581   5.696   4.332   1.00 6.71  ? 83  VAL A CG1 1 
ATOM   663 C CG2 . VAL A 1 90 ? 8.014   6.804   2.152   1.00 6.49  ? 83  VAL A CG2 1 
ATOM   664 N N   . VAL A 1 91 ? 7.706   2.442   3.891   1.00 3.85  ? 84  VAL A N   1 
ATOM   665 C CA  . VAL A 1 91 ? 7.287   1.250   4.619   1.00 5.20  ? 84  VAL A CA  1 
ATOM   666 C C   . VAL A 1 91 ? 8.230   0.986   5.789   1.00 5.19  ? 84  VAL A C   1 
ATOM   667 O O   . VAL A 1 91 ? 9.425   1.234   5.686   1.00 6.06  ? 84  VAL A O   1 
ATOM   668 C CB  . VAL A 1 91 ? 7.325   0.021   3.682   1.00 8.04  ? 84  VAL A CB  1 
ATOM   669 C CG1 . VAL A 1 91 ? 6.792   -1.209  4.377   1.00 8.58  ? 84  VAL A CG1 1 
ATOM   670 C CG2 . VAL A 1 91 ? 6.522   0.276   2.422   1.00 8.78  ? 84  VAL A CG2 1 
ATOM   671 N N   . SER A 1 92 ? 7.698   0.485   6.899   1.00 6.06  ? 85  SER A N   1 
ATOM   672 C CA  . SER A 1 92 ? 8.563   -0.001  7.967   1.00 6.39  ? 85  SER A CA  1 
ATOM   673 C C   . SER A 1 92 ? 8.201   -1.437  8.325   1.00 6.56  ? 85  SER A C   1 
ATOM   674 O O   . SER A 1 92 ? 7.072   -1.894  8.094   1.00 6.49  ? 85  SER A O   1 
ATOM   675 C CB  . SER A 1 92 ? 8.518   0.906   9.196   1.00 7.81  ? 85  SER A CB  1 
ATOM   676 O OG  . SER A 1 92 ? 7.238   0.918   9.784   1.00 8.59  ? 85  SER A OG  1 
ATOM   677 N N   . ARG A 1 93 ? 9.175   -2.143  8.881   1.00 7.39  ? 86  ARG A N   1 
ATOM   678 C CA  . ARG A 1 93 ? 9.060   -3.567  9.124   1.00 9.70  ? 86  ARG A CA  1 
ATOM   679 C C   . ARG A 1 93 ? 9.726   -3.899  10.449  1.00 12.47 ? 86  ARG A C   1 
ATOM   680 O O   . ARG A 1 93 ? 10.837  -3.446  10.716  1.00 13.38 ? 86  ARG A O   1 
ATOM   681 C CB  . ARG A 1 93 ? 9.744   -4.318  7.981   1.00 9.99  ? 86  ARG A CB  1 
ATOM   682 C CG  . ARG A 1 93 ? 9.804   -5.824  8.127   1.00 10.04 ? 86  ARG A CG  1 
ATOM   683 C CD  . ARG A 1 93 ? 10.420  -6.437  6.878   1.00 10.12 ? 86  ARG A CD  1 
ATOM   684 N NE  . ARG A 1 93 ? 9.600   -6.176  5.696   1.00 9.46  ? 86  ARG A NE  1 
ATOM   685 C CZ  . ARG A 1 93 ? 9.981   -6.404  4.444   1.00 10.27 ? 86  ARG A CZ  1 
ATOM   686 N NH1 . ARG A 1 93 ? 11.189  -6.893  4.191   1.00 11.55 ? 86  ARG A NH1 1 
ATOM   687 N NH2 . ARG A 1 93 ? 9.153   -6.134  3.442   1.00 10.71 ? 86  ARG A NH2 1 
ATOM   688 N N   . GLN A 1 94 ? 9.041   -4.675  11.284  1.00 15.22 ? 87  GLN A N   1 
ATOM   689 C CA  . GLN A 1 94 ? 9.584   -5.068  12.579  1.00 19.62 ? 87  GLN A CA  1 
ATOM   690 C C   . GLN A 1 94 ? 10.305  -6.406  12.485  1.00 22.66 ? 87  GLN A C   1 
ATOM   691 O O   . GLN A 1 94 ? 11.316  -6.629  13.150  1.00 23.55 ? 87  GLN A O   1 
ATOM   692 C CB  . GLN A 1 94 ? 8.470   -5.138  13.624  1.00 21.10 ? 87  GLN A CB  1 
ATOM   693 C CG  . GLN A 1 94 ? 7.754   -3.821  13.844  1.00 22.62 ? 87  GLN A CG  1 
ATOM   694 C CD  . GLN A 1 94 ? 8.706   -2.690  14.184  1.00 24.19 ? 87  GLN A CD  1 
ATOM   695 O OE1 . GLN A 1 94 ? 9.487   -2.782  15.134  1.00 25.33 ? 87  GLN A OE1 1 
ATOM   696 N NE2 . GLN A 1 94 ? 8.652   -1.614  13.400  1.00 24.66 ? 87  GLN A NE2 1 
ATOM   697 O OXT . GLN A 1 94 ? 9.885   -7.296  11.739  1.00 24.16 ? 87  GLN A OXT 1 
ATOM   698 N N   . VAL B 2 6  ? -11.044 -5.696  6.211   1.00 12.38 ? 102 VAL B N   1 
ATOM   699 C CA  . VAL B 2 6  ? -9.842  -5.338  5.465   1.00 12.05 ? 102 VAL B CA  1 
ATOM   700 C C   . VAL B 2 6  ? -10.179 -4.415  4.294   1.00 9.59  ? 102 VAL B C   1 
ATOM   701 O O   . VAL B 2 6  ? -11.308 -4.392  3.815   1.00 11.78 ? 102 VAL B O   1 
ATOM   702 C CB  . VAL B 2 6  ? -9.108  -6.595  4.951   1.00 15.16 ? 102 VAL B CB  1 
ATOM   703 C CG1 . VAL B 2 6  ? -8.749  -7.505  6.111   1.00 16.31 ? 102 VAL B CG1 1 
ATOM   704 C CG2 . VAL B 2 6  ? -9.971  -7.344  3.955   1.00 16.97 ? 102 VAL B CG2 1 
ATOM   705 N N   . THR B 2 7  ? -9.195  -3.646  3.845   1.00 6.31  ? 103 THR B N   1 
ATOM   706 C CA  . THR B 2 7  ? -9.379  -2.720  2.732   1.00 5.29  ? 103 THR B CA  1 
ATOM   707 C C   . THR B 2 7  ? -8.461  -3.128  1.593   1.00 4.93  ? 103 THR B C   1 
ATOM   708 O O   . THR B 2 7  ? -7.240  -3.149  1.752   1.00 4.94  ? 103 THR B O   1 
ATOM   709 C CB  . THR B 2 7  ? -9.032  -1.284  3.158   1.00 5.94  ? 103 THR B CB  1 
ATOM   710 O OG1 . THR B 2 7  ? -9.904  -0.875  4.219   1.00 6.95  ? 103 THR B OG1 1 
ATOM   711 C CG2 . THR B 2 7  ? -9.155  -0.318  1.974   1.00 6.62  ? 103 THR B CG2 1 
ATOM   712 N N   . LEU B 2 8  ? -9.045  -3.475  0.452   1.00 4.18  ? 104 LEU B N   1 
ATOM   713 C CA  . LEU B 2 8  ? -8.258  -3.882  -0.700  1.00 5.70  ? 104 LEU B CA  1 
ATOM   714 C C   . LEU B 2 8  ? -7.768  -2.663  -1.453  1.00 6.53  ? 104 LEU B C   1 
ATOM   715 O O   . LEU B 2 8  ? -8.548  -1.760  -1.763  1.00 8.21  ? 104 LEU B O   1 
ATOM   716 C CB  . LEU B 2 8  ? -9.084  -4.763  -1.642  1.00 7.33  ? 104 LEU B CB  1 
ATOM   717 C CG  . LEU B 2 8  ? -8.411  -5.210  -2.946  1.00 10.28 ? 104 LEU B CG  1 
ATOM   718 C CD1 . LEU B 2 8  ? -7.141  -6.023  -2.688  1.00 11.40 ? 104 LEU B CD1 1 
ATOM   719 C CD2 . LEU B 2 8  ? -9.395  -5.999  -3.811  1.00 13.23 ? 104 LEU B CD2 1 
ATOM   720 N N   . VAL B 2 9  ? -6.477  -2.640  -1.753  1.00 6.80  ? 105 VAL B N   1 
ATOM   721 C CA  . VAL B 2 9  ? -5.894  -1.559  -2.536  1.00 6.91  ? 105 VAL B CA  1 
ATOM   722 C C   . VAL B 2 9  ? -5.057  -2.139  -3.671  1.00 6.40  ? 105 VAL B C   1 
ATOM   723 O O   . VAL B 2 9  ? -4.767  -3.348  -3.691  1.00 5.94  ? 105 VAL B O   1 
ATOM   724 C CB  . VAL B 2 9  ? -5.012  -0.635  -1.678  1.00 6.78  ? 105 VAL B CB  1 
ATOM   725 C CG1 . VAL B 2 9  ? -5.812  -0.043  -0.529  1.00 6.96  ? 105 VAL B CG1 1 
ATOM   726 C CG2 . VAL B 2 9  ? -3.808  -1.402  -1.139  1.00 7.27  ? 105 VAL B CG2 1 
ATOM   727 O OXT . VAL B 2 9  ? -4.649  -1.406  -4.578  1.00 6.01  ? 105 VAL B OXT 1 
HETATM 728 S S   . SO4 C 3 .  ? 10.552  6.452   -9.314  1.00 29.14 ? 101 SO4 A S   1 
HETATM 729 O O1  . SO4 C 3 .  ? 9.343   5.714   -9.681  1.00 28.71 ? 101 SO4 A O1  1 
HETATM 730 O O2  . SO4 C 3 .  ? 11.279  6.845   -10.520 1.00 28.58 ? 101 SO4 A O2  1 
HETATM 731 O O3  . SO4 C 3 .  ? 10.190  7.651   -8.559  1.00 28.84 ? 101 SO4 A O3  1 
HETATM 732 O O4  . SO4 C 3 .  ? 11.409  5.615   -8.478  1.00 29.64 ? 101 SO4 A O4  1 
HETATM 733 O O   . HOH D 4 .  ? -10.845 2.051   -4.027  0.50 3.11  ? 201 HOH A O   1 
HETATM 734 O O   . HOH D 4 .  ? -8.488  11.462  -6.088  1.00 6.69  ? 202 HOH A O   1 
HETATM 735 O O   . HOH D 4 .  ? -0.160  -8.555  -5.087  1.00 5.67  ? 203 HOH A O   1 
HETATM 736 O O   . HOH D 4 .  ? -8.686  8.683   -5.744  1.00 3.45  ? 204 HOH A O   1 
HETATM 737 O O   . HOH D 4 .  ? -2.750  -6.419  -8.568  1.00 7.22  ? 205 HOH A O   1 
HETATM 738 O O   . HOH D 4 .  ? -10.051 -0.051  -8.682  1.00 3.18  ? 206 HOH A O   1 
HETATM 739 O O   . HOH D 4 .  ? -5.811  1.712   -7.853  1.00 4.50  ? 207 HOH A O   1 
HETATM 740 O O   . HOH D 4 .  ? 5.271   8.077   0.042   1.00 7.29  ? 208 HOH A O   1 
HETATM 741 O O   . HOH D 4 .  ? 6.579   -1.155  11.531  1.00 8.14  ? 209 HOH A O   1 
HETATM 742 O O   . HOH D 4 .  ? -6.569  8.742   7.264   1.00 8.28  ? 210 HOH A O   1 
HETATM 743 O O   . HOH D 4 .  ? 0.992   3.798   9.231   1.00 3.48  ? 211 HOH A O   1 
HETATM 744 O O   . HOH D 4 .  ? 0.255   -12.366 1.940   1.00 8.01  ? 212 HOH A O   1 
HETATM 745 O O   . HOH D 4 .  ? 3.450   5.321   17.979  1.00 14.07 ? 213 HOH A O   1 
HETATM 746 O O   . HOH D 4 .  ? -1.382  9.428   -4.819  1.00 8.55  ? 214 HOH A O   1 
HETATM 747 O O   . HOH D 4 .  ? -4.121  1.141   13.461  1.00 7.66  ? 215 HOH A O   1 
HETATM 748 O O   . HOH D 4 .  ? 6.509   -7.294  8.005   1.00 7.87  ? 216 HOH A O   1 
HETATM 749 O O   . HOH D 4 .  ? 1.693   8.352   -11.849 1.00 9.77  ? 217 HOH A O   1 
HETATM 750 O O   . HOH D 4 .  ? -3.405  5.253   12.430  1.00 8.83  ? 218 HOH A O   1 
HETATM 751 O O   . HOH D 4 .  ? -7.044  -4.789  -10.322 1.00 7.50  ? 219 HOH A O   1 
HETATM 752 O O   . HOH D 4 .  ? 10.727  -0.508  -5.437  1.00 12.31 ? 220 HOH A O   1 
HETATM 753 O O   . HOH D 4 .  ? 5.490   -8.893  -2.164  1.00 12.09 ? 221 HOH A O   1 
HETATM 754 O O   . HOH D 4 .  ? 5.331   -2.427  -10.089 1.00 12.65 ? 222 HOH A O   1 
HETATM 755 O O   . HOH D 4 .  ? -1.953  -14.950 4.269   1.00 6.58  ? 223 HOH A O   1 
HETATM 756 O O   . HOH D 4 .  ? 14.636  2.048   0.490   1.00 18.88 ? 224 HOH A O   1 
HETATM 757 O O   . HOH D 4 .  ? -10.647 12.752  -5.012  1.00 8.41  ? 225 HOH A O   1 
HETATM 758 O O   . HOH D 4 .  ? 5.464   -3.653  11.063  1.00 9.46  ? 226 HOH A O   1 
HETATM 759 O O   . HOH D 4 .  ? -7.964  11.783  -8.794  0.50 9.27  ? 227 HOH A O   1 
HETATM 760 O O   . HOH D 4 .  ? 1.379   16.038  -1.536  1.00 23.19 ? 228 HOH A O   1 
HETATM 761 O O   . HOH D 4 .  ? 5.337   -11.241 7.869   1.00 11.85 ? 229 HOH A O   1 
HETATM 762 O O   . HOH D 4 .  ? -1.542  3.308   -15.088 1.00 9.94  ? 230 HOH A O   1 
HETATM 763 O O   . HOH D 4 .  ? 6.121   -5.525  -3.135  1.00 9.79  ? 231 HOH A O   1 
HETATM 764 O O   . HOH D 4 .  ? -4.071  -11.117 -7.495  1.00 22.68 ? 232 HOH A O   1 
HETATM 765 O O   . HOH D 4 .  ? 8.477   -9.111  7.848   1.00 12.91 ? 233 HOH A O   1 
HETATM 766 O O   . HOH D 4 .  ? 2.106   1.345   15.910  1.00 13.68 ? 234 HOH A O   1 
HETATM 767 O O   . HOH D 4 .  ? -4.372  -8.230  -7.294  1.00 16.11 ? 235 HOH A O   1 
HETATM 768 O O   . HOH D 4 .  ? 3.219   14.452  -2.844  1.00 9.24  ? 236 HOH A O   1 
HETATM 769 O O   . HOH D 4 .  ? 5.243   0.173   13.556  1.00 11.93 ? 237 HOH A O   1 
HETATM 770 O O   . HOH D 4 .  ? -6.391  7.272   11.175  0.50 7.78  ? 238 HOH A O   1 
HETATM 771 O O   . HOH D 4 .  ? 3.337   5.216   15.328  1.00 15.44 ? 239 HOH A O   1 
HETATM 772 O O   . HOH D 4 .  ? -2.925  -6.779  -11.265 1.00 10.57 ? 240 HOH A O   1 
HETATM 773 O O   . HOH D 4 .  ? 1.258   -13.477 -2.009  1.00 29.59 ? 241 HOH A O   1 
HETATM 774 O O   . HOH D 4 .  ? 7.377   -12.337 6.209   1.00 12.65 ? 242 HOH A O   1 
HETATM 775 O O   . HOH D 4 .  ? 2.172   -3.152  -13.204 1.00 20.57 ? 243 HOH A O   1 
HETATM 776 O O   . HOH D 4 .  ? 14.168  -0.687  -0.552  1.00 25.55 ? 244 HOH A O   1 
HETATM 777 O O   . HOH D 4 .  ? -0.626  -12.641 -12.275 1.00 26.02 ? 245 HOH A O   1 
HETATM 778 O O   . HOH D 4 .  ? -9.014  -2.675  9.246   1.00 15.40 ? 246 HOH A O   1 
HETATM 779 O O   . HOH D 4 .  ? 4.887   -5.235  -9.936  1.00 14.66 ? 247 HOH A O   1 
HETATM 780 O O   . HOH D 4 .  ? -2.289  12.002  -4.644  1.00 20.17 ? 248 HOH A O   1 
HETATM 781 O O   A HOH D 4 .  ? -0.796  15.075  3.239   0.50 20.45 ? 249 HOH A O   1 
HETATM 782 O O   B HOH D 4 .  ? 0.993   14.394  4.272   0.50 7.20  ? 249 HOH A O   1 
HETATM 783 O O   . HOH D 4 .  ? -1.167  -6.835  9.632   1.00 12.93 ? 250 HOH A O   1 
HETATM 784 O O   . HOH D 4 .  ? 7.536   2.841   11.772  1.00 19.01 ? 251 HOH A O   1 
HETATM 785 O O   . HOH D 4 .  ? -5.203  2.761   10.370  1.00 9.99  ? 252 HOH A O   1 
HETATM 786 O O   . HOH D 4 .  ? -6.595  13.116  -4.865  1.00 18.44 ? 253 HOH A O   1 
HETATM 787 O O   . HOH D 4 .  ? 11.879  -0.938  8.724   1.00 18.25 ? 254 HOH A O   1 
HETATM 788 O O   . HOH D 4 .  ? -1.360  -16.149 1.949   1.00 17.51 ? 255 HOH A O   1 
HETATM 789 O O   . HOH D 4 .  ? -4.436  -14.404 3.310   1.00 14.59 ? 256 HOH A O   1 
HETATM 790 O O   . HOH D 4 .  ? 4.187   -4.177  13.600  1.00 13.65 ? 257 HOH A O   1 
HETATM 791 O O   . HOH D 4 .  ? 5.791   5.930   14.570  1.00 15.23 ? 258 HOH A O   1 
HETATM 792 O O   . HOH D 4 .  ? 2.935   -11.965 1.421   1.00 18.04 ? 259 HOH A O   1 
HETATM 793 O O   . HOH D 4 .  ? -10.481 -1.160  -5.922  1.00 14.61 ? 260 HOH A O   1 
HETATM 794 O O   . HOH D 4 .  ? 10.760  -8.852  9.667   1.00 22.15 ? 261 HOH A O   1 
HETATM 795 O O   . HOH D 4 .  ? 4.156   -1.849  15.163  1.00 16.40 ? 262 HOH A O   1 
HETATM 796 O O   . HOH D 4 .  ? 2.729   -4.878  16.798  1.00 31.96 ? 263 HOH A O   1 
HETATM 797 O O   . HOH D 4 .  ? -1.145  10.913  -11.040 1.00 16.85 ? 264 HOH A O   1 
HETATM 798 O O   . HOH D 4 .  ? 5.606   -10.449 10.791  1.00 27.13 ? 265 HOH A O   1 
HETATM 799 O O   . HOH D 4 .  ? 7.690   8.444   6.577   1.00 33.24 ? 266 HOH A O   1 
HETATM 800 O O   . HOH D 4 .  ? 6.787   -6.150  10.598  1.00 17.81 ? 267 HOH A O   1 
HETATM 801 O O   . HOH D 4 .  ? -2.396  12.032  4.227   1.00 27.85 ? 268 HOH A O   1 
HETATM 802 O O   . HOH D 4 .  ? -0.582  10.652  9.824   1.00 12.59 ? 269 HOH A O   1 
HETATM 803 O O   . HOH D 4 .  ? -4.598  11.307  3.699   1.00 31.71 ? 270 HOH A O   1 
HETATM 804 O O   . HOH D 4 .  ? 11.218  -10.999 6.524   1.00 25.23 ? 271 HOH A O   1 
HETATM 805 O O   . HOH D 4 .  ? -6.922  10.296  1.341   1.00 20.54 ? 272 HOH A O   1 
HETATM 806 O O   . HOH D 4 .  ? 2.967   2.598   18.100  1.00 24.95 ? 273 HOH A O   1 
HETATM 807 O O   . HOH D 4 .  ? 3.367   -5.489  -12.432 1.00 30.42 ? 274 HOH A O   1 
HETATM 808 O O   . HOH D 4 .  ? 0.259   -4.857  -13.919 1.00 26.52 ? 275 HOH A O   1 
HETATM 809 O O   . HOH D 4 .  ? 5.327   9.189   7.356   1.00 22.45 ? 276 HOH A O   1 
HETATM 810 O O   . HOH D 4 .  ? -6.743  -7.269  -6.302  1.00 17.10 ? 277 HOH A O   1 
HETATM 811 O O   . HOH D 4 .  ? 7.062   1.378   15.159  1.00 24.63 ? 278 HOH A O   1 
HETATM 812 O O   . HOH D 4 .  ? -2.866  -13.786 0.106   1.00 27.66 ? 279 HOH A O   1 
HETATM 813 O O   . HOH D 4 .  ? 7.428   -12.141 -6.305  1.00 31.01 ? 280 HOH A O   1 
HETATM 814 O O   . HOH D 4 .  ? 12.709  -8.998  13.581  1.00 30.98 ? 281 HOH A O   1 
HETATM 815 O O   . HOH D 4 .  ? 9.271   -0.812  -9.042  1.00 24.71 ? 282 HOH A O   1 
HETATM 816 O O   . HOH D 4 .  ? 12.241  -1.274  -3.290  1.00 24.80 ? 283 HOH A O   1 
HETATM 817 O O   . HOH D 4 .  ? -8.726  -9.340  -5.732  1.00 24.14 ? 284 HOH A O   1 
HETATM 818 O O   . HOH D 4 .  ? 3.269   -1.671  18.521  1.00 35.23 ? 285 HOH A O   1 
HETATM 819 O O   . HOH D 4 .  ? 5.571   -11.507 -2.632  1.00 18.41 ? 286 HOH A O   1 
HETATM 820 O O   . HOH D 4 .  ? -8.532  13.817  -2.789  1.00 12.37 ? 287 HOH A O   1 
HETATM 821 O O   . HOH D 4 .  ? 1.624   15.414  1.020   1.00 25.89 ? 288 HOH A O   1 
HETATM 822 O O   . HOH D 4 .  ? 5.156   -6.336  15.198  1.00 17.37 ? 289 HOH A O   1 
HETATM 823 O O   . HOH D 4 .  ? 6.305   -5.800  17.248  1.00 30.97 ? 290 HOH A O   1 
HETATM 824 O O   . HOH D 4 .  ? 6.171   -8.596  12.009  1.00 31.27 ? 291 HOH A O   1 
HETATM 825 O O   . HOH D 4 .  ? 0.842   -7.056  -15.153 1.00 35.84 ? 292 HOH A O   1 
HETATM 826 O O   . HOH D 4 .  ? 10.216  -9.882  0.710   1.00 26.09 ? 293 HOH A O   1 
HETATM 827 O O   . HOH D 4 .  ? 2.875   -10.821 10.301  1.00 12.59 ? 294 HOH A O   1 
HETATM 828 O O   . HOH D 4 .  ? 7.277   5.193   -11.518 1.00 20.37 ? 295 HOH A O   1 
HETATM 829 O O   . HOH D 4 .  ? 13.851  6.411   -10.801 1.00 30.07 ? 296 HOH A O   1 
HETATM 830 O O   . HOH D 4 .  ? 3.300   -1.772  -15.300 1.00 33.56 ? 297 HOH A O   1 
HETATM 831 O O   . HOH D 4 .  ? 2.907   0.973   -15.592 1.00 27.98 ? 298 HOH A O   1 
HETATM 832 O O   . HOH D 4 .  ? 13.010  -4.831  2.269   1.00 31.12 ? 299 HOH A O   1 
HETATM 833 O O   . HOH D 4 .  ? 7.442   -5.824  -10.500 1.00 28.88 ? 300 HOH A O   1 
HETATM 834 O O   . HOH D 4 .  ? -3.657  -17.650 1.031   1.00 27.49 ? 301 HOH A O   1 
HETATM 835 O O   . HOH D 4 .  ? 10.053  7.130   7.388   1.00 34.09 ? 302 HOH A O   1 
HETATM 836 O O   . HOH D 4 .  ? 11.075  9.134   3.654   1.00 24.66 ? 303 HOH A O   1 
HETATM 837 O O   . HOH D 4 .  ? -2.598  10.376  8.014   1.00 23.81 ? 304 HOH A O   1 
HETATM 838 O O   . HOH D 4 .  ? -5.055  11.065  7.481   1.00 25.56 ? 305 HOH A O   1 
HETATM 839 O O   . HOH D 4 .  ? -3.191  -14.748 -2.378  1.00 22.68 ? 306 HOH A O   1 
HETATM 840 O O   . HOH D 4 .  ? 7.209   -10.830 0.071   1.00 23.27 ? 307 HOH A O   1 
HETATM 841 O O   . HOH D 4 .  ? 4.551   -10.944 0.258   1.00 31.50 ? 308 HOH A O   1 
HETATM 842 O O   . HOH D 4 .  ? 13.294  -8.034  5.830   1.00 30.58 ? 309 HOH A O   1 
HETATM 843 O O   . HOH D 4 .  ? 0.258   -3.126  20.442  1.00 42.27 ? 310 HOH A O   1 
HETATM 844 O O   . HOH D 4 .  ? -9.367  -14.336 2.308   1.00 28.04 ? 311 HOH A O   1 
HETATM 845 O O   . HOH E 4 .  ? -8.772  0.064   -3.947  1.00 8.71  ? 201 HOH B O   1 
HETATM 846 O O   . HOH E 4 .  ? -9.595  -1.836  6.677   1.00 15.59 ? 202 HOH B O   1 
HETATM 847 O O   . HOH E 4 .  ? -11.882 -3.141  0.154   1.00 11.68 ? 203 HOH B O   1 
HETATM 848 O O   . HOH E 4 .  ? -12.478 -0.902  3.391   1.00 20.28 ? 204 HOH B O   1 
HETATM 849 O O   . HOH E 4 .  ? -11.023 -0.687  -1.162  1.00 13.25 ? 205 HOH B O   1 
HETATM 850 O O   . HOH E 4 .  ? -6.496  0.588   -5.278  1.00 8.65  ? 206 HOH B O   1 
# 
loop_
_atom_site_anisotrop.id 
_atom_site_anisotrop.type_symbol 
_atom_site_anisotrop.pdbx_label_atom_id 
_atom_site_anisotrop.pdbx_label_alt_id 
_atom_site_anisotrop.pdbx_label_comp_id 
_atom_site_anisotrop.pdbx_label_asym_id 
_atom_site_anisotrop.pdbx_label_seq_id 
_atom_site_anisotrop.pdbx_PDB_ins_code 
_atom_site_anisotrop.U[1][1] 
_atom_site_anisotrop.U[2][2] 
_atom_site_anisotrop.U[3][3] 
_atom_site_anisotrop.U[1][2] 
_atom_site_anisotrop.U[1][3] 
_atom_site_anisotrop.U[2][3] 
_atom_site_anisotrop.pdbx_auth_seq_id 
_atom_site_anisotrop.pdbx_auth_comp_id 
_atom_site_anisotrop.pdbx_auth_asym_id 
_atom_site_anisotrop.pdbx_auth_atom_id 
1   N N   . SER A 10 ? 0.1183 0.2836 0.2501 -0.0455 -0.0444 -0.0007 3   SER A N   
2   C CA  . SER A 10 ? 0.1122 0.2749 0.2212 -0.0434 -0.0305 0.0185  3   SER A CA  
3   C C   . SER A 10 ? 0.0937 0.2668 0.1870 -0.0372 -0.0140 0.0347  3   SER A C   
4   O O   . SER A 10 ? 0.0925 0.3047 0.1980 -0.0478 -0.0179 0.0321  3   SER A O   
5   C CB  . SER A 10 ? 0.1441 0.2770 0.2401 -0.0567 -0.0405 0.0235  3   SER A CB  
6   O OG  . SER A 10 ? 0.1706 0.2932 0.2670 -0.0649 -0.0506 0.0234  3   SER A OG  
7   N N   . PHE A 11 ? 0.0813 0.2279 0.1170 -0.0130 0.0021  0.0598  4   PHE A N   
8   C CA  . PHE A 11 ? 0.0702 0.1586 0.1158 0.0154  0.0133  0.0685  4   PHE A CA  
9   C C   . PHE A 11 ? 0.0510 0.1389 0.1193 0.0172  0.0138  0.0566  4   PHE A C   
10  O O   . PHE A 11 ? 0.0522 0.1262 0.1304 0.0140  0.0065  0.0605  4   PHE A O   
11  C CB  . PHE A 11 ? 0.0991 0.1327 0.1603 0.0354  0.0154  0.0652  4   PHE A CB  
12  C CG  . PHE A 11 ? 0.1324 0.1376 0.1788 0.0442  0.0159  0.0813  4   PHE A CG  
13  C CD1 . PHE A 11 ? 0.1593 0.1795 0.1974 0.0278  0.0044  0.0941  4   PHE A CD1 
14  C CD2 . PHE A 11 ? 0.1478 0.1304 0.1945 0.0463  0.0112  0.0779  4   PHE A CD2 
15  C CE1 . PHE A 11 ? 0.1784 0.1648 0.2055 0.0315  -0.0107 0.0951  4   PHE A CE1 
16  C CE2 . PHE A 11 ? 0.1744 0.1422 0.2042 0.0403  -0.0061 0.0877  4   PHE A CE2 
17  C CZ  . PHE A 11 ? 0.1856 0.1491 0.2096 0.0442  -0.0183 0.0873  4   PHE A CZ  
18  N N   . HIS A 12 ? 0.0597 0.1193 0.1048 0.0305  -0.0018 0.0425  5   HIS A N   
19  C CA  . HIS A 12 ? 0.0532 0.1276 0.1147 0.0112  0.0084  0.0364  5   HIS A CA  
20  C C   . HIS A 12 ? 0.0491 0.1183 0.1412 0.0269  0.0182  0.0090  5   HIS A C   
21  O O   . HIS A 12 ? 0.0555 0.1405 0.1507 0.0288  0.0275  -0.0046 5   HIS A O   
22  C CB  . HIS A 12 ? 0.0549 0.1399 0.1003 -0.0129 0.0068  0.0410  5   HIS A CB  
23  C CG  . HIS A 12 ? 0.0751 0.1584 0.1612 -0.0208 -0.0369 0.0341  5   HIS A CG  
24  N ND1 . HIS A 12 ? 0.0741 0.1373 0.1764 -0.0157 -0.0475 0.0370  5   HIS A ND1 
25  C CD2 . HIS A 12 ? 0.0960 0.1647 0.2342 -0.0212 -0.0670 0.0264  5   HIS A CD2 
26  C CE1 . HIS A 12 ? 0.0925 0.1583 0.1875 -0.0167 -0.0646 0.0357  5   HIS A CE1 
27  N NE2 . HIS A 12 ? 0.1070 0.1607 0.2513 -0.0113 -0.0785 0.0209  5   HIS A NE2 
28  N N   . VAL A 13 ? 0.0439 0.0920 0.1019 0.0223  0.0231  0.0116  6   VAL A N   
29  C CA  . VAL A 13 ? 0.0496 0.0978 0.0927 0.0154  0.0310  0.0250  6   VAL A CA  
30  C C   . VAL A 13 ? 0.0517 0.0913 0.1159 0.0255  0.0275  0.0212  6   VAL A C   
31  O O   . VAL A 13 ? 0.0715 0.0852 0.1151 0.0433  0.0161  0.0064  6   VAL A O   
32  C CB  . VAL A 13 ? 0.0576 0.1071 0.0877 0.0117  0.0309  0.0373  6   VAL A CB  
33  C CG1 . VAL A 13 ? 0.0761 0.1121 0.1180 0.0125  0.0293  0.0128  6   VAL A CG1 
34  C CG2 . VAL A 13 ? 0.0699 0.1286 0.1267 0.0115  0.0146  0.0585  6   VAL A CG2 
35  N N   . ILE A 14 ? 0.0461 0.0703 0.1168 0.0017  0.0107  0.0198  7   ILE A N   
36  C CA  A ILE A 14 ? 0.0543 0.0722 0.1219 -0.0039 0.0173  0.0151  7   ILE A CA  
37  C CA  B ILE A 14 ? 0.0483 0.0795 0.1244 -0.0065 0.0176  0.0203  7   ILE A CA  
38  C C   . ILE A 14 ? 0.0493 0.0558 0.1348 0.0047  0.0105  -0.0037 7   ILE A C   
39  O O   . ILE A 14 ? 0.0466 0.0848 0.1515 0.0169  0.0116  -0.0091 7   ILE A O   
40  C CB  A ILE A 14 ? 0.0850 0.0880 0.1293 -0.0214 0.0072  0.0358  7   ILE A CB  
41  C CB  B ILE A 14 ? 0.0711 0.1107 0.1368 -0.0293 0.0053  0.0501  7   ILE A CB  
42  C CG1 A ILE A 14 ? 0.1089 0.0799 0.1319 -0.0260 -0.0023 0.0223  7   ILE A CG1 
43  C CG1 B ILE A 14 ? 0.0919 0.1187 0.1581 -0.0457 -0.0139 0.0533  7   ILE A CG1 
44  C CG2 A ILE A 14 ? 0.0971 0.1016 0.1498 -0.0195 -0.0046 0.0486  7   ILE A CG2 
45  C CG2 B ILE A 14 ? 0.0774 0.1222 0.1559 -0.0267 0.0007  0.0653  7   ILE A CG2 
46  C CD1 A ILE A 14 ? 0.1257 0.0659 0.1161 -0.0283 -0.0008 -0.0029 7   ILE A CD1 
47  C CD1 B ILE A 14 ? 0.0990 0.1366 0.1646 -0.0566 -0.0203 0.0504  7   ILE A CD1 
48  N N   . LEU A 15 ? 0.0452 0.0529 0.1098 0.0130  0.0081  -0.0068 8   LEU A N   
49  C CA  . LEU A 15 ? 0.0450 0.0468 0.1082 0.0083  0.0198  -0.0075 8   LEU A CA  
50  C C   . LEU A 15 ? 0.0631 0.0438 0.0936 0.0217  0.0211  -0.0038 8   LEU A C   
51  O O   . LEU A 15 ? 0.1070 0.0499 0.0977 0.0353  -0.0044 -0.0125 8   LEU A O   
52  C CB  . LEU A 15 ? 0.0457 0.0404 0.1124 0.0139  0.0117  0.0064  8   LEU A CB  
53  C CG  . LEU A 15 ? 0.0425 0.0462 0.1414 0.0072  0.0153  0.0188  8   LEU A CG  
54  C CD1 . LEU A 15 ? 0.0458 0.0873 0.1392 -0.0132 0.0103  0.0298  8   LEU A CD1 
55  C CD2 . LEU A 15 ? 0.0471 0.0745 0.1515 0.0092  0.0258  0.0143  8   LEU A CD2 
56  N N   . ASN A 16 ? 0.0449 0.0863 0.0888 0.0141  0.0290  0.0208  9   ASN A N   
57  C CA  . ASN A 16 ? 0.0496 0.0974 0.0913 -0.0002 0.0306  0.0094  9   ASN A CA  
58  C C   . ASN A 16 ? 0.0508 0.0786 0.0867 -0.0161 0.0236  -0.0105 9   ASN A C   
59  O O   . ASN A 16 ? 0.0841 0.0767 0.1617 -0.0095 -0.0136 -0.0226 9   ASN A O   
60  C CB  . ASN A 16 ? 0.0702 0.1446 0.1244 -0.0143 0.0257  0.0226  9   ASN A CB  
61  C CG  . ASN A 16 ? 0.0986 0.1762 0.1597 -0.0271 0.0207  0.0397  9   ASN A CG  
62  O OD1 . ASN A 16 ? 0.1097 0.1532 0.1669 -0.0553 0.0149  0.0231  9   ASN A OD1 
63  N ND2 . ASN A 16 ? 0.1281 0.2140 0.1974 -0.0227 0.0036  0.0659  9   ASN A ND2 
64  N N   . LYS A 17 ? 0.0404 0.0501 0.0526 -0.0193 0.0221  -0.0159 10  LYS A N   
65  C CA  . LYS A 17 ? 0.0487 0.0485 0.0577 -0.0139 0.0263  -0.0245 10  LYS A CA  
66  C C   . LYS A 17 ? 0.0771 0.0828 0.0627 -0.0214 0.0226  -0.0316 10  LYS A C   
67  O O   . LYS A 17 ? 0.0870 0.0983 0.0836 -0.0419 0.0149  -0.0107 10  LYS A O   
68  C CB  . LYS A 17 ? 0.0500 0.0551 0.0601 0.0039  0.0282  -0.0148 10  LYS A CB  
69  C CG  . LYS A 17 ? 0.0540 0.0764 0.0452 0.0058  0.0283  -0.0068 10  LYS A CG  
70  C CD  . LYS A 17 ? 0.0686 0.1018 0.0715 0.0051  0.0377  0.0120  10  LYS A CD  
71  C CE  . LYS A 17 ? 0.0716 0.0858 0.0708 0.0194  0.0227  0.0010  10  LYS A CE  
72  N NZ  . LYS A 17 ? 0.0452 0.0705 0.0452 0.0122  0.0236  -0.0020 10  LYS A NZ  
73  N N   . SER A 18 ? 0.0893 0.1036 0.0610 -0.0086 0.0225  -0.0389 11  SER A N   
74  C CA  A SER A 18 ? 0.1023 0.1153 0.0612 0.0035  0.0263  -0.0330 11  SER A CA  
75  C CA  B SER A 18 ? 0.1010 0.1216 0.0754 -0.0048 0.0247  -0.0262 11  SER A CA  
76  C C   . SER A 18 ? 0.1138 0.1206 0.0727 0.0007  0.0224  -0.0237 11  SER A C   
77  O O   . SER A 18 ? 0.1427 0.1495 0.0889 0.0009  0.0264  -0.0002 11  SER A O   
78  C CB  A SER A 18 ? 0.1114 0.1192 0.0786 0.0170  0.0206  -0.0331 11  SER A CB  
79  C CB  B SER A 18 ? 0.1073 0.1372 0.1191 -0.0074 0.0163  -0.0137 11  SER A CB  
80  O OG  A SER A 18 ? 0.1265 0.1137 0.0852 0.0228  0.0053  -0.0400 11  SER A OG  
81  O OG  B SER A 18 ? 0.1180 0.1454 0.1523 -0.0164 0.0019  -0.0057 11  SER A OG  
82  N N   . SER A 19 ? 0.0879 0.0877 0.0760 0.0071  0.0304  -0.0358 12  SER A N   
83  C CA  A SER A 19 ? 0.0905 0.0978 0.0935 0.0044  0.0222  -0.0367 12  SER A CA  
84  C CA  B SER A 19 ? 0.0951 0.0984 0.0810 0.0080  0.0183  -0.0381 12  SER A CA  
85  C C   . SER A 19 ? 0.0653 0.0750 0.0632 0.0125  0.0290  -0.0211 12  SER A C   
86  O O   . SER A 19 ? 0.0448 0.0652 0.0742 -0.0094 0.0295  -0.0111 12  SER A O   
87  C CB  A SER A 19 ? 0.1137 0.1198 0.1529 0.0012  0.0073  -0.0426 12  SER A CB  
88  C CB  B SER A 19 ? 0.1256 0.1207 0.1142 0.0118  -0.0010 -0.0455 12  SER A CB  
89  O OG  A SER A 19 ? 0.1253 0.1412 0.1844 -0.0014 0.0026  -0.0379 12  SER A OG  
90  O OG  B SER A 19 ? 0.1462 0.1364 0.1288 0.0163  -0.0170 -0.0550 12  SER A OG  
91  N N   . PRO A 20 ? 0.0608 0.0634 0.0420 0.0113  0.0266  -0.0054 13  PRO A N   
92  C CA  . PRO A 20 ? 0.0403 0.0416 0.0430 0.0124  0.0174  -0.0099 13  PRO A CA  
93  C C   . PRO A 20 ? 0.0283 0.0369 0.0383 0.0080  0.0136  -0.0102 13  PRO A C   
94  O O   . PRO A 20 ? 0.0310 0.0430 0.0482 0.0029  0.0177  -0.0137 13  PRO A O   
95  C CB  . PRO A 20 ? 0.0492 0.0696 0.0618 0.0127  0.0306  0.0096  13  PRO A CB  
96  C CG  . PRO A 20 ? 0.0669 0.0877 0.0708 0.0147  0.0369  0.0229  13  PRO A CG  
97  C CD  . PRO A 20 ? 0.0796 0.0977 0.0683 0.0148  0.0138  0.0180  13  PRO A CD  
98  N N   . GLU A 21 ? 0.0227 0.0294 0.0441 0.0097  0.0103  -0.0039 14  GLU A N   
99  C CA  . GLU A 21 ? 0.0209 0.0351 0.0645 0.0051  0.0069  -0.0105 14  GLU A CA  
100 C C   . GLU A 21 ? 0.0209 0.0379 0.0585 0.0106  0.0037  -0.0058 14  GLU A C   
101 O O   . GLU A 21 ? 0.0283 0.0516 0.0940 -0.0003 0.0007  0.0009  14  GLU A O   
102 C CB  . GLU A 21 ? 0.0404 0.0564 0.0745 0.0127  0.0052  -0.0213 14  GLU A CB  
103 C CG  . GLU A 21 ? 0.0716 0.0911 0.0609 0.0066  -0.0011 -0.0148 14  GLU A CG  
104 C CD  . GLU A 21 ? 0.1144 0.1633 0.1118 -0.0156 -0.0322 0.0073  14  GLU A CD  
105 O OE1 . GLU A 21 ? 0.1124 0.1816 0.1070 -0.0379 -0.0393 -0.0029 14  GLU A OE1 
106 O OE2 . GLU A 21 ? 0.1424 0.2008 0.1467 -0.0132 -0.0353 0.0143  14  GLU A OE2 
107 N N   . GLU A 22 ? 0.0167 0.0363 0.0466 0.0084  -0.0049 0.0059  15  GLU A N   
108 C CA  . GLU A 22 ? 0.0144 0.0374 0.0228 0.0045  0.0059  0.0114  15  GLU A CA  
109 C C   . GLU A 22 ? 0.0233 0.0375 0.0263 -0.0023 0.0057  0.0156  15  GLU A C   
110 O O   . GLU A 22 ? 0.0408 0.0310 0.0508 0.0032  -0.0109 -0.0170 15  GLU A O   
111 C CB  . GLU A 22 ? 0.0220 0.0542 0.0545 0.0003  0.0150  0.0063  15  GLU A CB  
112 C CG  . GLU A 22 ? 0.0347 0.0601 0.0871 0.0162  0.0172  0.0030  15  GLU A CG  
113 C CD  . GLU A 22 ? 0.0883 0.0819 0.1265 0.0109  0.0024  0.0044  15  GLU A CD  
114 O OE1 . GLU A 22 ? 0.0941 0.0825 0.1655 0.0179  0.0368  -0.0015 15  GLU A OE1 
115 O OE2 . GLU A 22 ? 0.1085 0.0630 0.1345 0.0247  -0.0205 -0.0069 15  GLU A OE2 
116 N N   . GLN A 23 ? 0.0435 0.0396 0.0466 0.0114  -0.0023 0.0205  16  GLN A N   
117 C CA  . GLN A 23 ? 0.0566 0.0636 0.0368 0.0144  0.0032  0.0248  16  GLN A CA  
118 C C   . GLN A 23 ? 0.0679 0.0638 0.0451 0.0285  0.0013  0.0179  16  GLN A C   
119 O O   . GLN A 23 ? 0.1012 0.0700 0.0667 0.0298  -0.0166 0.0126  16  GLN A O   
120 C CB  . GLN A 23 ? 0.0890 0.1332 0.0536 0.0032  0.0076  0.0386  16  GLN A CB  
121 C CG  . GLN A 23 ? 0.1156 0.1682 0.1037 -0.0171 -0.0057 0.0322  16  GLN A CG  
122 C CD  . GLN A 23 ? 0.1619 0.1602 0.1483 -0.0181 -0.0290 0.0265  16  GLN A CD  
123 O OE1 . GLN A 23 ? 0.1765 0.1675 0.2004 -0.0085 -0.0305 0.0317  16  GLN A OE1 
124 N NE2 . GLN A 23 ? 0.1689 0.1793 0.1206 -0.0158 -0.0228 0.0260  16  GLN A NE2 
125 N N   . LEU A 24 ? 0.0461 0.0446 0.0217 0.0240  0.0016  0.0067  17  LEU A N   
126 C CA  . LEU A 24 ? 0.0534 0.0373 0.0635 0.0235  -0.0061 0.0100  17  LEU A CA  
127 C C   . LEU A 24 ? 0.0506 0.0353 0.0397 0.0245  0.0014  -0.0008 17  LEU A C   
128 O O   . LEU A 24 ? 0.0533 0.0569 0.0714 0.0317  0.0094  -0.0014 17  LEU A O   
129 C CB  . LEU A 24 ? 0.0748 0.0380 0.1202 0.0119  -0.0223 0.0069  17  LEU A CB  
130 C CG  . LEU A 24 ? 0.0879 0.0668 0.1737 0.0130  -0.0302 0.0206  17  LEU A CG  
131 C CD1 . LEU A 24 ? 0.0938 0.0825 0.2052 0.0152  -0.0416 0.0069  17  LEU A CD1 
132 C CD2 . LEU A 24 ? 0.1047 0.0901 0.1748 0.0100  -0.0403 0.0468  17  LEU A CD2 
133 N N   . GLY A 25 ? 0.0583 0.0360 0.0280 0.0205  0.0015  0.0096  18  GLY A N   
134 C CA  . GLY A 25 ? 0.0926 0.0349 0.0444 0.0190  -0.0072 0.0076  18  GLY A CA  
135 C C   . GLY A 25 ? 0.0863 0.0343 0.0615 0.0226  -0.0015 -0.0004 18  GLY A C   
136 O O   . GLY A 25 ? 0.0961 0.0412 0.0867 0.0252  -0.0258 -0.0064 18  GLY A O   
137 N N   . ILE A 26 ? 0.0550 0.0393 0.0508 0.0013  0.0114  -0.0023 19  ILE A N   
138 C CA  . ILE A 26 ? 0.0520 0.0490 0.0487 0.0163  0.0074  0.0044  19  ILE A CA  
139 C C   . ILE A 26 ? 0.0470 0.0351 0.0284 0.0231  0.0034  0.0060  19  ILE A C   
140 O O   . ILE A 26 ? 0.0668 0.0632 0.0854 0.0331  0.0010  0.0221  19  ILE A O   
141 C CB  . ILE A 26 ? 0.0607 0.0985 0.0324 -0.0113 -0.0044 -0.0116 19  ILE A CB  
142 C CG1 . ILE A 26 ? 0.0646 0.0921 0.0805 0.0034  -0.0027 -0.0041 19  ILE A CG1 
143 C CG2 . ILE A 26 ? 0.0726 0.1169 0.0451 -0.0112 -0.0157 -0.0013 19  ILE A CG2 
144 C CD1 . ILE A 26 ? 0.0754 0.0805 0.0893 0.0017  -0.0167 -0.0312 19  ILE A CD1 
145 N N   . LYS A 27 ? 0.0500 0.0329 0.0260 0.0202  0.0015  0.0066  20  LYS A N   
146 C CA  . LYS A 27 ? 0.0365 0.0249 0.0444 0.0035  0.0124  -0.0050 20  LYS A CA  
147 C C   . LYS A 27 ? 0.0399 0.0207 0.0588 0.0110  -0.0077 0.0001  20  LYS A C   
148 O O   . LYS A 27 ? 0.0519 0.0360 0.0712 0.0201  -0.0143 0.0032  20  LYS A O   
149 C CB  . LYS A 27 ? 0.0572 0.0653 0.0956 -0.0362 0.0000  -0.0030 20  LYS A CB  
150 C CG  . LYS A 27 ? 0.0866 0.0875 0.1332 -0.0485 -0.0164 -0.0142 20  LYS A CG  
151 C CD  . LYS A 27 ? 0.1220 0.1300 0.1983 -0.0643 -0.0280 -0.0249 20  LYS A CD  
152 C CE  . LYS A 27 ? 0.1468 0.1515 0.2513 -0.0656 -0.0477 -0.0245 20  LYS A CE  
153 N NZ  . LYS A 27 ? 0.1821 0.1698 0.2934 -0.0543 -0.0597 -0.0222 20  LYS A NZ  
154 N N   . LEU A 28 ? 0.0287 0.0182 0.0599 -0.0002 -0.0003 -0.0105 21  LEU A N   
155 C CA  . LEU A 28 ? 0.0501 0.0218 0.0524 0.0157  0.0061  -0.0064 21  LEU A CA  
156 C C   . LEU A 28 ? 0.0376 0.0687 0.0579 0.0114  0.0239  -0.0075 21  LEU A C   
157 O O   . LEU A 28 ? 0.0404 0.1163 0.0829 0.0126  0.0209  -0.0061 21  LEU A O   
158 C CB  . LEU A 28 ? 0.0671 0.0175 0.0621 0.0103  0.0019  -0.0010 21  LEU A CB  
159 C CG  . LEU A 28 ? 0.0627 0.0251 0.0657 0.0180  0.0033  0.0001  21  LEU A CG  
160 C CD1 . LEU A 28 ? 0.0872 0.0342 0.0733 0.0248  -0.0041 -0.0003 21  LEU A CD1 
161 C CD2 . LEU A 28 ? 0.0550 0.0402 0.0941 0.0178  0.0234  0.0046  21  LEU A CD2 
162 N N   . VAL A 29 ? 0.0459 0.0717 0.0516 0.0072  0.0286  -0.0056 22  VAL A N   
163 C CA  . VAL A 29 ? 0.0557 0.0958 0.0571 -0.0003 0.0295  -0.0138 22  VAL A CA  
164 C C   . VAL A 29 ? 0.0699 0.1015 0.0427 -0.0183 0.0227  -0.0159 22  VAL A C   
165 O O   . VAL A 29 ? 0.0643 0.0933 0.0632 -0.0173 0.0343  -0.0019 22  VAL A O   
166 C CB  . VAL A 29 ? 0.0689 0.1132 0.1138 0.0038  0.0212  -0.0041 22  VAL A CB  
167 C CG1 . VAL A 29 ? 0.0741 0.1395 0.1358 -0.0108 0.0260  0.0004  22  VAL A CG1 
168 C CG2 . VAL A 29 ? 0.0806 0.1023 0.1303 0.0291  0.0214  0.0075  22  VAL A CG2 
169 N N   . ARG A 30 ? 0.0962 0.1263 0.0614 -0.0172 0.0287  -0.0240 23  ARG A N   
170 C CA  . ARG A 30 ? 0.1621 0.1546 0.0899 -0.0113 0.0249  -0.0250 23  ARG A CA  
171 C C   . ARG A 30 ? 0.2050 0.1897 0.1089 -0.0182 0.0087  -0.0064 23  ARG A C   
172 O O   . ARG A 30 ? 0.2401 0.1912 0.1243 -0.0246 -0.0256 -0.0098 23  ARG A O   
173 C CB  . ARG A 30 ? 0.1811 0.1680 0.1378 -0.0062 0.0231  -0.0247 23  ARG A CB  
174 C CG  . ARG A 30 ? 0.2026 0.1938 0.2200 0.0098  0.0062  -0.0114 23  ARG A CG  
175 C CD  . ARG A 30 ? 0.2136 0.2375 0.2346 0.0133  -0.0029 0.0075  23  ARG A CD  
176 N NE  . ARG A 30 ? 0.2125 0.2604 0.2491 0.0238  0.0061  0.0153  23  ARG A NE  
177 C CZ  . ARG A 30 ? 0.2000 0.2589 0.2360 0.0500  0.0147  0.0103  23  ARG A CZ  
178 N NH1 . ARG A 30 ? 0.2329 0.2589 0.2968 0.0313  -0.0246 0.0191  23  ARG A NH1 
179 N NH2 . ARG A 30 ? 0.1553 0.2654 0.1755 0.0771  0.0660  -0.0016 23  ARG A NH2 
180 N N   . ARG A 31 ? 0.2182 0.2232 0.1159 -0.0070 0.0187  0.0141  24  ARG A N   
181 C CA  . ARG A 31 ? 0.2431 0.2308 0.1308 0.0007  0.0146  0.0217  24  ARG A CA  
182 C C   . ARG A 31 ? 0.2385 0.2629 0.1143 -0.0111 0.0217  0.0249  24  ARG A C   
183 O O   . ARG A 31 ? 0.2289 0.2720 0.1025 -0.0146 0.0496  0.0306  24  ARG A O   
184 C CB  . ARG A 31 ? 0.2741 0.2090 0.1271 0.0181  0.0092  0.0061  24  ARG A CB  
185 C CG  . ARG A 31 ? 0.3120 0.2211 0.1241 0.0198  -0.0103 0.0081  24  ARG A CG  
186 C CD  . ARG A 31 ? 0.3334 0.2296 0.1013 0.0138  -0.0215 0.0185  24  ARG A CD  
187 N NE  . ARG A 31 ? 0.3567 0.2091 0.1154 0.0120  -0.0294 0.0351  24  ARG A NE  
188 C CZ  . ARG A 31 ? 0.3786 0.2093 0.1329 -0.0017 -0.0354 0.0609  24  ARG A CZ  
189 N NH1 . ARG A 31 ? 0.3728 0.2289 0.1455 -0.0007 -0.0205 0.0825  24  ARG A NH1 
190 N NH2 . ARG A 31 ? 0.3964 0.2110 0.1795 -0.0088 -0.0457 0.0885  24  ARG A NH2 
191 N N   . VAL A 32 ? 0.2453 0.2938 0.1824 -0.0179 -0.0065 0.0295  25  VAL A N   
192 C CA  . VAL A 32 ? 0.2608 0.3362 0.2107 -0.0135 -0.0125 0.0520  25  VAL A CA  
193 C C   . VAL A 32 ? 0.2740 0.3266 0.1892 -0.0054 -0.0230 0.0475  25  VAL A C   
194 O O   . VAL A 32 ? 0.2756 0.3279 0.2236 0.0050  -0.0110 0.0291  25  VAL A O   
195 C CB  . VAL A 32 ? 0.2723 0.3803 0.2393 -0.0202 -0.0150 0.0647  25  VAL A CB  
196 C CG1 . VAL A 32 ? 0.2820 0.3928 0.2673 -0.0218 -0.0247 0.0640  25  VAL A CG1 
197 C CG2 . VAL A 32 ? 0.2720 0.3957 0.2441 -0.0249 -0.0092 0.0691  25  VAL A CG2 
198 N N   . ASP A 33 ? 0.2737 0.3159 0.1545 0.0081  -0.0293 0.0617  26  ASP A N   
199 C CA  . ASP A 33 ? 0.2798 0.3329 0.1692 0.0021  -0.0351 0.0650  26  ASP A CA  
200 C C   . ASP A 33 ? 0.2567 0.3247 0.1115 -0.0030 -0.0284 0.0574  26  ASP A C   
201 O O   . ASP A 33 ? 0.2649 0.3441 0.1061 -0.0195 -0.0419 0.0442  26  ASP A O   
202 C CB  . ASP A 33 ? 0.3118 0.3539 0.2386 0.0110  -0.0510 0.0958  26  ASP A CB  
203 C CG  . ASP A 33 ? 0.3406 0.3770 0.2924 0.0205  -0.0640 0.1176  26  ASP A CG  
204 O OD1 . ASP A 33 ? 0.3476 0.3814 0.3151 0.0228  -0.0633 0.1359  26  ASP A OD1 
205 O OD2 . ASP A 33 ? 0.3524 0.3923 0.3309 0.0216  -0.0673 0.1232  26  ASP A OD2 
206 N N   . GLU A 34 ? 0.2207 0.2790 0.0794 0.0054  -0.0075 0.0390  27  GLU A N   
207 C CA  . GLU A 34 ? 0.1924 0.2291 0.0886 0.0226  0.0064  0.0267  27  GLU A CA  
208 C C   . GLU A 34 ? 0.1496 0.1983 0.0500 0.0054  0.0045  0.0032  27  GLU A C   
209 O O   . GLU A 34 ? 0.1215 0.2176 0.0575 -0.0156 -0.0037 0.0176  27  GLU A O   
210 C CB  . GLU A 34 ? 0.2069 0.1979 0.1103 0.0425  0.0091  0.0256  27  GLU A CB  
211 C CG  . GLU A 34 ? 0.2270 0.1703 0.1526 0.0449  -0.0095 0.0205  27  GLU A CG  
212 C CD  . GLU A 34 ? 0.2414 0.1624 0.1980 0.0516  -0.0065 0.0236  27  GLU A CD  
213 O OE1 . GLU A 34 ? 0.2458 0.1411 0.2132 0.0574  -0.0027 0.0155  27  GLU A OE1 
214 O OE2 . GLU A 34 ? 0.2495 0.1673 0.2330 0.0673  -0.0027 0.0433  27  GLU A OE2 
215 N N   . PRO A 35 ? 0.1419 0.1496 0.0495 0.0176  -0.0066 -0.0260 28  PRO A N   
216 C CA  . PRO A 35 ? 0.1195 0.0993 0.0574 0.0213  0.0017  -0.0300 28  PRO A CA  
217 C C   . PRO A 35 ? 0.0952 0.0692 0.0826 0.0197  0.0138  -0.0334 28  PRO A C   
218 O O   . PRO A 35 ? 0.0991 0.0748 0.1067 0.0197  0.0127  -0.0332 28  PRO A O   
219 C CB  . PRO A 35 ? 0.1352 0.1215 0.0745 0.0137  -0.0211 -0.0231 28  PRO A CB  
220 C CG  . PRO A 35 ? 0.1472 0.1312 0.0793 0.0165  -0.0284 -0.0193 28  PRO A CG  
221 C CD  . PRO A 35 ? 0.1567 0.1285 0.0642 0.0036  -0.0333 -0.0321 28  PRO A CD  
222 N N   . GLY A 36 ? 0.0924 0.1008 0.0626 0.0043  0.0182  -0.0181 29  GLY A N   
223 C CA  . GLY A 36 ? 0.0814 0.0815 0.0707 0.0112  0.0092  -0.0342 29  GLY A CA  
224 C C   . GLY A 36 ? 0.0634 0.0445 0.0569 0.0109  -0.0064 -0.0281 29  GLY A C   
225 O O   . GLY A 36 ? 0.0681 0.0755 0.0575 0.0284  0.0076  -0.0219 29  GLY A O   
226 N N   . VAL A 37 ? 0.0574 0.0275 0.0378 0.0141  -0.0072 -0.0131 30  VAL A N   
227 C CA  . VAL A 37 ? 0.0420 0.0246 0.0258 0.0172  -0.0060 -0.0054 30  VAL A CA  
228 C C   . VAL A 37 ? 0.0300 0.0245 0.0303 0.0161  0.0018  0.0003  30  VAL A C   
229 O O   . VAL A 37 ? 0.0291 0.0379 0.0397 0.0178  0.0096  0.0070  30  VAL A O   
230 C CB  . VAL A 37 ? 0.0482 0.0335 0.0637 0.0221  -0.0008 -0.0063 30  VAL A CB  
231 C CG1 . VAL A 37 ? 0.0530 0.0326 0.0655 0.0216  -0.0075 -0.0058 30  VAL A CG1 
232 C CG2 . VAL A 37 ? 0.0452 0.0473 0.0876 0.0222  0.0007  -0.0117 30  VAL A CG2 
233 N N   . PHE A 38 ? 0.0265 0.0234 0.0329 0.0117  0.0028  0.0106  31  PHE A N   
234 C CA  . PHE A 38 ? 0.0268 0.0301 0.0379 0.0120  0.0014  0.0142  31  PHE A CA  
235 C C   . PHE A 38 ? 0.0252 0.0227 0.0431 0.0124  0.0040  0.0035  31  PHE A C   
236 O O   . PHE A 38 ? 0.0318 0.0422 0.0746 0.0174  0.0004  0.0030  31  PHE A O   
237 C CB  . PHE A 38 ? 0.0381 0.0469 0.0415 0.0086  -0.0049 0.0229  31  PHE A CB  
238 C CG  . PHE A 38 ? 0.0418 0.0519 0.0529 0.0022  -0.0039 0.0058  31  PHE A CG  
239 C CD1 . PHE A 38 ? 0.0585 0.0833 0.0356 0.0023  -0.0026 -0.0031 31  PHE A CD1 
240 C CD2 . PHE A 38 ? 0.0558 0.0672 0.0622 0.0052  -0.0132 0.0070  31  PHE A CD2 
241 C CE1 . PHE A 38 ? 0.0687 0.0841 0.0541 0.0180  -0.0128 -0.0065 31  PHE A CE1 
242 C CE2 . PHE A 38 ? 0.0755 0.0689 0.0483 0.0155  -0.0303 0.0056  31  PHE A CE2 
243 C CZ  . PHE A 38 ? 0.0669 0.0577 0.0646 0.0287  -0.0227 -0.0020 31  PHE A CZ  
244 N N   . ILE A 39 ? 0.0292 0.0195 0.0389 0.0138  -0.0004 0.0006  32  ILE A N   
245 C CA  . ILE A 39 ? 0.0240 0.0260 0.0415 0.0087  0.0157  0.0126  32  ILE A CA  
246 C C   . ILE A 39 ? 0.0204 0.0244 0.0548 0.0051  0.0076  0.0167  32  ILE A C   
247 O O   . ILE A 39 ? 0.0348 0.0430 0.0753 0.0072  -0.0057 0.0254  32  ILE A O   
248 C CB  . ILE A 39 ? 0.0330 0.0241 0.0354 0.0075  0.0178  -0.0002 32  ILE A CB  
249 C CG1 . ILE A 39 ? 0.0410 0.0598 0.0615 -0.0032 0.0241  0.0170  32  ILE A CG1 
250 C CG2 . ILE A 39 ? 0.0481 0.0335 0.0484 0.0150  0.0131  -0.0117 32  ILE A CG2 
251 C CD1 . ILE A 39 ? 0.0471 0.0710 0.0703 -0.0019 0.0258  0.0239  32  ILE A CD1 
252 N N   . PHE A 40 ? 0.0208 0.0232 0.0811 0.0003  0.0015  0.0119  33  PHE A N   
253 C CA  . PHE A 40 ? 0.0238 0.0229 0.0716 0.0037  0.0138  0.0124  33  PHE A CA  
254 C C   . PHE A 40 ? 0.0298 0.0329 0.0638 0.0102  0.0190  0.0220  33  PHE A C   
255 O O   . PHE A 40 ? 0.0545 0.0358 0.0778 0.0205  0.0067  0.0126  33  PHE A O   
256 C CB  . PHE A 40 ? 0.0355 0.0333 0.1233 -0.0005 0.0184  -0.0010 33  PHE A CB  
257 C CG  . PHE A 40 ? 0.0540 0.0790 0.1531 -0.0144 0.0290  0.0046  33  PHE A CG  
258 C CD1 . PHE A 40 ? 0.0699 0.1001 0.1569 -0.0235 0.0330  0.0235  33  PHE A CD1 
259 C CD2 . PHE A 40 ? 0.0636 0.1044 0.1611 -0.0181 0.0397  0.0043  33  PHE A CD2 
260 C CE1 . PHE A 40 ? 0.0865 0.1215 0.1916 -0.0288 0.0367  0.0349  33  PHE A CE1 
261 C CE2 . PHE A 40 ? 0.0817 0.1288 0.2171 -0.0257 0.0330  0.0173  33  PHE A CE2 
262 C CZ  . PHE A 40 ? 0.0918 0.1239 0.2111 -0.0239 0.0374  0.0270  33  PHE A CZ  
263 N N   . ASN A 41 ? 0.0258 0.0189 0.0543 0.0065  0.0117  0.0054  34  ASN A N   
264 C CA  . ASN A 41 ? 0.0455 0.0281 0.0639 0.0147  0.0169  0.0089  34  ASN A CA  
265 C C   . ASN A 41 ? 0.0604 0.0363 0.0655 0.0227  0.0163  0.0115  34  ASN A C   
266 O O   . ASN A 41 ? 0.0705 0.0446 0.0881 0.0294  -0.0052 0.0113  34  ASN A O   
267 C CB  . ASN A 41 ? 0.0955 0.0659 0.1350 0.0089  -0.0105 0.0130  34  ASN A CB  
268 C CG  . ASN A 41 ? 0.1450 0.0992 0.1774 -0.0048 -0.0427 0.0155  34  ASN A CG  
269 O OD1 . ASN A 41 ? 0.1873 0.1268 0.2251 0.0047  -0.0679 0.0106  34  ASN A OD1 
270 N ND2 . ASN A 41 ? 0.1405 0.1385 0.1913 -0.0137 -0.0428 0.0118  34  ASN A ND2 
271 N N   . VAL A 42 ? 0.1021 0.0459 0.0815 0.0245  0.0251  0.0071  35  VAL A N   
272 C CA  . VAL A 42 ? 0.1028 0.0372 0.0870 0.0254  0.0072  -0.0025 35  VAL A CA  
273 C C   . VAL A 42 ? 0.1286 0.0459 0.1252 0.0318  -0.0042 0.0005  35  VAL A C   
274 O O   . VAL A 42 ? 0.1565 0.0507 0.1260 0.0296  -0.0187 -0.0043 35  VAL A O   
275 C CB  . VAL A 42 ? 0.1253 0.0814 0.0741 0.0193  0.0107  0.0227  35  VAL A CB  
276 C CG1 . VAL A 42 ? 0.1314 0.1144 0.0368 0.0012  -0.0032 0.0177  35  VAL A CG1 
277 C CG2 . VAL A 42 ? 0.1101 0.1047 0.1190 0.0073  0.0157  0.0374  35  VAL A CG2 
278 N N   . LEU A 43 ? 0.1346 0.0413 0.1434 0.0210  -0.0042 0.0064  36  LEU A N   
279 C CA  . LEU A 43 ? 0.1436 0.0474 0.1488 0.0329  0.0000  0.0040  36  LEU A CA  
280 C C   . LEU A 43 ? 0.1510 0.0452 0.1575 0.0264  0.0026  -0.0023 36  LEU A C   
281 O O   . LEU A 43 ? 0.1423 0.0478 0.1565 0.0274  0.0037  -0.0101 36  LEU A O   
282 C CB  . LEU A 43 ? 0.1378 0.0858 0.2242 0.0306  -0.0024 0.0187  36  LEU A CB  
283 C CG  . LEU A 43 ? 0.1474 0.1357 0.2736 0.0108  -0.0064 0.0319  36  LEU A CG  
284 C CD1 . LEU A 43 ? 0.1575 0.1581 0.2881 -0.0023 -0.0151 0.0353  36  LEU A CD1 
285 C CD2 . LEU A 43 ? 0.1446 0.1403 0.3014 0.0245  -0.0050 0.0439  36  LEU A CD2 
286 N N   . ASN A 44 ? 0.1832 0.0584 0.1898 0.0345  -0.0057 -0.0048 37  ASN A N   
287 C CA  A ASN A 44 ? 0.2015 0.0659 0.1964 0.0370  -0.0208 -0.0035 37  ASN A CA  
288 C CA  B ASN A 44 ? 0.2083 0.0689 0.2015 0.0371  -0.0278 -0.0013 37  ASN A CA  
289 C C   . ASN A 44 ? 0.1983 0.0673 0.1874 0.0396  -0.0237 -0.0058 37  ASN A C   
290 O O   . ASN A 44 ? 0.1912 0.0694 0.1951 0.0283  -0.0269 -0.0060 37  ASN A O   
291 C CB  A ASN A 44 ? 0.2259 0.0734 0.2257 0.0323  -0.0374 -0.0046 37  ASN A CB  
292 C CB  B ASN A 44 ? 0.2383 0.0956 0.2357 0.0267  -0.0521 0.0052  37  ASN A CB  
293 C CG  A ASN A 44 ? 0.2399 0.0802 0.2540 0.0266  -0.0519 -0.0103 37  ASN A CG  
294 C CG  B ASN A 44 ? 0.2559 0.1290 0.2606 0.0163  -0.0705 0.0088  37  ASN A CG  
295 O OD1 A ASN A 44 ? 0.2451 0.0902 0.2585 0.0181  -0.0589 -0.0064 37  ASN A OD1 
296 O OD1 B ASN A 44 ? 0.2605 0.1331 0.2771 0.0141  -0.0801 0.0101  37  ASN A OD1 
297 N ND2 A ASN A 44 ? 0.2490 0.0863 0.2725 0.0266  -0.0561 -0.0171 37  ASN A ND2 
298 N ND2 B ASN A 44 ? 0.2644 0.1479 0.2689 0.0054  -0.0775 0.0086  37  ASN A ND2 
299 N N   . GLY A 45 ? 0.1821 0.0680 0.1675 0.0444  -0.0119 -0.0174 38  GLY A N   
300 C CA  . GLY A 45 ? 0.1705 0.0711 0.1355 0.0500  -0.0095 -0.0163 38  GLY A CA  
301 C C   . GLY A 45 ? 0.1437 0.0658 0.1113 0.0386  -0.0058 -0.0212 38  GLY A C   
302 O O   . GLY A 45 ? 0.1595 0.0981 0.1073 0.0343  -0.0072 -0.0104 38  GLY A O   
303 N N   . GLY A 46 ? 0.1050 0.0556 0.1278 0.0359  0.0079  -0.0172 39  GLY A N   
304 C CA  . GLY A 46 ? 0.0854 0.0519 0.1033 0.0363  0.0036  -0.0095 39  GLY A CA  
305 C C   . GLY A 46 ? 0.0733 0.0586 0.0808 0.0362  0.0003  -0.0146 39  GLY A C   
306 O O   . GLY A 46 ? 0.0873 0.0634 0.1057 0.0387  -0.0128 -0.0208 39  GLY A O   
307 N N   . VAL A 47 ? 0.0763 0.0571 0.0583 0.0232  -0.0098 -0.0096 40  VAL A N   
308 C CA  . VAL A 47 ? 0.0525 0.0677 0.0809 0.0314  0.0038  0.0038  40  VAL A CA  
309 C C   . VAL A 47 ? 0.0378 0.0520 0.0741 0.0235  0.0109  -0.0073 40  VAL A C   
310 O O   . VAL A 47 ? 0.0486 0.0698 0.0864 0.0298  0.0151  -0.0098 40  VAL A O   
311 C CB  . VAL A 47 ? 0.0683 0.0796 0.0987 0.0212  -0.0183 0.0187  40  VAL A CB  
312 C CG1 . VAL A 47 ? 0.0674 0.0918 0.0822 0.0120  -0.0229 0.0224  40  VAL A CG1 
313 C CG2 . VAL A 47 ? 0.0830 0.1059 0.1106 0.0184  -0.0338 0.0306  40  VAL A CG2 
314 N N   . ALA A 48 ? 0.0378 0.0620 0.0542 0.0266  0.0060  0.0081  41  ALA A N   
315 C CA  . ALA A 48 ? 0.0436 0.0567 0.0685 0.0283  0.0073  0.0051  41  ALA A CA  
316 C C   . ALA A 48 ? 0.0553 0.0510 0.0868 0.0273  0.0094  -0.0109 41  ALA A C   
317 O O   . ALA A 48 ? 0.0585 0.0683 0.1093 0.0295  0.0114  -0.0164 41  ALA A O   
318 C CB  . ALA A 48 ? 0.0378 0.0459 0.0672 0.0203  0.0146  0.0054  41  ALA A CB  
319 N N   . ASP A 49 ? 0.0819 0.0498 0.1036 0.0354  0.0046  -0.0071 42  ASP A N   
320 C CA  . ASP A 49 ? 0.0953 0.0639 0.1396 0.0410  -0.0024 -0.0077 42  ASP A CA  
321 C C   . ASP A 49 ? 0.0932 0.0899 0.1395 0.0519  0.0137  -0.0145 42  ASP A C   
322 O O   . ASP A 49 ? 0.0876 0.1034 0.1557 0.0509  0.0181  -0.0112 42  ASP A O   
323 C CB  . ASP A 49 ? 0.1156 0.0570 0.1629 0.0297  -0.0160 -0.0185 42  ASP A CB  
324 C CG  . ASP A 49 ? 0.1492 0.0886 0.2280 0.0394  -0.0473 -0.0095 42  ASP A CG  
325 O OD1 . ASP A 49 ? 0.1769 0.1100 0.2196 0.0269  -0.0790 0.0012  42  ASP A OD1 
326 O OD2 . ASP A 49 ? 0.1586 0.1010 0.2596 0.0520  -0.0373 -0.0242 42  ASP A OD2 
327 N N   . ARG A 50 ? 0.1168 0.1204 0.1265 0.0543  0.0099  -0.0429 43  ARG A N   
328 C CA  . ARG A 50 ? 0.1221 0.1662 0.1495 0.0588  0.0269  -0.0379 43  ARG A CA  
329 C C   . ARG A 50 ? 0.1098 0.1421 0.1660 0.0583  0.0369  -0.0296 43  ARG A C   
330 O O   . ARG A 50 ? 0.1128 0.1716 0.1862 0.0606  0.0426  -0.0326 43  ARG A O   
331 C CB  . ARG A 50 ? 0.1606 0.1957 0.1641 0.0598  0.0157  -0.0483 43  ARG A CB  
332 C CG  . ARG A 50 ? 0.2135 0.2470 0.2196 0.0565  -0.0142 -0.0359 43  ARG A CG  
333 C CD  . ARG A 50 ? 0.2596 0.2935 0.2279 0.0459  -0.0382 -0.0285 43  ARG A CD  
334 N NE  . ARG A 50 ? 0.2983 0.3313 0.2511 0.0403  -0.0481 -0.0215 43  ARG A NE  
335 C CZ  . ARG A 50 ? 0.3282 0.3444 0.2254 0.0308  -0.0572 -0.0339 43  ARG A CZ  
336 N NH1 . ARG A 50 ? 0.3406 0.3615 0.2192 0.0184  -0.0638 -0.0373 43  ARG A NH1 
337 N NH2 . ARG A 50 ? 0.3344 0.3434 0.1993 0.0407  -0.0524 -0.0406 43  ARG A NH2 
338 N N   . HIS A 51 ? 0.0977 0.1125 0.1404 0.0516  0.0277  -0.0266 44  HIS A N   
339 C CA  . HIS A 51 ? 0.1039 0.1012 0.1499 0.0507  0.0267  -0.0231 44  HIS A CA  
340 C C   . HIS A 51 ? 0.0931 0.1110 0.1374 0.0467  0.0348  -0.0168 44  HIS A C   
341 O O   . HIS A 51 ? 0.0968 0.1221 0.1503 0.0488  0.0380  -0.0187 44  HIS A O   
342 C CB  . HIS A 51 ? 0.1035 0.0909 0.1686 0.0437  0.0267  -0.0195 44  HIS A CB  
343 C CG  . HIS A 51 ? 0.0949 0.1160 0.1712 0.0362  0.0337  -0.0003 44  HIS A CG  
344 N ND1 . HIS A 51 ? 0.1007 0.1257 0.1562 0.0254  0.0304  -0.0056 44  HIS A ND1 
345 C CD2 . HIS A 51 ? 0.0998 0.1137 0.1834 0.0350  0.0261  -0.0049 44  HIS A CD2 
346 C CE1 . HIS A 51 ? 0.1003 0.1259 0.1858 0.0152  0.0278  0.0002  44  HIS A CE1 
347 N NE2 . HIS A 51 ? 0.0950 0.1347 0.1740 0.0313  0.0332  0.0071  44  HIS A NE2 
348 N N   . GLY A 52 ? 0.1070 0.0761 0.1471 0.0462  0.0177  -0.0138 45  GLY A N   
349 C CA  . GLY A 52 ? 0.1211 0.0899 0.1556 0.0339  0.0066  -0.0039 45  GLY A CA  
350 C C   . GLY A 52 ? 0.1137 0.1059 0.1537 0.0170  -0.0004 0.0072  45  GLY A C   
351 O O   . GLY A 52 ? 0.1416 0.1550 0.1850 0.0113  -0.0291 0.0128  45  GLY A O   
352 N N   . GLN A 53 ? 0.0780 0.0989 0.1126 0.0243  0.0411  0.0080  46  GLN A N   
353 C CA  . GLN A 53 ? 0.0799 0.1465 0.0948 -0.0029 0.0447  0.0220  46  GLN A CA  
354 C C   . GLN A 53 ? 0.0766 0.1322 0.0920 0.0139  0.0450  0.0182  46  GLN A C   
355 O O   . GLN A 53 ? 0.1036 0.1624 0.1204 0.0185  0.0334  0.0236  46  GLN A O   
356 C CB  . GLN A 53 ? 0.1015 0.1933 0.1095 -0.0284 0.0460  0.0214  46  GLN A CB  
357 C CG  . GLN A 53 ? 0.1371 0.2502 0.1706 -0.0493 0.0184  0.0294  46  GLN A CG  
358 C CD  . GLN A 53 ? 0.1661 0.2976 0.2356 -0.0683 -0.0198 0.0420  46  GLN A CD  
359 O OE1 . GLN A 53 ? 0.1919 0.2946 0.2867 -0.0733 -0.0503 0.0392  46  GLN A OE1 
360 N NE2 . GLN A 53 ? 0.1688 0.3243 0.2412 -0.0714 -0.0263 0.0525  46  GLN A NE2 
361 N N   . LEU A 54 ? 0.0595 0.0784 0.0736 0.0146  0.0372  0.0057  47  LEU A N   
362 C CA  . LEU A 54 ? 0.0541 0.0464 0.0761 0.0158  0.0350  0.0149  47  LEU A CA  
363 C C   . LEU A 54 ? 0.0657 0.0392 0.0676 0.0207  0.0338  0.0160  47  LEU A C   
364 O O   . LEU A 54 ? 0.0782 0.0791 0.0804 0.0201  0.0450  0.0155  47  LEU A O   
365 C CB  . LEU A 54 ? 0.0686 0.0392 0.0847 0.0235  0.0083  0.0154  47  LEU A CB  
366 C CG  . LEU A 54 ? 0.0844 0.0462 0.0903 0.0263  0.0128  0.0222  47  LEU A CG  
367 C CD1 . LEU A 54 ? 0.1097 0.0813 0.1049 0.0368  -0.0098 0.0373  47  LEU A CD1 
368 C CD2 . LEU A 54 ? 0.1023 0.0624 0.1217 0.0068  0.0135  0.0306  47  LEU A CD2 
369 N N   . GLU A 55 ? 0.0490 0.0400 0.0656 0.0173  0.0297  0.0240  48  GLU A N   
370 C CA  . GLU A 55 ? 0.0518 0.0417 0.0783 0.0138  0.0216  0.0279  48  GLU A CA  
371 C C   . GLU A 55 ? 0.0346 0.0303 0.0632 0.0110  0.0146  0.0192  48  GLU A C   
372 O O   . GLU A 55 ? 0.0335 0.0262 0.0674 0.0095  0.0153  0.0131  48  GLU A O   
373 C CB  . GLU A 55 ? 0.0643 0.0797 0.1099 0.0281  0.0390  0.0417  48  GLU A CB  
374 C CG  . GLU A 55 ? 0.0824 0.1403 0.1398 0.0448  0.0423  0.0440  48  GLU A CG  
375 C CD  . GLU A 55 ? 0.0963 0.2264 0.1861 0.0450  0.0342  0.0688  48  GLU A CD  
376 O OE1 . GLU A 55 ? 0.1062 0.2172 0.2340 0.0511  0.0251  0.0688  48  GLU A OE1 
377 O OE2 . GLU A 55 ? 0.1140 0.2741 0.2143 0.0461  0.0246  0.0713  48  GLU A OE2 
378 N N   . GLU A 56 ? 0.0343 0.0299 0.0557 0.0101  0.0109  0.0198  49  GLU A N   
379 C CA  . GLU A 56 ? 0.0370 0.0497 0.0729 0.0092  0.0225  0.0273  49  GLU A CA  
380 C C   . GLU A 56 ? 0.0367 0.0499 0.0835 0.0031  0.0197  0.0278  49  GLU A C   
381 O O   . GLU A 56 ? 0.0364 0.0479 0.0923 0.0131  0.0133  0.0271  49  GLU A O   
382 C CB  . GLU A 56 ? 0.0501 0.0472 0.1027 0.0055  0.0179  0.0336  49  GLU A CB  
383 C CG  . GLU A 56 ? 0.0675 0.0372 0.0787 -0.0057 0.0111  0.0251  49  GLU A CG  
384 C CD  . GLU A 56 ? 0.0649 0.0281 0.0699 0.0072  0.0158  0.0169  49  GLU A CD  
385 O OE1 . GLU A 56 ? 0.0645 0.0366 0.0813 0.0153  0.0252  0.0212  49  GLU A OE1 
386 O OE2 . GLU A 56 ? 0.0627 0.0248 0.0741 0.0089  0.0080  0.0127  49  GLU A OE2 
387 N N   . ASN A 57 ? 0.0405 0.0326 0.0924 0.0079  0.0288  0.0180  50  ASN A N   
388 C CA  . ASN A 57 ? 0.0791 0.0693 0.0859 -0.0102 0.0215  0.0344  50  ASN A CA  
389 C C   . ASN A 57 ? 0.0484 0.0651 0.0618 0.0037  0.0226  0.0284  50  ASN A C   
390 O O   . ASN A 57 ? 0.0547 0.0654 0.0819 -0.0017 0.0078  0.0323  50  ASN A O   
391 C CB  . ASN A 57 ? 0.1557 0.1198 0.1177 -0.0352 -0.0119 0.0488  50  ASN A CB  
392 C CG  . ASN A 57 ? 0.2036 0.1698 0.2462 -0.0645 -0.0137 0.0415  50  ASN A CG  
393 O OD1 . ASN A 57 ? 0.2202 0.2062 0.2835 -0.0901 0.0052  0.0314  50  ASN A OD1 
394 N ND2 . ASN A 57 ? 0.2444 0.1948 0.2593 -0.0672 -0.0490 0.0564  50  ASN A ND2 
395 N N   . ASP A 58 ? 0.0346 0.0308 0.0472 0.0131  0.0214  0.0170  51  ASP A N   
396 C CA  . ASP A 58 ? 0.0206 0.0258 0.0586 0.0048  0.0172  0.0201  51  ASP A CA  
397 C C   . ASP A 58 ? 0.0170 0.0277 0.0520 0.0020  0.0074  0.0157  51  ASP A C   
398 O O   . ASP A 58 ? 0.0230 0.0419 0.0816 0.0074  -0.0010 -0.0006 51  ASP A O   
399 C CB  . ASP A 58 ? 0.0370 0.0386 0.0610 0.0008  0.0254  0.0096  51  ASP A CB  
400 C CG  . ASP A 58 ? 0.0553 0.0616 0.0526 0.0036  0.0213  0.0217  51  ASP A CG  
401 O OD1 . ASP A 58 ? 0.0696 0.0700 0.0647 0.0295  0.0214  0.0245  51  ASP A OD1 
402 O OD2 . ASP A 58 ? 0.0608 0.0648 0.0956 -0.0018 0.0328  0.0285  51  ASP A OD2 
403 N N   . ARG A 59 ? 0.0316 0.0281 0.0507 0.0035  -0.0045 0.0191  52  ARG A N   
404 C CA  . ARG A 59 ? 0.0408 0.0235 0.0404 0.0118  -0.0062 0.0115  52  ARG A CA  
405 C C   . ARG A 59 ? 0.0236 0.0384 0.0349 0.0005  -0.0005 0.0219  52  ARG A C   
406 O O   . ARG A 59 ? 0.0284 0.0613 0.0799 0.0010  0.0020  0.0406  52  ARG A O   
407 C CB  . ARG A 59 ? 0.0644 0.0360 0.0438 0.0157  -0.0133 0.0116  52  ARG A CB  
408 C CG  . ARG A 59 ? 0.0805 0.0314 0.0581 0.0128  -0.0221 0.0060  52  ARG A CG  
409 C CD  . ARG A 59 ? 0.0851 0.0399 0.0766 0.0087  -0.0211 0.0001  52  ARG A CD  
410 N NE  . ARG A 59 ? 0.0678 0.0439 0.0691 0.0200  0.0036  -0.0165 52  ARG A NE  
411 C CZ  . ARG A 59 ? 0.0766 0.0980 0.0713 0.0235  -0.0050 -0.0057 52  ARG A CZ  
412 N NH1 . ARG A 59 ? 0.0970 0.1373 0.1251 0.0265  -0.0185 0.0034  52  ARG A NH1 
413 N NH2 . ARG A 59 ? 0.0944 0.1017 0.1025 0.0291  -0.0095 -0.0195 52  ARG A NH2 
414 N N   . VAL A 60 ? 0.0320 0.0267 0.0243 0.0035  -0.0065 0.0133  53  VAL A N   
415 C CA  . VAL A 60 ? 0.0518 0.0322 0.0354 0.0101  -0.0096 0.0143  53  VAL A CA  
416 C C   . VAL A 60 ? 0.0435 0.0239 0.0403 0.0101  0.0088  0.0142  53  VAL A C   
417 O O   . VAL A 60 ? 0.0615 0.0192 0.0480 0.0091  0.0100  0.0037  53  VAL A O   
418 C CB  . VAL A 60 ? 0.0672 0.0202 0.0440 0.0037  -0.0161 0.0030  53  VAL A CB  
419 C CG1 . VAL A 60 ? 0.0726 0.0289 0.0603 0.0029  -0.0150 0.0158  53  VAL A CG1 
420 C CG2 . VAL A 60 ? 0.0919 0.0360 0.0913 0.0143  -0.0158 0.0134  53  VAL A CG2 
421 N N   . LEU A 61 ? 0.0359 0.0168 0.0424 -0.0021 0.0073  0.0104  54  LEU A N   
422 C CA  . LEU A 61 ? 0.0416 0.0254 0.0750 0.0101  0.0065  0.0105  54  LEU A CA  
423 C C   . LEU A 61 ? 0.0377 0.0338 0.0568 -0.0027 0.0199  0.0140  54  LEU A C   
424 O O   . LEU A 61 ? 0.0491 0.0291 0.0643 -0.0022 0.0094  -0.0024 54  LEU A O   
425 C CB  . LEU A 61 ? 0.0416 0.0385 0.0985 0.0094  -0.0085 0.0145  54  LEU A CB  
426 C CG  . LEU A 61 ? 0.0446 0.0838 0.1150 0.0051  0.0055  0.0309  54  LEU A CG  
427 C CD1 . LEU A 61 ? 0.0587 0.1199 0.1639 0.0016  -0.0157 0.0335  54  LEU A CD1 
428 C CD2 . LEU A 61 ? 0.0717 0.1154 0.1164 -0.0061 -0.0084 0.0458  54  LEU A CD2 
429 N N   . ALA A 62 ? 0.0408 0.0340 0.0328 -0.0052 0.0136  0.0135  55  ALA A N   
430 C CA  . ALA A 62 ? 0.0423 0.0217 0.0451 -0.0101 0.0067  0.0126  55  ALA A CA  
431 C C   . ALA A 62 ? 0.0329 0.0235 0.0382 -0.0070 0.0177  0.0017  55  ALA A C   
432 O O   . ALA A 62 ? 0.0377 0.0417 0.0670 -0.0077 0.0245  0.0041  55  ALA A O   
433 C CB  . ALA A 62 ? 0.0576 0.0438 0.0652 -0.0224 -0.0003 0.0201  55  ALA A CB  
434 N N   . ILE A 63 ? 0.0374 0.0419 0.0291 -0.0076 0.0139  0.0116  56  ILE A N   
435 C CA  . ILE A 63 ? 0.0282 0.0199 0.0543 -0.0022 0.0104  0.0101  56  ILE A CA  
436 C C   . ILE A 63 ? 0.0177 0.0133 0.0398 0.0029  0.0129  0.0066  56  ILE A C   
437 O O   . ILE A 63 ? 0.0179 0.0160 0.0528 0.0014  0.0112  0.0009  56  ILE A O   
438 C CB  . ILE A 63 ? 0.0472 0.0422 0.0555 -0.0209 0.0120  0.0128  56  ILE A CB  
439 C CG1 . ILE A 63 ? 0.0592 0.0774 0.0746 -0.0212 0.0067  0.0347  56  ILE A CG1 
440 C CG2 . ILE A 63 ? 0.0585 0.0383 0.0758 -0.0255 0.0079  -0.0016 56  ILE A CG2 
441 C CD1 . ILE A 63 ? 0.0680 0.1182 0.1244 -0.0244 0.0049  0.0562  56  ILE A CD1 
442 N N   . ASN A 64 ? 0.0173 0.0242 0.0417 0.0050  0.0101  0.0156  57  ASN A N   
443 C CA  . ASN A 64 ? 0.0359 0.0360 0.0231 -0.0023 0.0054  0.0153  57  ASN A CA  
444 C C   . ASN A 64 ? 0.0358 0.0359 0.0403 -0.0145 0.0116  0.0104  57  ASN A C   
445 O O   . ASN A 64 ? 0.0491 0.0313 0.0551 -0.0148 0.0096  0.0140  57  ASN A O   
446 C CB  . ASN A 64 ? 0.0479 0.0252 0.0277 0.0134  -0.0092 0.0047  57  ASN A CB  
447 C CG  . ASN A 64 ? 0.0553 0.0393 0.0654 0.0234  -0.0096 0.0110  57  ASN A CG  
448 O OD1 . ASN A 64 ? 0.0885 0.0384 0.0845 0.0217  -0.0095 0.0003  57  ASN A OD1 
449 N ND2 . ASN A 64 ? 0.0824 0.0473 0.0775 0.0011  -0.0453 0.0087  57  ASN A ND2 
450 N N   . GLY A 65 ? 0.0362 0.0364 0.0432 -0.0195 0.0107  -0.0010 58  GLY A N   
451 C CA  . GLY A 65 ? 0.0506 0.0452 0.0548 -0.0270 0.0114  -0.0094 58  GLY A CA  
452 C C   . GLY A 65 ? 0.0422 0.0465 0.0638 -0.0174 0.0236  -0.0066 58  GLY A C   
453 O O   . GLY A 65 ? 0.0675 0.0810 0.1270 -0.0339 0.0273  -0.0258 58  GLY A O   
454 N N   . HIS A 66 ? 0.0451 0.0355 0.0615 -0.0047 0.0301  0.0002  59  HIS A N   
455 C CA  . HIS A 66 ? 0.0593 0.0504 0.0851 -0.0176 0.0227  0.0073  59  HIS A CA  
456 C C   . HIS A 66 ? 0.0720 0.0451 0.0550 -0.0021 0.0358  0.0055  59  HIS A C   
457 O O   . HIS A 66 ? 0.0757 0.0325 0.0599 0.0020  0.0341  -0.0072 59  HIS A O   
458 C CB  . HIS A 66 ? 0.0752 0.0535 0.1137 -0.0180 -0.0011 -0.0028 59  HIS A CB  
459 C CG  . HIS A 66 ? 0.0999 0.0518 0.1406 0.0213  -0.0005 -0.0050 59  HIS A CG  
460 N ND1 . HIS A 66 ? 0.1551 0.0981 0.1689 0.0351  -0.0127 0.0152  59  HIS A ND1 
461 C CD2 . HIS A 66 ? 0.1114 0.0690 0.1196 0.0368  0.0031  0.0118  59  HIS A CD2 
462 C CE1 . HIS A 66 ? 0.1611 0.1048 0.1502 0.0449  -0.0185 0.0192  59  HIS A CE1 
463 N NE2 . HIS A 66 ? 0.1370 0.0935 0.1219 0.0445  -0.0057 0.0131  59  HIS A NE2 
464 N N   . ASP A 67 ? 0.0978 0.0496 0.0887 0.0027  0.0242  0.0071  60  ASP A N   
465 C CA  . ASP A 67 ? 0.1104 0.0381 0.0992 -0.0165 0.0250  -0.0124 60  ASP A CA  
466 C C   . ASP A 67 ? 0.0915 0.0439 0.1069 -0.0046 0.0485  0.0028  60  ASP A C   
467 O O   . ASP A 67 ? 0.1143 0.0746 0.1500 0.0122  0.0644  0.0122  60  ASP A O   
468 C CB  . ASP A 67 ? 0.1485 0.0686 0.1318 -0.0176 -0.0095 -0.0493 60  ASP A CB  
469 C CG  . ASP A 67 ? 0.2151 0.1228 0.1496 -0.0515 -0.0315 -0.0515 60  ASP A CG  
470 O OD1 . ASP A 67 ? 0.1835 0.1146 0.1614 -0.0772 -0.0143 -0.0207 60  ASP A OD1 
471 O OD2 . ASP A 67 ? 0.2628 0.2211 0.2263 -0.0395 -0.0438 -0.0235 60  ASP A OD2 
472 N N   . LEU A 68 ? 0.0639 0.0414 0.0345 -0.0021 0.0250  0.0033  61  LEU A N   
473 C CA  . LEU A 68 ? 0.0614 0.0605 0.0222 -0.0163 0.0047  -0.0099 61  LEU A CA  
474 C C   . LEU A 68 ? 0.0603 0.0526 0.0252 -0.0139 -0.0001 -0.0145 61  LEU A C   
475 O O   . LEU A 68 ? 0.0576 0.0301 0.0263 -0.0170 0.0027  -0.0089 61  LEU A O   
476 C CB  . LEU A 68 ? 0.0718 0.0889 0.0282 -0.0129 -0.0084 -0.0104 61  LEU A CB  
477 C CG  . LEU A 68 ? 0.0721 0.1295 0.0457 -0.0002 -0.0106 -0.0149 61  LEU A CG  
478 C CD1 . LEU A 68 ? 0.0899 0.1222 0.0603 -0.0050 -0.0174 -0.0344 61  LEU A CD1 
479 C CD2 . LEU A 68 ? 0.0574 0.1767 0.0486 0.0005  -0.0077 0.0002  61  LEU A CD2 
480 N N   . ARG A 69 ? 0.0473 0.0654 0.0297 -0.0068 0.0180  -0.0084 62  ARG A N   
481 C CA  . ARG A 69 ? 0.0535 0.0694 0.0258 -0.0291 0.0043  -0.0101 62  ARG A CA  
482 C C   . ARG A 69 ? 0.0596 0.0660 0.0253 -0.0192 -0.0061 -0.0087 62  ARG A C   
483 O O   . ARG A 69 ? 0.0693 0.0776 0.0325 -0.0165 0.0140  -0.0002 62  ARG A O   
484 C CB  . ARG A 69 ? 0.0795 0.0880 0.0625 -0.0448 -0.0164 -0.0021 62  ARG A CB  
485 C CG  . ARG A 69 ? 0.1088 0.1360 0.1209 -0.0554 -0.0152 -0.0071 62  ARG A CG  
486 C CD  . ARG A 69 ? 0.1375 0.1818 0.1437 -0.0787 -0.0128 -0.0070 62  ARG A CD  
487 N NE  . ARG A 69 ? 0.1469 0.2098 0.2046 -0.0981 -0.0032 -0.0225 62  ARG A NE  
488 C CZ  . ARG A 69 ? 0.1651 0.2404 0.2261 -0.1102 -0.0170 -0.0272 62  ARG A CZ  
489 N NH1 . ARG A 69 ? 0.1832 0.2618 0.2217 -0.1146 -0.0225 -0.0272 62  ARG A NH1 
490 N NH2 . ARG A 69 ? 0.1614 0.2671 0.2388 -0.1107 -0.0074 -0.0315 62  ARG A NH2 
491 N N   . PHE A 70 ? 0.0468 0.0681 0.0307 -0.0062 0.0024  -0.0226 63  PHE A N   
492 C CA  . PHE A 70 ? 0.0586 0.0889 0.0262 0.0040  -0.0056 -0.0128 63  PHE A CA  
493 C C   . PHE A 70 ? 0.0677 0.0947 0.0328 -0.0057 -0.0144 -0.0138 63  PHE A C   
494 O O   . PHE A 70 ? 0.0774 0.1046 0.0668 -0.0156 -0.0218 -0.0176 63  PHE A O   
495 C CB  . PHE A 70 ? 0.0671 0.1031 0.0410 0.0111  -0.0030 -0.0084 63  PHE A CB  
496 C CG  . PHE A 70 ? 0.0861 0.0987 0.0431 0.0083  -0.0115 -0.0170 63  PHE A CG  
497 C CD1 . PHE A 70 ? 0.1205 0.1126 0.0590 0.0068  -0.0324 -0.0087 63  PHE A CD1 
498 C CD2 . PHE A 70 ? 0.0944 0.0822 0.0631 0.0146  -0.0243 -0.0368 63  PHE A CD2 
499 C CE1 . PHE A 70 ? 0.1260 0.0972 0.0724 0.0031  -0.0439 -0.0274 63  PHE A CE1 
500 C CE2 . PHE A 70 ? 0.1082 0.0843 0.0860 0.0141  -0.0379 -0.0410 63  PHE A CE2 
501 C CZ  . PHE A 70 ? 0.1141 0.0957 0.0795 0.0123  -0.0401 -0.0382 63  PHE A CZ  
502 N N   . GLY A 71 ? 0.0735 0.0825 0.0367 -0.0154 -0.0159 -0.0158 64  GLY A N   
503 C CA  . GLY A 71 ? 0.0709 0.0832 0.0558 -0.0087 -0.0258 -0.0069 64  GLY A CA  
504 C C   . GLY A 71 ? 0.0671 0.0522 0.0708 0.0109  -0.0282 -0.0107 64  GLY A C   
505 O O   . GLY A 71 ? 0.0765 0.0644 0.0604 0.0046  -0.0340 -0.0044 64  GLY A O   
506 N N   . SER A 72 ? 0.0611 0.0480 0.0652 0.0017  -0.0327 -0.0172 65  SER A N   
507 C CA  . SER A 72 ? 0.0722 0.0542 0.0555 0.0190  -0.0250 -0.0257 65  SER A CA  
508 C C   . SER A 72 ? 0.0576 0.0402 0.0492 0.0051  -0.0071 -0.0122 65  SER A C   
509 O O   . SER A 72 ? 0.0620 0.0474 0.0223 -0.0124 -0.0109 0.0003  65  SER A O   
510 C CB  . SER A 72 ? 0.1023 0.0767 0.0825 0.0365  -0.0387 -0.0385 65  SER A CB  
511 O OG  . SER A 72 ? 0.1423 0.1300 0.0897 0.0467  -0.0548 -0.0371 65  SER A OG  
512 N N   . PRO A 73 ? 0.0612 0.0257 0.0352 0.0146  0.0079  -0.0057 66  PRO A N   
513 C CA  . PRO A 73 ? 0.0614 0.0324 0.0237 0.0049  0.0111  -0.0010 66  PRO A CA  
514 C C   . PRO A 73 ? 0.0346 0.0349 0.0110 0.0021  0.0063  -0.0009 66  PRO A C   
515 O O   . PRO A 73 ? 0.0369 0.0349 0.0157 0.0121  0.0075  0.0071  66  PRO A O   
516 C CB  . PRO A 73 ? 0.0765 0.0198 0.0388 0.0053  -0.0016 -0.0007 66  PRO A CB  
517 C CG  . PRO A 73 ? 0.0885 0.0597 0.0363 0.0015  0.0182  -0.0012 66  PRO A CG  
518 C CD  . PRO A 73 ? 0.0772 0.0511 0.0318 0.0030  0.0148  -0.0065 66  PRO A CD  
519 N N   . GLU A 74 ? 0.0395 0.0354 0.0162 0.0056  -0.0011 0.0106  67  GLU A N   
520 C CA  . GLU A 74 ? 0.0316 0.0509 0.0310 0.0077  0.0159  0.0096  67  GLU A CA  
521 C C   . GLU A 74 ? 0.0149 0.0367 0.0377 0.0047  0.0066  -0.0080 67  GLU A C   
522 O O   . GLU A 74 ? 0.0155 0.0389 0.0218 0.0069  0.0066  0.0010  67  GLU A O   
523 C CB  . GLU A 74 ? 0.0438 0.0775 0.0465 0.0053  0.0232  0.0121  67  GLU A CB  
524 C CG  . GLU A 74 ? 0.0646 0.1169 0.0635 -0.0090 0.0298  0.0167  67  GLU A CG  
525 C CD  . GLU A 74 ? 0.0715 0.1245 0.0867 -0.0109 0.0393  0.0211  67  GLU A CD  
526 O OE1 . GLU A 74 ? 0.0848 0.1281 0.0747 -0.0033 0.0354  0.0313  67  GLU A OE1 
527 O OE2 . GLU A 74 ? 0.0909 0.1762 0.1239 -0.0275 0.0395  0.0379  67  GLU A OE2 
528 N N   . SER A 75 ? 0.0308 0.0340 0.0615 0.0085  -0.0074 -0.0146 68  SER A N   
529 C CA  A SER A 75 ? 0.0328 0.0284 0.0495 0.0034  -0.0055 -0.0149 68  SER A CA  
530 C CA  B SER A 75 ? 0.0286 0.0237 0.0442 0.0071  -0.0031 -0.0133 68  SER A CA  
531 C C   . SER A 75 ? 0.0255 0.0174 0.0570 0.0053  -0.0053 -0.0051 68  SER A C   
532 O O   . SER A 75 ? 0.0362 0.0262 0.0365 0.0075  0.0050  -0.0037 68  SER A O   
533 C CB  A SER A 75 ? 0.0436 0.0445 0.0616 -0.0030 0.0039  -0.0185 68  SER A CB  
534 C CB  B SER A 75 ? 0.0299 0.0303 0.0444 0.0089  0.0100  -0.0125 68  SER A CB  
535 O OG  A SER A 75 ? 0.0551 0.0667 0.0730 -0.0007 0.0008  -0.0163 68  SER A OG  
536 O OG  B SER A 75 ? 0.0359 0.0381 0.0453 0.0161  0.0115  -0.0107 68  SER A OG  
537 N N   . ALA A 76 ? 0.0263 0.0225 0.0607 0.0060  -0.0145 -0.0021 69  ALA A N   
538 C CA  . ALA A 76 ? 0.0220 0.0179 0.0496 0.0065  -0.0060 -0.0054 69  ALA A CA  
539 C C   . ALA A 76 ? 0.0132 0.0109 0.0311 0.0028  0.0014  -0.0048 69  ALA A C   
540 O O   . ALA A 76 ? 0.0226 0.0216 0.0329 0.0092  0.0139  0.0126  69  ALA A O   
541 C CB  . ALA A 76 ? 0.0287 0.0333 0.0538 0.0148  -0.0093 0.0016  69  ALA A CB  
542 N N   . ALA A 77 ? 0.0173 0.0124 0.0330 0.0036  -0.0124 -0.0066 70  ALA A N   
543 C CA  . ALA A 77 ? 0.0147 0.0112 0.0444 -0.0007 0.0096  -0.0024 70  ALA A CA  
544 C C   . ALA A 77 ? 0.0206 0.0201 0.0359 0.0079  0.0104  0.0017  70  ALA A C   
545 O O   . ALA A 77 ? 0.0242 0.0299 0.0143 0.0016  0.0100  -0.0026 70  ALA A O   
546 C CB  . ALA A 77 ? 0.0276 0.0453 0.0469 -0.0138 0.0153  -0.0150 70  ALA A CB  
547 N N   . HIS A 78 ? 0.0163 0.0195 0.0338 0.0065  0.0097  0.0110  71  HIS A N   
548 C CA  . HIS A 78 ? 0.0198 0.0221 0.0436 0.0096  0.0023  0.0037  71  HIS A CA  
549 C C   . HIS A 78 ? 0.0117 0.0154 0.0341 0.0027  0.0063  0.0001  71  HIS A C   
550 O O   . HIS A 78 ? 0.0048 0.0138 0.0373 0.0071  0.0109  0.0095  71  HIS A O   
551 C CB  . HIS A 78 ? 0.0258 0.0229 0.0414 0.0136  0.0009  -0.0022 71  HIS A CB  
552 C CG  . HIS A 78 ? 0.0305 0.0196 0.0397 0.0093  -0.0058 0.0082  71  HIS A CG  
553 N ND1 . HIS A 78 ? 0.0496 0.0318 0.0463 0.0134  -0.0089 0.0159  71  HIS A ND1 
554 C CD2 . HIS A 78 ? 0.0429 0.0240 0.0657 -0.0051 -0.0111 0.0154  71  HIS A CD2 
555 C CE1 . HIS A 78 ? 0.0427 0.0186 0.0416 0.0102  -0.0033 0.0094  71  HIS A CE1 
556 N NE2 . HIS A 78 ? 0.0499 0.0221 0.0642 0.0080  -0.0049 0.0112  71  HIS A NE2 
557 N N   . LEU A 79 ? 0.0115 0.0080 0.0402 0.0006  0.0058  0.0026  72  LEU A N   
558 C CA  . LEU A 79 ? 0.0115 0.0165 0.0352 0.0004  0.0075  0.0024  72  LEU A CA  
559 C C   . LEU A 79 ? 0.0160 0.0152 0.0586 0.0012  0.0090  0.0035  72  LEU A C   
560 O O   . LEU A 79 ? 0.0283 0.0273 0.0563 -0.0090 0.0110  0.0064  72  LEU A O   
561 C CB  . LEU A 79 ? 0.0418 0.0135 0.0414 -0.0029 -0.0014 0.0023  72  LEU A CB  
562 C CG  . LEU A 79 ? 0.0764 0.0227 0.0685 -0.0112 0.0001  0.0065  72  LEU A CG  
563 C CD1 . LEU A 79 ? 0.1028 0.0601 0.0519 -0.0174 -0.0080 0.0119  72  LEU A CD1 
564 C CD2 . LEU A 79 ? 0.1113 0.0313 0.0890 -0.0048 -0.0066 0.0127  72  LEU A CD2 
565 N N   . ILE A 80 ? 0.0122 0.0043 0.0246 -0.0017 0.0090  -0.0032 73  ILE A N   
566 C CA  . ILE A 80 ? 0.0117 0.0162 0.0324 -0.0005 0.0062  0.0067  73  ILE A CA  
567 C C   . ILE A 80 ? 0.0116 0.0159 0.0190 0.0057  0.0065  0.0104  73  ILE A C   
568 O O   . ILE A 80 ? 0.0143 0.0345 0.0310 -0.0017 0.0095  -0.0047 73  ILE A O   
569 C CB  . ILE A 80 ? 0.0232 0.0221 0.0559 0.0069  0.0098  0.0112  73  ILE A CB  
570 C CG1 . ILE A 80 ? 0.0452 0.0341 0.0497 0.0172  -0.0093 0.0130  73  ILE A CG1 
571 C CG2 . ILE A 80 ? 0.0278 0.0221 0.0641 0.0062  0.0131  0.0015  73  ILE A CG2 
572 C CD1 . ILE A 80 ? 0.0632 0.0415 0.0749 0.0170  -0.0181 0.0161  73  ILE A CD1 
573 N N   . GLN A 81 ? 0.0094 0.0250 0.0217 -0.0003 0.0006  0.0151  74  GLN A N   
574 C CA  . GLN A 81 ? 0.0118 0.0141 0.0303 0.0005  0.0086  0.0002  74  GLN A CA  
575 C C   . GLN A 81 ? 0.0200 0.0224 0.0320 0.0008  0.0144  0.0011  74  GLN A C   
576 O O   . GLN A 81 ? 0.0352 0.0461 0.0373 -0.0103 0.0167  0.0106  74  GLN A O   
577 C CB  . GLN A 81 ? 0.0195 0.0156 0.0568 0.0007  0.0132  0.0022  74  GLN A CB  
578 C CG  . GLN A 81 ? 0.0191 0.0251 0.0401 -0.0060 0.0126  -0.0034 74  GLN A CG  
579 C CD  . GLN A 81 ? 0.0176 0.0264 0.0306 -0.0114 0.0050  0.0035  74  GLN A CD  
580 O OE1 . GLN A 81 ? 0.0217 0.0255 0.0379 -0.0100 0.0078  0.0051  74  GLN A OE1 
581 N NE2 . GLN A 81 ? 0.0131 0.0156 0.0695 0.0035  -0.0107 0.0073  74  GLN A NE2 
582 N N   . ALA A 82 ? 0.0224 0.0063 0.0479 -0.0041 0.0177  -0.0019 75  ALA A N   
583 C CA  . ALA A 82 ? 0.0285 0.0214 0.0626 0.0028  0.0210  0.0068  75  ALA A CA  
584 C C   . ALA A 82 ? 0.0344 0.0672 0.0736 -0.0037 0.0239  0.0084  75  ALA A C   
585 O O   . ALA A 82 ? 0.0675 0.1126 0.0800 -0.0036 0.0184  0.0471  75  ALA A O   
586 C CB  . ALA A 82 ? 0.0156 0.0196 0.0797 -0.0065 0.0237  -0.0008 75  ALA A CB  
587 N N   . SER A 83 ? 0.0365 0.0927 0.0541 -0.0132 0.0175  -0.0015 76  SER A N   
588 C CA  A SER A 83 ? 0.0497 0.1317 0.0743 -0.0144 0.0240  -0.0025 76  SER A CA  
589 C CA  B SER A 83 ? 0.0424 0.0987 0.0646 -0.0106 0.0243  0.0029  76  SER A CA  
590 C C   . SER A 83 ? 0.0602 0.1226 0.0693 -0.0209 0.0287  0.0018  76  SER A C   
591 O O   . SER A 83 ? 0.0898 0.1483 0.0862 -0.0574 0.0201  0.0024  76  SER A O   
592 C CB  A SER A 83 ? 0.0566 0.1966 0.1054 -0.0088 0.0197  -0.0037 76  SER A CB  
593 C CB  B SER A 83 ? 0.0379 0.1028 0.0731 0.0000  0.0217  0.0132  76  SER A CB  
594 O OG  A SER A 83 ? 0.0764 0.2277 0.1286 -0.0149 0.0048  -0.0095 76  SER A OG  
595 O OG  B SER A 83 ? 0.0344 0.0809 0.0607 -0.0022 0.0156  0.0232  76  SER A OG  
596 N N   . GLU A 84 ? 0.0764 0.1260 0.0468 -0.0146 0.0245  -0.0052 77  GLU A N   
597 C CA  . GLU A 84 ? 0.1026 0.1087 0.0588 -0.0004 0.0177  0.0047  77  GLU A CA  
598 C C   . GLU A 84 ? 0.0852 0.0930 0.0811 -0.0153 0.0097  -0.0144 77  GLU A C   
599 O O   . GLU A 84 ? 0.0818 0.1009 0.0982 -0.0283 0.0005  -0.0273 77  GLU A O   
600 C CB  . GLU A 84 ? 0.1456 0.1426 0.1031 0.0097  0.0186  0.0401  77  GLU A CB  
601 C CG  . GLU A 84 ? 0.1971 0.1893 0.1602 0.0014  0.0040  0.0442  77  GLU A CG  
602 C CD  . GLU A 84 ? 0.2409 0.2262 0.1962 -0.0054 -0.0151 0.0578  77  GLU A CD  
603 O OE1 . GLU A 84 ? 0.2666 0.2094 0.2180 -0.0234 -0.0506 0.0300  77  GLU A OE1 
604 O OE2 . GLU A 84 ? 0.2524 0.2836 0.1763 -0.0159 0.0031  0.1003  77  GLU A OE2 
605 N N   . ARG A 85 ? 0.0642 0.0881 0.0704 -0.0138 0.0337  0.0027  78  ARG A N   
606 C CA  . ARG A 85 ? 0.0620 0.0660 0.0633 -0.0211 0.0319  -0.0022 78  ARG A CA  
607 C C   . ARG A 85 ? 0.0553 0.0405 0.0772 -0.0271 0.0010  -0.0027 78  ARG A C   
608 O O   . ARG A 85 ? 0.0488 0.0270 0.0891 -0.0108 0.0058  -0.0011 78  ARG A O   
609 C CB  . ARG A 85 ? 0.0797 0.0681 0.0767 -0.0113 0.0462  -0.0077 78  ARG A CB  
610 C CG  . ARG A 85 ? 0.1145 0.1218 0.1057 -0.0016 0.0640  0.0065  78  ARG A CG  
611 C CD  . ARG A 85 ? 0.1764 0.1762 0.1635 0.0072  0.0448  0.0096  78  ARG A CD  
612 N NE  . ARG A 85 ? 0.2338 0.2418 0.2459 0.0080  0.0164  0.0356  78  ARG A NE  
613 C CZ  . ARG A 85 ? 0.2746 0.2721 0.3166 0.0014  -0.0031 0.0404  78  ARG A CZ  
614 N NH1 . ARG A 85 ? 0.2913 0.2965 0.3362 -0.0107 -0.0118 0.0537  78  ARG A NH1 
615 N NH2 . ARG A 85 ? 0.2944 0.2843 0.3429 0.0131  -0.0080 0.0430  78  ARG A NH2 
616 N N   . ARG A 86 ? 0.0368 0.0530 0.0687 -0.0252 0.0040  0.0002  79  ARG A N   
617 C CA  . ARG A 86 ? 0.0415 0.0628 0.0743 -0.0275 0.0084  0.0068  79  ARG A CA  
618 C C   . ARG A 86 ? 0.0339 0.0468 0.0687 -0.0045 0.0037  0.0008  79  ARG A C   
619 O O   . ARG A 86 ? 0.0648 0.0349 0.0866 0.0196  -0.0116 -0.0129 79  ARG A O   
620 C CB  . ARG A 86 ? 0.0599 0.0808 0.0981 -0.0375 0.0026  0.0165  79  ARG A CB  
621 C CG  . ARG A 86 ? 0.0739 0.0802 0.1200 -0.0425 0.0018  0.0159  79  ARG A CG  
622 C CD  . ARG A 86 ? 0.0920 0.0998 0.1287 -0.0541 -0.0007 0.0202  79  ARG A CD  
623 N NE  . ARG A 86 ? 0.1012 0.1387 0.1222 -0.0621 0.0012  0.0335  79  ARG A NE  
624 C CZ  . ARG A 86 ? 0.1148 0.1847 0.1175 -0.0550 -0.0024 0.0624  79  ARG A CZ  
625 N NH1 . ARG A 86 ? 0.1212 0.1794 0.1155 -0.0354 0.0183  0.0645  79  ARG A NH1 
626 N NH2 . ARG A 86 ? 0.1090 0.1875 0.0922 -0.0556 -0.0059 0.0537  79  ARG A NH2 
627 N N   . VAL A 87 ? 0.0250 0.0242 0.0723 0.0042  0.0133  0.0022  80  VAL A N   
628 C CA  . VAL A 87 ? 0.0355 0.0447 0.0639 0.0078  0.0135  -0.0023 80  VAL A CA  
629 C C   . VAL A 87 ? 0.0379 0.0294 0.0836 0.0099  0.0067  -0.0076 80  VAL A C   
630 O O   . VAL A 87 ? 0.0466 0.0308 0.0985 0.0099  0.0000  -0.0095 80  VAL A O   
631 C CB  . VAL A 87 ? 0.0467 0.0474 0.0521 0.0192  0.0161  -0.0040 80  VAL A CB  
632 C CG1 . VAL A 87 ? 0.0556 0.0592 0.0826 0.0240  0.0230  -0.0089 80  VAL A CG1 
633 C CG2 . VAL A 87 ? 0.0516 0.0595 0.0649 0.0094  0.0085  -0.0062 80  VAL A CG2 
634 N N   . HIS A 88 ? 0.0264 0.0213 0.0682 -0.0051 0.0069  -0.0089 81  HIS A N   
635 C CA  . HIS A 88 ? 0.0315 0.0241 0.0552 -0.0094 0.0099  -0.0139 81  HIS A CA  
636 C C   . HIS A 88 ? 0.0248 0.0167 0.0649 -0.0008 0.0184  -0.0003 81  HIS A C   
637 O O   . HIS A 88 ? 0.0271 0.0468 0.0768 0.0081  0.0150  0.0174  81  HIS A O   
638 C CB  . HIS A 88 ? 0.0431 0.0295 0.0760 -0.0157 0.0023  -0.0034 81  HIS A CB  
639 C CG  . HIS A 88 ? 0.0346 0.0335 0.0850 -0.0059 0.0138  0.0123  81  HIS A CG  
640 N ND1 . HIS A 88 ? 0.0481 0.0415 0.1261 -0.0126 -0.0033 0.0042  81  HIS A ND1 
641 C CD2 . HIS A 88 ? 0.0409 0.0450 0.1152 -0.0114 -0.0006 0.0174  81  HIS A CD2 
642 C CE1 . HIS A 88 ? 0.0559 0.0507 0.1258 -0.0195 -0.0179 0.0139  81  HIS A CE1 
643 N NE2 . HIS A 88 ? 0.0451 0.0569 0.1077 -0.0182 -0.0080 0.0265  81  HIS A NE2 
644 N N   . LEU A 89 ? 0.0273 0.0239 0.0668 -0.0020 0.0122  0.0107  82  LEU A N   
645 C CA  A LEU A 89 ? 0.0480 0.0327 0.0796 -0.0032 0.0058  0.0190  82  LEU A CA  
646 C CA  B LEU A 89 ? 0.0370 0.0228 0.0747 0.0018  0.0107  0.0123  82  LEU A CA  
647 C C   . LEU A 89 ? 0.0382 0.0266 0.0780 0.0074  0.0140  0.0113  82  LEU A C   
648 O O   . LEU A 89 ? 0.0493 0.0482 0.0745 0.0222  0.0228  0.0071  82  LEU A O   
649 C CB  A LEU A 89 ? 0.0684 0.0726 0.0959 -0.0164 0.0125  0.0191  82  LEU A CB  
650 C CB  B LEU A 89 ? 0.0419 0.0278 0.0798 0.0004  0.0152  0.0072  82  LEU A CB  
651 C CG  A LEU A 89 ? 0.0667 0.0841 0.0677 -0.0244 0.0249  0.0113  82  LEU A CG  
652 C CG  B LEU A 89 ? 0.0366 0.0196 0.0616 0.0023  0.0202  -0.0022 82  LEU A CG  
653 C CD1 A LEU A 89 ? 0.0769 0.0717 0.0764 -0.0137 0.0230  0.0132  82  LEU A CD1 
654 C CD1 B LEU A 89 ? 0.0403 0.0191 0.0675 0.0013  0.0149  -0.0033 82  LEU A CD1 
655 C CD2 A LEU A 89 ? 0.0694 0.1135 0.0866 -0.0389 0.0155  0.0077  82  LEU A CD2 
656 C CD2 B LEU A 89 ? 0.0389 0.0205 0.0512 0.0005  0.0180  -0.0088 82  LEU A CD2 
657 N N   . VAL A 90 ? 0.0470 0.0244 0.0666 0.0092  0.0091  0.0138  83  VAL A N   
658 C CA  . VAL A 90 ? 0.0469 0.0403 0.0654 -0.0043 0.0120  0.0205  83  VAL A CA  
659 C C   . VAL A 90 ? 0.0419 0.0425 0.0372 0.0121  0.0099  0.0220  83  VAL A C   
660 O O   . VAL A 90 ? 0.0417 0.0561 0.0427 0.0089  0.0185  0.0220  83  VAL A O   
661 C CB  . VAL A 90 ? 0.0733 0.0537 0.0782 -0.0161 -0.0014 0.0340  83  VAL A CB  
662 C CG1 . VAL A 90 ? 0.0906 0.0823 0.0822 -0.0167 -0.0094 0.0444  83  VAL A CG1 
663 C CG2 . VAL A 90 ? 0.0928 0.0688 0.0852 -0.0263 -0.0100 0.0392  83  VAL A CG2 
664 N N   . VAL A 91 ? 0.0495 0.0450 0.0520 0.0096  -0.0042 0.0261  84  VAL A N   
665 C CA  . VAL A 91 ? 0.0749 0.0611 0.0614 -0.0018 -0.0171 0.0334  84  VAL A CA  
666 C C   . VAL A 91 ? 0.0540 0.0772 0.0661 -0.0045 -0.0065 0.0423  84  VAL A C   
667 O O   . VAL A 91 ? 0.0484 0.0819 0.1000 -0.0118 -0.0026 0.0453  84  VAL A O   
668 C CB  . VAL A 91 ? 0.1109 0.0928 0.1017 -0.0109 -0.0214 0.0556  84  VAL A CB  
669 C CG1 . VAL A 91 ? 0.1145 0.1042 0.1070 -0.0169 -0.0007 0.0613  84  VAL A CG1 
670 C CG2 . VAL A 91 ? 0.1223 0.1057 0.1057 -0.0159 -0.0364 0.0563  84  VAL A CG2 
671 N N   . SER A 92 ? 0.0609 0.0858 0.0835 -0.0006 -0.0161 0.0466  85  SER A N   
672 C CA  . SER A 92 ? 0.0707 0.0862 0.0859 -0.0143 -0.0218 0.0490  85  SER A CA  
673 C C   . SER A 92 ? 0.0722 0.0929 0.0845 -0.0275 -0.0218 0.0481  85  SER A C   
674 O O   . SER A 92 ? 0.0653 0.0793 0.1021 -0.0294 -0.0390 0.0440  85  SER A O   
675 C CB  . SER A 92 ? 0.0914 0.0895 0.1158 -0.0287 -0.0325 0.0462  85  SER A CB  
676 O OG  . SER A 92 ? 0.1017 0.1171 0.1077 -0.0244 -0.0280 0.0515  85  SER A OG  
677 N N   . ARG A 93 ? 0.1095 0.0800 0.0914 -0.0132 -0.0380 0.0394  86  ARG A N   
678 C CA  . ARG A 93 ? 0.1331 0.1080 0.1274 -0.0058 -0.0496 0.0554  86  ARG A CA  
679 C C   . ARG A 93 ? 0.1794 0.1460 0.1482 -0.0165 -0.0662 0.0686  86  ARG A C   
680 O O   . ARG A 93 ? 0.1723 0.1678 0.1683 -0.0128 -0.0588 0.0725  86  ARG A O   
681 C CB  . ARG A 93 ? 0.1174 0.1132 0.1488 0.0023  -0.0432 0.0596  86  ARG A CB  
682 C CG  . ARG A 93 ? 0.1012 0.1439 0.1365 0.0041  -0.0293 0.0559  86  ARG A CG  
683 C CD  . ARG A 93 ? 0.0930 0.1709 0.1205 0.0133  -0.0194 0.0385  86  ARG A CD  
684 N NE  . ARG A 93 ? 0.0691 0.1808 0.1093 0.0163  0.0036  0.0337  86  ARG A NE  
685 C CZ  . ARG A 93 ? 0.0625 0.1912 0.1364 0.0187  0.0119  0.0331  86  ARG A CZ  
686 N NH1 . ARG A 93 ? 0.0685 0.2087 0.1617 0.0343  0.0218  0.0303  86  ARG A NH1 
687 N NH2 . ARG A 93 ? 0.0813 0.1845 0.1411 0.0041  -0.0115 0.0201  86  ARG A NH2 
688 N N   . GLN A 94 ? 0.2303 0.1934 0.1547 -0.0425 -0.0822 0.0752  87  GLN A N   
689 C CA  . GLN A 94 ? 0.2847 0.2594 0.2013 -0.0456 -0.0976 0.0985  87  GLN A CA  
690 C C   . GLN A 94 ? 0.3196 0.3191 0.2224 -0.0592 -0.0911 0.1138  87  GLN A C   
691 O O   . GLN A 94 ? 0.3301 0.3358 0.2288 -0.0539 -0.0754 0.1284  87  GLN A O   
692 C CB  . GLN A 94 ? 0.3038 0.2833 0.2145 -0.0283 -0.1113 0.1007  87  GLN A CB  
693 C CG  . GLN A 94 ? 0.3132 0.3105 0.2357 -0.0177 -0.1214 0.0954  87  GLN A CG  
694 C CD  . GLN A 94 ? 0.3265 0.3360 0.2567 -0.0120 -0.1376 0.0922  87  GLN A CD  
695 O OE1 . GLN A 94 ? 0.3395 0.3674 0.2556 -0.0152 -0.1459 0.0960  87  GLN A OE1 
696 N NE2 . GLN A 94 ? 0.3307 0.3116 0.2947 -0.0044 -0.1447 0.0739  87  GLN A NE2 
697 O OXT . GLN A 94 ? 0.3366 0.3519 0.2296 -0.0692 -0.0836 0.1200  87  GLN A OXT 
698 N N   . VAL B 6  ? 0.0930 0.1453 0.2321 -0.0218 0.0273  0.0599  102 VAL B N   
699 C CA  . VAL B 6  ? 0.0972 0.1545 0.2061 -0.0071 0.0094  0.0516  102 VAL B CA  
700 C C   . VAL B 6  ? 0.0739 0.1344 0.1559 0.0022  0.0068  0.0350  102 VAL B C   
701 O O   . VAL B 6  ? 0.0769 0.1971 0.1737 -0.0095 -0.0023 0.0727  102 VAL B O   
702 C CB  . VAL B 6  ? 0.1340 0.1850 0.2571 0.0031  -0.0208 0.0624  102 VAL B CB  
703 C CG1 . VAL B 6  ? 0.1510 0.1927 0.2762 0.0020  -0.0324 0.0647  102 VAL B CG1 
704 C CG2 . VAL B 6  ? 0.1555 0.2005 0.2886 0.0040  -0.0329 0.0569  102 VAL B CG2 
705 N N   . THR B 7  ? 0.0586 0.0990 0.0823 0.0173  0.0258  0.0213  103 THR B N   
706 C CA  . THR B 7  ? 0.0463 0.0847 0.0700 0.0101  0.0155  0.0032  103 THR B CA  
707 C C   . THR B 7  ? 0.0404 0.0826 0.0645 0.0175  0.0074  0.0002  103 THR B C   
708 O O   . THR B 7  ? 0.0334 0.0901 0.0643 0.0232  0.0015  -0.0046 103 THR B O   
709 C CB  . THR B 7  ? 0.0595 0.0953 0.0709 0.0084  0.0243  0.0047  103 THR B CB  
710 O OG1 . THR B 7  ? 0.0633 0.0880 0.1126 0.0105  0.0392  -0.0085 103 THR B OG1 
711 C CG2 . THR B 7  ? 0.0753 0.0797 0.0966 0.0166  -0.0076 0.0180  103 THR B CG2 
712 N N   . LEU B 8  ? 0.0580 0.0689 0.0320 0.0090  0.0013  -0.0090 104 LEU B N   
713 C CA  . LEU B 8  ? 0.0737 0.0807 0.0620 0.0196  -0.0141 0.0037  104 LEU B CA  
714 C C   . LEU B 8  ? 0.0841 0.0768 0.0873 0.0362  -0.0019 0.0314  104 LEU B C   
715 O O   . LEU B 8  ? 0.0956 0.1109 0.1055 0.0471  0.0072  0.0452  104 LEU B O   
716 C CB  . LEU B 8  ? 0.0830 0.1254 0.0701 0.0204  -0.0306 -0.0059 104 LEU B CB  
717 C CG  . LEU B 8  ? 0.1047 0.1663 0.1197 0.0141  -0.0479 -0.0160 104 LEU B CG  
718 C CD1 . LEU B 8  ? 0.1127 0.1623 0.1580 0.0191  -0.0419 -0.0207 104 LEU B CD1 
719 C CD2 . LEU B 8  ? 0.1318 0.2045 0.1664 -0.0075 -0.0659 -0.0161 104 LEU B CD2 
720 N N   . VAL B 9  ? 0.0952 0.0678 0.0955 0.0346  0.0032  0.0325  105 VAL B N   
721 C CA  . VAL B 9  ? 0.1100 0.0749 0.0779 0.0351  0.0090  0.0346  105 VAL B CA  
722 C C   . VAL B 9  ? 0.1086 0.0551 0.0794 0.0331  0.0132  0.0235  105 VAL B C   
723 O O   . VAL B 9  ? 0.1034 0.0489 0.0733 0.0361  0.0020  0.0058  105 VAL B O   
724 C CB  . VAL B 9  ? 0.1061 0.0683 0.0832 0.0427  0.0103  0.0241  105 VAL B CB  
725 C CG1 . VAL B 9  ? 0.1124 0.0586 0.0933 0.0418  0.0141  0.0121  105 VAL B CG1 
726 C CG2 . VAL B 9  ? 0.1096 0.0877 0.0789 0.0467  -0.0042 0.0262  105 VAL B CG2 
727 O OXT . VAL B 9  ? 0.0782 0.0762 0.0738 -0.0017 0.0204  0.0398  105 VAL B OXT 
728 S S   . SO4 C .  ? 0.4436 0.2944 0.3692 -0.1320 0.0640  0.0545  101 SO4 A S   
729 O O1  . SO4 C .  ? 0.4367 0.2838 0.3704 -0.1414 0.0690  0.0557  101 SO4 A O1  
730 O O2  . SO4 C .  ? 0.4504 0.3039 0.3318 -0.1306 0.0653  0.0513  101 SO4 A O2  
731 O O3  . SO4 C .  ? 0.4428 0.2892 0.3639 -0.1311 0.0578  0.0345  101 SO4 A O3  
732 O O4  . SO4 C .  ? 0.4462 0.2905 0.3895 -0.1178 0.0654  0.0607  101 SO4 A O4  
# 
loop_
_pdbx_poly_seq_scheme.asym_id 
_pdbx_poly_seq_scheme.entity_id 
_pdbx_poly_seq_scheme.seq_id 
_pdbx_poly_seq_scheme.mon_id 
_pdbx_poly_seq_scheme.ndb_seq_num 
_pdbx_poly_seq_scheme.pdb_seq_num 
_pdbx_poly_seq_scheme.auth_seq_num 
_pdbx_poly_seq_scheme.pdb_mon_id 
_pdbx_poly_seq_scheme.auth_mon_id 
_pdbx_poly_seq_scheme.pdb_strand_id 
_pdbx_poly_seq_scheme.pdb_ins_code 
_pdbx_poly_seq_scheme.hetero 
A 1 1  GLY 1  -6  ?   ?   ?   A . n 
A 1 2  PRO 2  -5  ?   ?   ?   A . n 
A 1 3  LEU 3  -4  ?   ?   ?   A . n 
A 1 4  GLY 4  -3  ?   ?   ?   A . n 
A 1 5  SER 5  -2  ?   ?   ?   A . n 
A 1 6  ASP 6  -1  ?   ?   ?   A . n 
A 1 7  HIS 7  0   ?   ?   ?   A . n 
A 1 8  ASP 8  1   ?   ?   ?   A . n 
A 1 9  ASP 9  2   ?   ?   ?   A . n 
A 1 10 SER 10 3   3   SER SER A . n 
A 1 11 PHE 11 4   4   PHE PHE A . n 
A 1 12 HIS 12 5   5   HIS HIS A . n 
A 1 13 VAL 13 6   6   VAL VAL A . n 
A 1 14 ILE 14 7   7   ILE ILE A . n 
A 1 15 LEU 15 8   8   LEU LEU A . n 
A 1 16 ASN 16 9   9   ASN ASN A . n 
A 1 17 LYS 17 10  10  LYS LYS A . n 
A 1 18 SER 18 11  11  SER SER A . n 
A 1 19 SER 19 12  12  SER SER A . n 
A 1 20 PRO 20 13  13  PRO PRO A . n 
A 1 21 GLU 21 14  14  GLU GLU A . n 
A 1 22 GLU 22 15  15  GLU GLU A . n 
A 1 23 GLN 23 16  16  GLN GLN A . n 
A 1 24 LEU 24 17  17  LEU LEU A . n 
A 1 25 GLY 25 18  18  GLY GLY A . n 
A 1 26 ILE 26 19  19  ILE ILE A . n 
A 1 27 LYS 27 20  20  LYS LYS A . n 
A 1 28 LEU 28 21  21  LEU LEU A . n 
A 1 29 VAL 29 22  22  VAL VAL A . n 
A 1 30 ARG 30 23  23  ARG ARG A . n 
A 1 31 ARG 31 24  24  ARG ARG A . n 
A 1 32 VAL 32 25  25  VAL VAL A . n 
A 1 33 ASP 33 26  26  ASP ASP A . n 
A 1 34 GLU 34 27  27  GLU GLU A . n 
A 1 35 PRO 35 28  28  PRO PRO A . n 
A 1 36 GLY 36 29  29  GLY GLY A . n 
A 1 37 VAL 37 30  30  VAL VAL A . n 
A 1 38 PHE 38 31  31  PHE PHE A . n 
A 1 39 ILE 39 32  32  ILE ILE A . n 
A 1 40 PHE 40 33  33  PHE PHE A . n 
A 1 41 ASN 41 34  34  ASN ASN A . n 
A 1 42 VAL 42 35  35  VAL VAL A . n 
A 1 43 LEU 43 36  36  LEU LEU A . n 
A 1 44 ASN 44 37  37  ASN ASN A . n 
A 1 45 GLY 45 38  38  GLY GLY A . n 
A 1 46 GLY 46 39  39  GLY GLY A . n 
A 1 47 VAL 47 40  40  VAL VAL A . n 
A 1 48 ALA 48 41  41  ALA ALA A . n 
A 1 49 ASP 49 42  42  ASP ASP A . n 
A 1 50 ARG 50 43  43  ARG ARG A . n 
A 1 51 HIS 51 44  44  HIS HIS A . n 
A 1 52 GLY 52 45  45  GLY GLY A . n 
A 1 53 GLN 53 46  46  GLN GLN A . n 
A 1 54 LEU 54 47  47  LEU LEU A . n 
A 1 55 GLU 55 48  48  GLU GLU A . n 
A 1 56 GLU 56 49  49  GLU GLU A . n 
A 1 57 ASN 57 50  50  ASN ASN A . n 
A 1 58 ASP 58 51  51  ASP ASP A . n 
A 1 59 ARG 59 52  52  ARG ARG A . n 
A 1 60 VAL 60 53  53  VAL VAL A . n 
A 1 61 LEU 61 54  54  LEU LEU A . n 
A 1 62 ALA 62 55  55  ALA ALA A . n 
A 1 63 ILE 63 56  56  ILE ILE A . n 
A 1 64 ASN 64 57  57  ASN ASN A . n 
A 1 65 GLY 65 58  58  GLY GLY A . n 
A 1 66 HIS 66 59  59  HIS HIS A . n 
A 1 67 ASP 67 60  60  ASP ASP A . n 
A 1 68 LEU 68 61  61  LEU LEU A . n 
A 1 69 ARG 69 62  62  ARG ARG A . n 
A 1 70 PHE 70 63  63  PHE PHE A . n 
A 1 71 GLY 71 64  64  GLY GLY A . n 
A 1 72 SER 72 65  65  SER SER A . n 
A 1 73 PRO 73 66  66  PRO PRO A . n 
A 1 74 GLU 74 67  67  GLU GLU A . n 
A 1 75 SER 75 68  68  SER SER A . n 
A 1 76 ALA 76 69  69  ALA ALA A . n 
A 1 77 ALA 77 70  70  ALA ALA A . n 
A 1 78 HIS 78 71  71  HIS HIS A . n 
A 1 79 LEU 79 72  72  LEU LEU A . n 
A 1 80 ILE 80 73  73  ILE ILE A . n 
A 1 81 GLN 81 74  74  GLN GLN A . n 
A 1 82 ALA 82 75  75  ALA ALA A . n 
A 1 83 SER 83 76  76  SER SER A . n 
A 1 84 GLU 84 77  77  GLU GLU A . n 
A 1 85 ARG 85 78  78  ARG ARG A . n 
A 1 86 ARG 86 79  79  ARG ARG A . n 
A 1 87 VAL 87 80  80  VAL VAL A . n 
A 1 88 HIS 88 81  81  HIS HIS A . n 
A 1 89 LEU 89 82  82  LEU LEU A . n 
A 1 90 VAL 90 83  83  VAL VAL A . n 
A 1 91 VAL 91 84  84  VAL VAL A . n 
A 1 92 SER 92 85  85  SER SER A . n 
A 1 93 ARG 93 86  86  ARG ARG A . n 
A 1 94 GLN 94 87  87  GLN GLN A . n 
B 2 1  TYR 1  97  ?   ?   ?   B . n 
B 2 2  LYS 2  98  ?   ?   ?   B . n 
B 2 3  VAL 3  99  ?   ?   ?   B . n 
B 2 4  ARG 4  100 ?   ?   ?   B . n 
B 2 5  ASN 5  101 ?   ?   ?   B . n 
B 2 6  VAL 6  102 102 VAL VAL B . n 
B 2 7  THR 7  103 103 THR THR B . n 
B 2 8  LEU 8  104 104 LEU LEU B . n 
B 2 9  VAL 9  105 105 VAL VAL B . n 
# 
loop_
_pdbx_nonpoly_scheme.asym_id 
_pdbx_nonpoly_scheme.entity_id 
_pdbx_nonpoly_scheme.mon_id 
_pdbx_nonpoly_scheme.ndb_seq_num 
_pdbx_nonpoly_scheme.pdb_seq_num 
_pdbx_nonpoly_scheme.auth_seq_num 
_pdbx_nonpoly_scheme.pdb_mon_id 
_pdbx_nonpoly_scheme.auth_mon_id 
_pdbx_nonpoly_scheme.pdb_strand_id 
_pdbx_nonpoly_scheme.pdb_ins_code 
C 3 SO4 1   101 1   SO4 SO4 A . 
D 4 HOH 1   201 1   HOH HOH A . 
D 4 HOH 2   202 2   HOH HOH A . 
D 4 HOH 3   203 3   HOH HOH A . 
D 4 HOH 4   204 4   HOH HOH A . 
D 4 HOH 5   205 5   HOH HOH A . 
D 4 HOH 6   206 6   HOH HOH A . 
D 4 HOH 7   207 7   HOH HOH A . 
D 4 HOH 8   208 8   HOH HOH A . 
D 4 HOH 9   209 9   HOH HOH A . 
D 4 HOH 10  210 10  HOH HOH A . 
D 4 HOH 11  211 11  HOH HOH A . 
D 4 HOH 12  212 12  HOH HOH A . 
D 4 HOH 13  213 13  HOH HOH A . 
D 4 HOH 14  214 14  HOH HOH A . 
D 4 HOH 15  215 16  HOH HOH A . 
D 4 HOH 16  216 17  HOH HOH A . 
D 4 HOH 17  217 18  HOH HOH A . 
D 4 HOH 18  218 20  HOH HOH A . 
D 4 HOH 19  219 21  HOH HOH A . 
D 4 HOH 20  220 22  HOH HOH A . 
D 4 HOH 21  221 23  HOH HOH A . 
D 4 HOH 22  222 24  HOH HOH A . 
D 4 HOH 23  223 25  HOH HOH A . 
D 4 HOH 24  224 26  HOH HOH A . 
D 4 HOH 25  225 28  HOH HOH A . 
D 4 HOH 26  226 29  HOH HOH A . 
D 4 HOH 27  227 30  HOH HOH A . 
D 4 HOH 28  228 31  HOH HOH A . 
D 4 HOH 29  229 32  HOH HOH A . 
D 4 HOH 30  230 33  HOH HOH A . 
D 4 HOH 31  231 34  HOH HOH A . 
D 4 HOH 32  232 35  HOH HOH A . 
D 4 HOH 33  233 36  HOH HOH A . 
D 4 HOH 34  234 37  HOH HOH A . 
D 4 HOH 35  235 38  HOH HOH A . 
D 4 HOH 36  236 39  HOH HOH A . 
D 4 HOH 37  237 40  HOH HOH A . 
D 4 HOH 38  238 41  HOH HOH A . 
D 4 HOH 39  239 43  HOH HOH A . 
D 4 HOH 40  240 44  HOH HOH A . 
D 4 HOH 41  241 46  HOH HOH A . 
D 4 HOH 42  242 47  HOH HOH A . 
D 4 HOH 43  243 48  HOH HOH A . 
D 4 HOH 44  244 49  HOH HOH A . 
D 4 HOH 45  245 50  HOH HOH A . 
D 4 HOH 46  246 51  HOH HOH A . 
D 4 HOH 47  247 52  HOH HOH A . 
D 4 HOH 48  248 53  HOH HOH A . 
D 4 HOH 49  249 54  HOH HOH A . 
D 4 HOH 50  250 55  HOH HOH A . 
D 4 HOH 51  251 56  HOH HOH A . 
D 4 HOH 52  252 57  HOH HOH A . 
D 4 HOH 53  253 58  HOH HOH A . 
D 4 HOH 54  254 59  HOH HOH A . 
D 4 HOH 55  255 61  HOH HOH A . 
D 4 HOH 56  256 62  HOH HOH A . 
D 4 HOH 57  257 63  HOH HOH A . 
D 4 HOH 58  258 64  HOH HOH A . 
D 4 HOH 59  259 65  HOH HOH A . 
D 4 HOH 60  260 66  HOH HOH A . 
D 4 HOH 61  261 67  HOH HOH A . 
D 4 HOH 62  262 68  HOH HOH A . 
D 4 HOH 63  263 69  HOH HOH A . 
D 4 HOH 64  264 70  HOH HOH A . 
D 4 HOH 65  265 71  HOH HOH A . 
D 4 HOH 66  266 72  HOH HOH A . 
D 4 HOH 67  267 73  HOH HOH A . 
D 4 HOH 68  268 74  HOH HOH A . 
D 4 HOH 69  269 75  HOH HOH A . 
D 4 HOH 70  270 76  HOH HOH A . 
D 4 HOH 71  271 77  HOH HOH A . 
D 4 HOH 72  272 78  HOH HOH A . 
D 4 HOH 73  273 79  HOH HOH A . 
D 4 HOH 74  274 80  HOH HOH A . 
D 4 HOH 75  275 81  HOH HOH A . 
D 4 HOH 76  276 82  HOH HOH A . 
D 4 HOH 77  277 83  HOH HOH A . 
D 4 HOH 78  278 84  HOH HOH A . 
D 4 HOH 79  279 85  HOH HOH A . 
D 4 HOH 80  280 86  HOH HOH A . 
D 4 HOH 81  281 87  HOH HOH A . 
D 4 HOH 82  282 88  HOH HOH A . 
D 4 HOH 83  283 89  HOH HOH A . 
D 4 HOH 84  284 90  HOH HOH A . 
D 4 HOH 85  285 91  HOH HOH A . 
D 4 HOH 86  286 92  HOH HOH A . 
D 4 HOH 87  287 93  HOH HOH A . 
D 4 HOH 88  288 94  HOH HOH A . 
D 4 HOH 89  289 95  HOH HOH A . 
D 4 HOH 90  290 96  HOH HOH A . 
D 4 HOH 91  291 97  HOH HOH A . 
D 4 HOH 92  292 98  HOH HOH A . 
D 4 HOH 93  293 99  HOH HOH A . 
D 4 HOH 94  294 100 HOH HOH A . 
D 4 HOH 95  295 101 HOH HOH A . 
D 4 HOH 96  296 102 HOH HOH A . 
D 4 HOH 97  297 103 HOH HOH A . 
D 4 HOH 98  298 104 HOH HOH A . 
D 4 HOH 99  299 105 HOH HOH A . 
D 4 HOH 100 300 106 HOH HOH A . 
D 4 HOH 101 301 107 HOH HOH A . 
D 4 HOH 102 302 108 HOH HOH A . 
D 4 HOH 103 303 109 HOH HOH A . 
D 4 HOH 104 304 110 HOH HOH A . 
D 4 HOH 105 305 111 HOH HOH A . 
D 4 HOH 106 306 112 HOH HOH A . 
D 4 HOH 107 307 113 HOH HOH A . 
D 4 HOH 108 308 114 HOH HOH A . 
D 4 HOH 109 309 115 HOH HOH A . 
D 4 HOH 110 310 116 HOH HOH A . 
D 4 HOH 111 311 117 HOH HOH A . 
E 4 HOH 1   201 15  HOH HOH B . 
E 4 HOH 2   202 19  HOH HOH B . 
E 4 HOH 3   203 27  HOH HOH B . 
E 4 HOH 4   204 42  HOH HOH B . 
E 4 HOH 5   205 45  HOH HOH B . 
E 4 HOH 6   206 60  HOH HOH B . 
# 
_pdbx_struct_assembly.id                   1 
_pdbx_struct_assembly.details              author_and_software_defined_assembly 
_pdbx_struct_assembly.method_details       PISA 
_pdbx_struct_assembly.oligomeric_details   dimeric 
_pdbx_struct_assembly.oligomeric_count     2 
# 
_pdbx_struct_assembly_gen.assembly_id       1 
_pdbx_struct_assembly_gen.oper_expression   1 
_pdbx_struct_assembly_gen.asym_id_list      A,B,C,D,E 
# 
loop_
_pdbx_struct_assembly_prop.biol_id 
_pdbx_struct_assembly_prop.type 
_pdbx_struct_assembly_prop.value 
_pdbx_struct_assembly_prop.details 
1 'ABSA (A^2)' 910  ? 
1 MORE         -17  ? 
1 'SSA (A^2)'  5060 ? 
# 
_pdbx_struct_oper_list.id                   1 
_pdbx_struct_oper_list.type                 'identity operation' 
_pdbx_struct_oper_list.name                 1_555 
_pdbx_struct_oper_list.symmetry_operation   x,y,z 
_pdbx_struct_oper_list.matrix[1][1]         1.0000000000 
_pdbx_struct_oper_list.matrix[1][2]         0.0000000000 
_pdbx_struct_oper_list.matrix[1][3]         0.0000000000 
_pdbx_struct_oper_list.vector[1]            0.0000000000 
_pdbx_struct_oper_list.matrix[2][1]         0.0000000000 
_pdbx_struct_oper_list.matrix[2][2]         1.0000000000 
_pdbx_struct_oper_list.matrix[2][3]         0.0000000000 
_pdbx_struct_oper_list.vector[2]            0.0000000000 
_pdbx_struct_oper_list.matrix[3][1]         0.0000000000 
_pdbx_struct_oper_list.matrix[3][2]         0.0000000000 
_pdbx_struct_oper_list.matrix[3][3]         1.0000000000 
_pdbx_struct_oper_list.vector[3]            0.0000000000 
# 
loop_
_pdbx_struct_special_symmetry.id 
_pdbx_struct_special_symmetry.PDB_model_num 
_pdbx_struct_special_symmetry.auth_asym_id 
_pdbx_struct_special_symmetry.auth_comp_id 
_pdbx_struct_special_symmetry.auth_seq_id 
_pdbx_struct_special_symmetry.PDB_ins_code 
_pdbx_struct_special_symmetry.label_asym_id 
_pdbx_struct_special_symmetry.label_comp_id 
_pdbx_struct_special_symmetry.label_seq_id 
1 1 A HOH 201 ? D HOH . 
2 1 A HOH 227 ? D HOH . 
3 1 A HOH 238 ? D HOH . 
# 
loop_
_pdbx_audit_revision_history.ordinal 
_pdbx_audit_revision_history.data_content_type 
_pdbx_audit_revision_history.major_revision 
_pdbx_audit_revision_history.minor_revision 
_pdbx_audit_revision_history.revision_date 
1 'Structure model' 1 0 2013-03-27 
2 'Structure model' 1 1 2023-11-08 
# 
_pdbx_audit_revision_details.ordinal             1 
_pdbx_audit_revision_details.revision_ordinal    1 
_pdbx_audit_revision_details.data_content_type   'Structure model' 
_pdbx_audit_revision_details.provider            repository 
_pdbx_audit_revision_details.type                'Initial release' 
_pdbx_audit_revision_details.description         ? 
_pdbx_audit_revision_details.details             ? 
# 
loop_
_pdbx_audit_revision_group.ordinal 
_pdbx_audit_revision_group.revision_ordinal 
_pdbx_audit_revision_group.data_content_type 
_pdbx_audit_revision_group.group 
1 2 'Structure model' 'Data collection'        
2 2 'Structure model' 'Database references'    
3 2 'Structure model' 'Derived calculations'   
4 2 'Structure model' 'Refinement description' 
# 
loop_
_pdbx_audit_revision_category.ordinal 
_pdbx_audit_revision_category.revision_ordinal 
_pdbx_audit_revision_category.data_content_type 
_pdbx_audit_revision_category.category 
1 2 'Structure model' chem_comp_atom                
2 2 'Structure model' chem_comp_bond                
3 2 'Structure model' database_2                    
4 2 'Structure model' pdbx_initial_refinement_model 
5 2 'Structure model' struct_ref_seq_dif            
6 2 'Structure model' struct_site                   
# 
loop_
_pdbx_audit_revision_item.ordinal 
_pdbx_audit_revision_item.revision_ordinal 
_pdbx_audit_revision_item.data_content_type 
_pdbx_audit_revision_item.item 
1 2 'Structure model' '_database_2.pdbx_DOI'                
2 2 'Structure model' '_database_2.pdbx_database_accession' 
3 2 'Structure model' '_struct_ref_seq_dif.details'         
4 2 'Structure model' '_struct_site.pdbx_auth_asym_id'      
5 2 'Structure model' '_struct_site.pdbx_auth_comp_id'      
6 2 'Structure model' '_struct_site.pdbx_auth_seq_id'       
# 
loop_
_software.name 
_software.classification 
_software.version 
_software.citation_id 
_software.pdbx_ordinal 
HKL-2000  'data collection' .                            ? 1 
MOLREP    phasing           .                            ? 2 
PHENIX    refinement        '(phenix.refine: 1.7.3_928)' ? 3 
HKL-2000  'data reduction'  .                            ? 4 
SCALEPACK 'data scaling'    .                            ? 5 
# 
_pdbx_validate_close_contact.id               1 
_pdbx_validate_close_contact.PDB_model_num    1 
_pdbx_validate_close_contact.auth_atom_id_1   NH2 
_pdbx_validate_close_contact.auth_asym_id_1   A 
_pdbx_validate_close_contact.auth_comp_id_1   ARG 
_pdbx_validate_close_contact.auth_seq_id_1    24 
_pdbx_validate_close_contact.PDB_ins_code_1   ? 
_pdbx_validate_close_contact.label_alt_id_1   ? 
_pdbx_validate_close_contact.auth_atom_id_2   OD1 
_pdbx_validate_close_contact.auth_asym_id_2   A 
_pdbx_validate_close_contact.auth_comp_id_2   ASN 
_pdbx_validate_close_contact.auth_seq_id_2    50 
_pdbx_validate_close_contact.PDB_ins_code_2   ? 
_pdbx_validate_close_contact.label_alt_id_2   ? 
_pdbx_validate_close_contact.dist             2.16 
# 
loop_
_pdbx_validate_torsion.id 
_pdbx_validate_torsion.PDB_model_num 
_pdbx_validate_torsion.auth_comp_id 
_pdbx_validate_torsion.auth_asym_id 
_pdbx_validate_torsion.auth_seq_id 
_pdbx_validate_torsion.PDB_ins_code 
_pdbx_validate_torsion.label_alt_id 
_pdbx_validate_torsion.phi 
_pdbx_validate_torsion.psi 
1 1 ASN A 50 ? ? 80.40   -5.71  
2 1 ARG A 78 ? ? -145.12 -57.15 
# 
loop_
_pdbx_unobs_or_zero_occ_residues.id 
_pdbx_unobs_or_zero_occ_residues.PDB_model_num 
_pdbx_unobs_or_zero_occ_residues.polymer_flag 
_pdbx_unobs_or_zero_occ_residues.occupancy_flag 
_pdbx_unobs_or_zero_occ_residues.auth_asym_id 
_pdbx_unobs_or_zero_occ_residues.auth_comp_id 
_pdbx_unobs_or_zero_occ_residues.auth_seq_id 
_pdbx_unobs_or_zero_occ_residues.PDB_ins_code 
_pdbx_unobs_or_zero_occ_residues.label_asym_id 
_pdbx_unobs_or_zero_occ_residues.label_comp_id 
_pdbx_unobs_or_zero_occ_residues.label_seq_id 
1  1 Y 1 A GLY -6  ? A GLY 1 
2  1 Y 1 A PRO -5  ? A PRO 2 
3  1 Y 1 A LEU -4  ? A LEU 3 
4  1 Y 1 A GLY -3  ? A GLY 4 
5  1 Y 1 A SER -2  ? A SER 5 
6  1 Y 1 A ASP -1  ? A ASP 6 
7  1 Y 1 A HIS 0   ? A HIS 7 
8  1 Y 1 A ASP 1   ? A ASP 8 
9  1 Y 1 A ASP 2   ? A ASP 9 
10 1 Y 1 B TYR 97  ? B TYR 1 
11 1 Y 1 B LYS 98  ? B LYS 2 
12 1 Y 1 B VAL 99  ? B VAL 3 
13 1 Y 1 B ARG 100 ? B ARG 4 
14 1 Y 1 B ASN 101 ? B ASN 5 
# 
loop_
_chem_comp_atom.comp_id 
_chem_comp_atom.atom_id 
_chem_comp_atom.type_symbol 
_chem_comp_atom.pdbx_aromatic_flag 
_chem_comp_atom.pdbx_stereo_config 
_chem_comp_atom.pdbx_ordinal 
ALA N    N N N 1   
ALA CA   C N S 2   
ALA C    C N N 3   
ALA O    O N N 4   
ALA CB   C N N 5   
ALA OXT  O N N 6   
ALA H    H N N 7   
ALA H2   H N N 8   
ALA HA   H N N 9   
ALA HB1  H N N 10  
ALA HB2  H N N 11  
ALA HB3  H N N 12  
ALA HXT  H N N 13  
ARG N    N N N 14  
ARG CA   C N S 15  
ARG C    C N N 16  
ARG O    O N N 17  
ARG CB   C N N 18  
ARG CG   C N N 19  
ARG CD   C N N 20  
ARG NE   N N N 21  
ARG CZ   C N N 22  
ARG NH1  N N N 23  
ARG NH2  N N N 24  
ARG OXT  O N N 25  
ARG H    H N N 26  
ARG H2   H N N 27  
ARG HA   H N N 28  
ARG HB2  H N N 29  
ARG HB3  H N N 30  
ARG HG2  H N N 31  
ARG HG3  H N N 32  
ARG HD2  H N N 33  
ARG HD3  H N N 34  
ARG HE   H N N 35  
ARG HH11 H N N 36  
ARG HH12 H N N 37  
ARG HH21 H N N 38  
ARG HH22 H N N 39  
ARG HXT  H N N 40  
ASN N    N N N 41  
ASN CA   C N S 42  
ASN C    C N N 43  
ASN O    O N N 44  
ASN CB   C N N 45  
ASN CG   C N N 46  
ASN OD1  O N N 47  
ASN ND2  N N N 48  
ASN OXT  O N N 49  
ASN H    H N N 50  
ASN H2   H N N 51  
ASN HA   H N N 52  
ASN HB2  H N N 53  
ASN HB3  H N N 54  
ASN HD21 H N N 55  
ASN HD22 H N N 56  
ASN HXT  H N N 57  
ASP N    N N N 58  
ASP CA   C N S 59  
ASP C    C N N 60  
ASP O    O N N 61  
ASP CB   C N N 62  
ASP CG   C N N 63  
ASP OD1  O N N 64  
ASP OD2  O N N 65  
ASP OXT  O N N 66  
ASP H    H N N 67  
ASP H2   H N N 68  
ASP HA   H N N 69  
ASP HB2  H N N 70  
ASP HB3  H N N 71  
ASP HD2  H N N 72  
ASP HXT  H N N 73  
GLN N    N N N 74  
GLN CA   C N S 75  
GLN C    C N N 76  
GLN O    O N N 77  
GLN CB   C N N 78  
GLN CG   C N N 79  
GLN CD   C N N 80  
GLN OE1  O N N 81  
GLN NE2  N N N 82  
GLN OXT  O N N 83  
GLN H    H N N 84  
GLN H2   H N N 85  
GLN HA   H N N 86  
GLN HB2  H N N 87  
GLN HB3  H N N 88  
GLN HG2  H N N 89  
GLN HG3  H N N 90  
GLN HE21 H N N 91  
GLN HE22 H N N 92  
GLN HXT  H N N 93  
GLU N    N N N 94  
GLU CA   C N S 95  
GLU C    C N N 96  
GLU O    O N N 97  
GLU CB   C N N 98  
GLU CG   C N N 99  
GLU CD   C N N 100 
GLU OE1  O N N 101 
GLU OE2  O N N 102 
GLU OXT  O N N 103 
GLU H    H N N 104 
GLU H2   H N N 105 
GLU HA   H N N 106 
GLU HB2  H N N 107 
GLU HB3  H N N 108 
GLU HG2  H N N 109 
GLU HG3  H N N 110 
GLU HE2  H N N 111 
GLU HXT  H N N 112 
GLY N    N N N 113 
GLY CA   C N N 114 
GLY C    C N N 115 
GLY O    O N N 116 
GLY OXT  O N N 117 
GLY H    H N N 118 
GLY H2   H N N 119 
GLY HA2  H N N 120 
GLY HA3  H N N 121 
GLY HXT  H N N 122 
HIS N    N N N 123 
HIS CA   C N S 124 
HIS C    C N N 125 
HIS O    O N N 126 
HIS CB   C N N 127 
HIS CG   C Y N 128 
HIS ND1  N Y N 129 
HIS CD2  C Y N 130 
HIS CE1  C Y N 131 
HIS NE2  N Y N 132 
HIS OXT  O N N 133 
HIS H    H N N 134 
HIS H2   H N N 135 
HIS HA   H N N 136 
HIS HB2  H N N 137 
HIS HB3  H N N 138 
HIS HD1  H N N 139 
HIS HD2  H N N 140 
HIS HE1  H N N 141 
HIS HE2  H N N 142 
HIS HXT  H N N 143 
HOH O    O N N 144 
HOH H1   H N N 145 
HOH H2   H N N 146 
ILE N    N N N 147 
ILE CA   C N S 148 
ILE C    C N N 149 
ILE O    O N N 150 
ILE CB   C N S 151 
ILE CG1  C N N 152 
ILE CG2  C N N 153 
ILE CD1  C N N 154 
ILE OXT  O N N 155 
ILE H    H N N 156 
ILE H2   H N N 157 
ILE HA   H N N 158 
ILE HB   H N N 159 
ILE HG12 H N N 160 
ILE HG13 H N N 161 
ILE HG21 H N N 162 
ILE HG22 H N N 163 
ILE HG23 H N N 164 
ILE HD11 H N N 165 
ILE HD12 H N N 166 
ILE HD13 H N N 167 
ILE HXT  H N N 168 
LEU N    N N N 169 
LEU CA   C N S 170 
LEU C    C N N 171 
LEU O    O N N 172 
LEU CB   C N N 173 
LEU CG   C N N 174 
LEU CD1  C N N 175 
LEU CD2  C N N 176 
LEU OXT  O N N 177 
LEU H    H N N 178 
LEU H2   H N N 179 
LEU HA   H N N 180 
LEU HB2  H N N 181 
LEU HB3  H N N 182 
LEU HG   H N N 183 
LEU HD11 H N N 184 
LEU HD12 H N N 185 
LEU HD13 H N N 186 
LEU HD21 H N N 187 
LEU HD22 H N N 188 
LEU HD23 H N N 189 
LEU HXT  H N N 190 
LYS N    N N N 191 
LYS CA   C N S 192 
LYS C    C N N 193 
LYS O    O N N 194 
LYS CB   C N N 195 
LYS CG   C N N 196 
LYS CD   C N N 197 
LYS CE   C N N 198 
LYS NZ   N N N 199 
LYS OXT  O N N 200 
LYS H    H N N 201 
LYS H2   H N N 202 
LYS HA   H N N 203 
LYS HB2  H N N 204 
LYS HB3  H N N 205 
LYS HG2  H N N 206 
LYS HG3  H N N 207 
LYS HD2  H N N 208 
LYS HD3  H N N 209 
LYS HE2  H N N 210 
LYS HE3  H N N 211 
LYS HZ1  H N N 212 
LYS HZ2  H N N 213 
LYS HZ3  H N N 214 
LYS HXT  H N N 215 
PHE N    N N N 216 
PHE CA   C N S 217 
PHE C    C N N 218 
PHE O    O N N 219 
PHE CB   C N N 220 
PHE CG   C Y N 221 
PHE CD1  C Y N 222 
PHE CD2  C Y N 223 
PHE CE1  C Y N 224 
PHE CE2  C Y N 225 
PHE CZ   C Y N 226 
PHE OXT  O N N 227 
PHE H    H N N 228 
PHE H2   H N N 229 
PHE HA   H N N 230 
PHE HB2  H N N 231 
PHE HB3  H N N 232 
PHE HD1  H N N 233 
PHE HD2  H N N 234 
PHE HE1  H N N 235 
PHE HE2  H N N 236 
PHE HZ   H N N 237 
PHE HXT  H N N 238 
PRO N    N N N 239 
PRO CA   C N S 240 
PRO C    C N N 241 
PRO O    O N N 242 
PRO CB   C N N 243 
PRO CG   C N N 244 
PRO CD   C N N 245 
PRO OXT  O N N 246 
PRO H    H N N 247 
PRO HA   H N N 248 
PRO HB2  H N N 249 
PRO HB3  H N N 250 
PRO HG2  H N N 251 
PRO HG3  H N N 252 
PRO HD2  H N N 253 
PRO HD3  H N N 254 
PRO HXT  H N N 255 
SER N    N N N 256 
SER CA   C N S 257 
SER C    C N N 258 
SER O    O N N 259 
SER CB   C N N 260 
SER OG   O N N 261 
SER OXT  O N N 262 
SER H    H N N 263 
SER H2   H N N 264 
SER HA   H N N 265 
SER HB2  H N N 266 
SER HB3  H N N 267 
SER HG   H N N 268 
SER HXT  H N N 269 
SO4 S    S N N 270 
SO4 O1   O N N 271 
SO4 O2   O N N 272 
SO4 O3   O N N 273 
SO4 O4   O N N 274 
THR N    N N N 275 
THR CA   C N S 276 
THR C    C N N 277 
THR O    O N N 278 
THR CB   C N R 279 
THR OG1  O N N 280 
THR CG2  C N N 281 
THR OXT  O N N 282 
THR H    H N N 283 
THR H2   H N N 284 
THR HA   H N N 285 
THR HB   H N N 286 
THR HG1  H N N 287 
THR HG21 H N N 288 
THR HG22 H N N 289 
THR HG23 H N N 290 
THR HXT  H N N 291 
TYR N    N N N 292 
TYR CA   C N S 293 
TYR C    C N N 294 
TYR O    O N N 295 
TYR CB   C N N 296 
TYR CG   C Y N 297 
TYR CD1  C Y N 298 
TYR CD2  C Y N 299 
TYR CE1  C Y N 300 
TYR CE2  C Y N 301 
TYR CZ   C Y N 302 
TYR OH   O N N 303 
TYR OXT  O N N 304 
TYR H    H N N 305 
TYR H2   H N N 306 
TYR HA   H N N 307 
TYR HB2  H N N 308 
TYR HB3  H N N 309 
TYR HD1  H N N 310 
TYR HD2  H N N 311 
TYR HE1  H N N 312 
TYR HE2  H N N 313 
TYR HH   H N N 314 
TYR HXT  H N N 315 
VAL N    N N N 316 
VAL CA   C N S 317 
VAL C    C N N 318 
VAL O    O N N 319 
VAL CB   C N N 320 
VAL CG1  C N N 321 
VAL CG2  C N N 322 
VAL OXT  O N N 323 
VAL H    H N N 324 
VAL H2   H N N 325 
VAL HA   H N N 326 
VAL HB   H N N 327 
VAL HG11 H N N 328 
VAL HG12 H N N 329 
VAL HG13 H N N 330 
VAL HG21 H N N 331 
VAL HG22 H N N 332 
VAL HG23 H N N 333 
VAL HXT  H N N 334 
# 
loop_
_chem_comp_bond.comp_id 
_chem_comp_bond.atom_id_1 
_chem_comp_bond.atom_id_2 
_chem_comp_bond.value_order 
_chem_comp_bond.pdbx_aromatic_flag 
_chem_comp_bond.pdbx_stereo_config 
_chem_comp_bond.pdbx_ordinal 
ALA N   CA   sing N N 1   
ALA N   H    sing N N 2   
ALA N   H2   sing N N 3   
ALA CA  C    sing N N 4   
ALA CA  CB   sing N N 5   
ALA CA  HA   sing N N 6   
ALA C   O    doub N N 7   
ALA C   OXT  sing N N 8   
ALA CB  HB1  sing N N 9   
ALA CB  HB2  sing N N 10  
ALA CB  HB3  sing N N 11  
ALA OXT HXT  sing N N 12  
ARG N   CA   sing N N 13  
ARG N   H    sing N N 14  
ARG N   H2   sing N N 15  
ARG CA  C    sing N N 16  
ARG CA  CB   sing N N 17  
ARG CA  HA   sing N N 18  
ARG C   O    doub N N 19  
ARG C   OXT  sing N N 20  
ARG CB  CG   sing N N 21  
ARG CB  HB2  sing N N 22  
ARG CB  HB3  sing N N 23  
ARG CG  CD   sing N N 24  
ARG CG  HG2  sing N N 25  
ARG CG  HG3  sing N N 26  
ARG CD  NE   sing N N 27  
ARG CD  HD2  sing N N 28  
ARG CD  HD3  sing N N 29  
ARG NE  CZ   sing N N 30  
ARG NE  HE   sing N N 31  
ARG CZ  NH1  sing N N 32  
ARG CZ  NH2  doub N N 33  
ARG NH1 HH11 sing N N 34  
ARG NH1 HH12 sing N N 35  
ARG NH2 HH21 sing N N 36  
ARG NH2 HH22 sing N N 37  
ARG OXT HXT  sing N N 38  
ASN N   CA   sing N N 39  
ASN N   H    sing N N 40  
ASN N   H2   sing N N 41  
ASN CA  C    sing N N 42  
ASN CA  CB   sing N N 43  
ASN CA  HA   sing N N 44  
ASN C   O    doub N N 45  
ASN C   OXT  sing N N 46  
ASN CB  CG   sing N N 47  
ASN CB  HB2  sing N N 48  
ASN CB  HB3  sing N N 49  
ASN CG  OD1  doub N N 50  
ASN CG  ND2  sing N N 51  
ASN ND2 HD21 sing N N 52  
ASN ND2 HD22 sing N N 53  
ASN OXT HXT  sing N N 54  
ASP N   CA   sing N N 55  
ASP N   H    sing N N 56  
ASP N   H2   sing N N 57  
ASP CA  C    sing N N 58  
ASP CA  CB   sing N N 59  
ASP CA  HA   sing N N 60  
ASP C   O    doub N N 61  
ASP C   OXT  sing N N 62  
ASP CB  CG   sing N N 63  
ASP CB  HB2  sing N N 64  
ASP CB  HB3  sing N N 65  
ASP CG  OD1  doub N N 66  
ASP CG  OD2  sing N N 67  
ASP OD2 HD2  sing N N 68  
ASP OXT HXT  sing N N 69  
GLN N   CA   sing N N 70  
GLN N   H    sing N N 71  
GLN N   H2   sing N N 72  
GLN CA  C    sing N N 73  
GLN CA  CB   sing N N 74  
GLN CA  HA   sing N N 75  
GLN C   O    doub N N 76  
GLN C   OXT  sing N N 77  
GLN CB  CG   sing N N 78  
GLN CB  HB2  sing N N 79  
GLN CB  HB3  sing N N 80  
GLN CG  CD   sing N N 81  
GLN CG  HG2  sing N N 82  
GLN CG  HG3  sing N N 83  
GLN CD  OE1  doub N N 84  
GLN CD  NE2  sing N N 85  
GLN NE2 HE21 sing N N 86  
GLN NE2 HE22 sing N N 87  
GLN OXT HXT  sing N N 88  
GLU N   CA   sing N N 89  
GLU N   H    sing N N 90  
GLU N   H2   sing N N 91  
GLU CA  C    sing N N 92  
GLU CA  CB   sing N N 93  
GLU CA  HA   sing N N 94  
GLU C   O    doub N N 95  
GLU C   OXT  sing N N 96  
GLU CB  CG   sing N N 97  
GLU CB  HB2  sing N N 98  
GLU CB  HB3  sing N N 99  
GLU CG  CD   sing N N 100 
GLU CG  HG2  sing N N 101 
GLU CG  HG3  sing N N 102 
GLU CD  OE1  doub N N 103 
GLU CD  OE2  sing N N 104 
GLU OE2 HE2  sing N N 105 
GLU OXT HXT  sing N N 106 
GLY N   CA   sing N N 107 
GLY N   H    sing N N 108 
GLY N   H2   sing N N 109 
GLY CA  C    sing N N 110 
GLY CA  HA2  sing N N 111 
GLY CA  HA3  sing N N 112 
GLY C   O    doub N N 113 
GLY C   OXT  sing N N 114 
GLY OXT HXT  sing N N 115 
HIS N   CA   sing N N 116 
HIS N   H    sing N N 117 
HIS N   H2   sing N N 118 
HIS CA  C    sing N N 119 
HIS CA  CB   sing N N 120 
HIS CA  HA   sing N N 121 
HIS C   O    doub N N 122 
HIS C   OXT  sing N N 123 
HIS CB  CG   sing N N 124 
HIS CB  HB2  sing N N 125 
HIS CB  HB3  sing N N 126 
HIS CG  ND1  sing Y N 127 
HIS CG  CD2  doub Y N 128 
HIS ND1 CE1  doub Y N 129 
HIS ND1 HD1  sing N N 130 
HIS CD2 NE2  sing Y N 131 
HIS CD2 HD2  sing N N 132 
HIS CE1 NE2  sing Y N 133 
HIS CE1 HE1  sing N N 134 
HIS NE2 HE2  sing N N 135 
HIS OXT HXT  sing N N 136 
HOH O   H1   sing N N 137 
HOH O   H2   sing N N 138 
ILE N   CA   sing N N 139 
ILE N   H    sing N N 140 
ILE N   H2   sing N N 141 
ILE CA  C    sing N N 142 
ILE CA  CB   sing N N 143 
ILE CA  HA   sing N N 144 
ILE C   O    doub N N 145 
ILE C   OXT  sing N N 146 
ILE CB  CG1  sing N N 147 
ILE CB  CG2  sing N N 148 
ILE CB  HB   sing N N 149 
ILE CG1 CD1  sing N N 150 
ILE CG1 HG12 sing N N 151 
ILE CG1 HG13 sing N N 152 
ILE CG2 HG21 sing N N 153 
ILE CG2 HG22 sing N N 154 
ILE CG2 HG23 sing N N 155 
ILE CD1 HD11 sing N N 156 
ILE CD1 HD12 sing N N 157 
ILE CD1 HD13 sing N N 158 
ILE OXT HXT  sing N N 159 
LEU N   CA   sing N N 160 
LEU N   H    sing N N 161 
LEU N   H2   sing N N 162 
LEU CA  C    sing N N 163 
LEU CA  CB   sing N N 164 
LEU CA  HA   sing N N 165 
LEU C   O    doub N N 166 
LEU C   OXT  sing N N 167 
LEU CB  CG   sing N N 168 
LEU CB  HB2  sing N N 169 
LEU CB  HB3  sing N N 170 
LEU CG  CD1  sing N N 171 
LEU CG  CD2  sing N N 172 
LEU CG  HG   sing N N 173 
LEU CD1 HD11 sing N N 174 
LEU CD1 HD12 sing N N 175 
LEU CD1 HD13 sing N N 176 
LEU CD2 HD21 sing N N 177 
LEU CD2 HD22 sing N N 178 
LEU CD2 HD23 sing N N 179 
LEU OXT HXT  sing N N 180 
LYS N   CA   sing N N 181 
LYS N   H    sing N N 182 
LYS N   H2   sing N N 183 
LYS CA  C    sing N N 184 
LYS CA  CB   sing N N 185 
LYS CA  HA   sing N N 186 
LYS C   O    doub N N 187 
LYS C   OXT  sing N N 188 
LYS CB  CG   sing N N 189 
LYS CB  HB2  sing N N 190 
LYS CB  HB3  sing N N 191 
LYS CG  CD   sing N N 192 
LYS CG  HG2  sing N N 193 
LYS CG  HG3  sing N N 194 
LYS CD  CE   sing N N 195 
LYS CD  HD2  sing N N 196 
LYS CD  HD3  sing N N 197 
LYS CE  NZ   sing N N 198 
LYS CE  HE2  sing N N 199 
LYS CE  HE3  sing N N 200 
LYS NZ  HZ1  sing N N 201 
LYS NZ  HZ2  sing N N 202 
LYS NZ  HZ3  sing N N 203 
LYS OXT HXT  sing N N 204 
PHE N   CA   sing N N 205 
PHE N   H    sing N N 206 
PHE N   H2   sing N N 207 
PHE CA  C    sing N N 208 
PHE CA  CB   sing N N 209 
PHE CA  HA   sing N N 210 
PHE C   O    doub N N 211 
PHE C   OXT  sing N N 212 
PHE CB  CG   sing N N 213 
PHE CB  HB2  sing N N 214 
PHE CB  HB3  sing N N 215 
PHE CG  CD1  doub Y N 216 
PHE CG  CD2  sing Y N 217 
PHE CD1 CE1  sing Y N 218 
PHE CD1 HD1  sing N N 219 
PHE CD2 CE2  doub Y N 220 
PHE CD2 HD2  sing N N 221 
PHE CE1 CZ   doub Y N 222 
PHE CE1 HE1  sing N N 223 
PHE CE2 CZ   sing Y N 224 
PHE CE2 HE2  sing N N 225 
PHE CZ  HZ   sing N N 226 
PHE OXT HXT  sing N N 227 
PRO N   CA   sing N N 228 
PRO N   CD   sing N N 229 
PRO N   H    sing N N 230 
PRO CA  C    sing N N 231 
PRO CA  CB   sing N N 232 
PRO CA  HA   sing N N 233 
PRO C   O    doub N N 234 
PRO C   OXT  sing N N 235 
PRO CB  CG   sing N N 236 
PRO CB  HB2  sing N N 237 
PRO CB  HB3  sing N N 238 
PRO CG  CD   sing N N 239 
PRO CG  HG2  sing N N 240 
PRO CG  HG3  sing N N 241 
PRO CD  HD2  sing N N 242 
PRO CD  HD3  sing N N 243 
PRO OXT HXT  sing N N 244 
SER N   CA   sing N N 245 
SER N   H    sing N N 246 
SER N   H2   sing N N 247 
SER CA  C    sing N N 248 
SER CA  CB   sing N N 249 
SER CA  HA   sing N N 250 
SER C   O    doub N N 251 
SER C   OXT  sing N N 252 
SER CB  OG   sing N N 253 
SER CB  HB2  sing N N 254 
SER CB  HB3  sing N N 255 
SER OG  HG   sing N N 256 
SER OXT HXT  sing N N 257 
SO4 S   O1   doub N N 258 
SO4 S   O2   doub N N 259 
SO4 S   O3   sing N N 260 
SO4 S   O4   sing N N 261 
THR N   CA   sing N N 262 
THR N   H    sing N N 263 
THR N   H2   sing N N 264 
THR CA  C    sing N N 265 
THR CA  CB   sing N N 266 
THR CA  HA   sing N N 267 
THR C   O    doub N N 268 
THR C   OXT  sing N N 269 
THR CB  OG1  sing N N 270 
THR CB  CG2  sing N N 271 
THR CB  HB   sing N N 272 
THR OG1 HG1  sing N N 273 
THR CG2 HG21 sing N N 274 
THR CG2 HG22 sing N N 275 
THR CG2 HG23 sing N N 276 
THR OXT HXT  sing N N 277 
TYR N   CA   sing N N 278 
TYR N   H    sing N N 279 
TYR N   H2   sing N N 280 
TYR CA  C    sing N N 281 
TYR CA  CB   sing N N 282 
TYR CA  HA   sing N N 283 
TYR C   O    doub N N 284 
TYR C   OXT  sing N N 285 
TYR CB  CG   sing N N 286 
TYR CB  HB2  sing N N 287 
TYR CB  HB3  sing N N 288 
TYR CG  CD1  doub Y N 289 
TYR CG  CD2  sing Y N 290 
TYR CD1 CE1  sing Y N 291 
TYR CD1 HD1  sing N N 292 
TYR CD2 CE2  doub Y N 293 
TYR CD2 HD2  sing N N 294 
TYR CE1 CZ   doub Y N 295 
TYR CE1 HE1  sing N N 296 
TYR CE2 CZ   sing Y N 297 
TYR CE2 HE2  sing N N 298 
TYR CZ  OH   sing N N 299 
TYR OH  HH   sing N N 300 
TYR OXT HXT  sing N N 301 
VAL N   CA   sing N N 302 
VAL N   H    sing N N 303 
VAL N   H2   sing N N 304 
VAL CA  C    sing N N 305 
VAL CA  CB   sing N N 306 
VAL CA  HA   sing N N 307 
VAL C   O    doub N N 308 
VAL C   OXT  sing N N 309 
VAL CB  CG1  sing N N 310 
VAL CB  CG2  sing N N 311 
VAL CB  HB   sing N N 312 
VAL CG1 HG11 sing N N 313 
VAL CG1 HG12 sing N N 314 
VAL CG1 HG13 sing N N 315 
VAL CG2 HG21 sing N N 316 
VAL CG2 HG22 sing N N 317 
VAL CG2 HG23 sing N N 318 
VAL OXT HXT  sing N N 319 
# 
loop_
_pdbx_entity_nonpoly.entity_id 
_pdbx_entity_nonpoly.name 
_pdbx_entity_nonpoly.comp_id 
3 'SULFATE ION' SO4 
4 water         HOH 
# 
_pdbx_initial_refinement_model.id               1 
_pdbx_initial_refinement_model.entity_id_list   ? 
_pdbx_initial_refinement_model.type             'experimental model' 
_pdbx_initial_refinement_model.source_name      PDB 
_pdbx_initial_refinement_model.accession_code   2VWR 
_pdbx_initial_refinement_model.details          ? 
# 
